data_7XJV
#
_entry.id   7XJV
#
_cell.length_a   130.849
_cell.length_b   131.189
_cell.length_c   169.552
_cell.angle_alpha   90.000
_cell.angle_beta   90.000
_cell.angle_gamma   90.000
#
_symmetry.space_group_name_H-M   'P 21 21 21'
#
loop_
_entity.id
_entity.type
_entity.pdbx_description
1 polymer 'Alpha-1,3-mannosyltransferase MNT2'
2 non-polymer 'MANGANESE (II) ION'
3 non-polymer "GUANOSINE-5'-DIPHOSPHATE-ALPHA-D-MANNOSE"
4 non-polymer GLYCEROL
5 non-polymer 'SODIUM ION'
6 water water
#
_entity_poly.entity_id   1
_entity_poly.type   'polypeptide(L)'
_entity_poly.pdbx_seq_one_letter_code
;MGSSHHHHHHSSGHSNSLDLVEPVQSSSSGNGGCWSYYEGLTPGWLNDFYDVNQITPNPAKDVIELVTRIKIFFNCLQQV
DGHNIQRLRDIEKKLFPYINFEKLETDESAFWHTTTRWNGEVYHASMLEFDPKNHQFLRSKPINFDTGLSFWENWLHTVT
QSGSKGIVISASDVQLNETIRLLKVLRFIKNDYPIQIVHNADLSQDSMKSIIKYARSLDTAEYPAQELWFLNVHSLLNPK
YSKKFTTYSNKWLALTFSSFEIPILMDSDTVPFVSIKKFYELEEFQKTGVLFFKDRVISDDLFESSELKILREIVYGCIG
LDLEDESKIHEQVEDPVVAQVLENMFIKKYKHHLESGLVILHKGKHLFSMLTSIALQFSPIAEYFHGDKDFFWLGELLSN
NRFTFHPVDASNIGQLGNVVSKESTGEFYQICSVQLSHTDRDGSLLWLNGGLNICKKTSWEYDYEHRQRLNDMFQNADEL
REYYASPVKLEGIIIPDTSISGWINSGECFLFNYCTLFKEGEFGKLIKFKEDEKLRLSQIVDIWNKDI
;
_entity_poly.pdbx_strand_id   A,B,C,D
#
# COMPACT_ATOMS: atom_id res chain seq x y z
N CYS A 34 -4.83 -2.52 -28.05
CA CYS A 34 -4.95 -3.40 -29.25
C CYS A 34 -6.00 -4.48 -28.97
N TRP A 35 -7.19 -4.05 -28.55
CA TRP A 35 -8.36 -4.91 -28.24
C TRP A 35 -8.63 -5.83 -29.42
N SER A 36 -8.37 -5.34 -30.64
CA SER A 36 -8.66 -6.01 -31.93
C SER A 36 -8.11 -7.44 -31.94
N TYR A 37 -6.89 -7.65 -31.40
CA TYR A 37 -6.23 -8.98 -31.36
C TYR A 37 -7.16 -9.97 -30.66
N TYR A 38 -7.61 -9.61 -29.45
CA TYR A 38 -8.40 -10.46 -28.51
C TYR A 38 -9.82 -10.64 -29.07
N GLU A 39 -10.32 -9.66 -29.84
CA GLU A 39 -11.63 -9.73 -30.55
C GLU A 39 -11.49 -10.67 -31.76
N GLY A 40 -10.28 -10.79 -32.32
CA GLY A 40 -9.95 -11.71 -33.43
C GLY A 40 -9.86 -13.17 -32.98
N LEU A 41 -9.54 -13.40 -31.70
CA LEU A 41 -9.44 -14.76 -31.11
C LEU A 41 -10.84 -15.39 -31.05
N THR A 42 -10.91 -16.73 -30.94
CA THR A 42 -12.17 -17.50 -30.77
C THR A 42 -12.90 -17.03 -29.53
N PRO A 43 -14.24 -16.82 -29.56
CA PRO A 43 -14.97 -16.28 -28.41
C PRO A 43 -14.69 -16.97 -27.05
N GLY A 44 -14.47 -18.30 -27.07
CA GLY A 44 -14.25 -19.11 -25.86
C GLY A 44 -12.78 -19.24 -25.47
N TRP A 45 -11.89 -18.45 -26.07
CA TRP A 45 -10.42 -18.53 -25.86
C TRP A 45 -10.11 -18.42 -24.36
N LEU A 46 -9.04 -19.09 -23.93
CA LEU A 46 -8.67 -19.23 -22.49
C LEU A 46 -7.20 -19.65 -22.40
N ASN A 47 -6.43 -19.03 -21.49
CA ASN A 47 -5.11 -19.54 -21.05
C ASN A 47 -5.36 -20.57 -19.94
N ASP A 48 -5.82 -21.75 -20.34
CA ASP A 48 -6.28 -22.82 -19.41
C ASP A 48 -5.08 -23.67 -18.99
N PHE A 49 -5.19 -24.34 -17.84
CA PHE A 49 -4.22 -25.34 -17.34
C PHE A 49 -4.44 -26.63 -18.14
N TYR A 50 -3.41 -27.06 -18.88
CA TYR A 50 -3.43 -28.27 -19.76
C TYR A 50 -3.75 -29.50 -18.91
N ASP A 51 -4.56 -30.39 -19.47
CA ASP A 51 -4.93 -31.72 -18.90
C ASP A 51 -4.63 -32.76 -19.99
N VAL A 52 -4.06 -33.90 -19.62
CA VAL A 52 -3.60 -34.97 -20.56
C VAL A 52 -4.79 -35.46 -21.41
N ASN A 53 -6.00 -35.49 -20.85
CA ASN A 53 -7.25 -35.94 -21.53
C ASN A 53 -7.59 -35.00 -22.69
N GLN A 54 -7.46 -33.68 -22.48
CA GLN A 54 -7.70 -32.63 -23.51
C GLN A 54 -7.02 -33.04 -24.83
N ILE A 55 -7.77 -33.07 -25.92
CA ILE A 55 -7.23 -33.36 -27.29
C ILE A 55 -6.40 -32.14 -27.74
N THR A 56 -5.13 -32.36 -28.06
CA THR A 56 -4.12 -31.32 -28.43
C THR A 56 -3.36 -31.81 -29.65
N PRO A 57 -3.90 -31.63 -30.87
CA PRO A 57 -3.17 -31.98 -32.09
C PRO A 57 -1.96 -31.09 -32.38
N ASN A 58 -2.03 -29.82 -31.96
CA ASN A 58 -0.98 -28.78 -32.21
C ASN A 58 -0.49 -28.23 -30.88
N PRO A 59 0.36 -28.96 -30.14
CA PRO A 59 0.89 -28.47 -28.86
C PRO A 59 1.78 -27.23 -29.02
N ALA A 60 2.68 -27.22 -30.02
CA ALA A 60 3.62 -26.10 -30.30
C ALA A 60 2.84 -24.79 -30.47
N LYS A 61 1.76 -24.81 -31.27
CA LYS A 61 0.94 -23.61 -31.58
C LYS A 61 0.18 -23.16 -30.32
N ASP A 62 -0.33 -24.12 -29.53
CA ASP A 62 -1.06 -23.85 -28.26
C ASP A 62 -0.16 -23.09 -27.29
N VAL A 63 1.10 -23.52 -27.14
CA VAL A 63 2.11 -22.88 -26.25
C VAL A 63 2.40 -21.46 -26.78
N ILE A 64 2.62 -21.33 -28.09
CA ILE A 64 2.93 -20.04 -28.76
C ILE A 64 1.77 -19.05 -28.48
N GLU A 65 0.53 -19.52 -28.53
CA GLU A 65 -0.67 -18.68 -28.23
C GLU A 65 -0.61 -18.20 -26.77
N LEU A 66 -0.42 -19.11 -25.81
CA LEU A 66 -0.33 -18.77 -24.36
C LEU A 66 0.69 -17.65 -24.15
N VAL A 67 1.88 -17.79 -24.74
CA VAL A 67 3.02 -16.84 -24.59
C VAL A 67 2.66 -15.51 -25.25
N THR A 68 2.13 -15.56 -26.49
CA THR A 68 1.81 -14.38 -27.33
C THR A 68 0.71 -13.55 -26.67
N ARG A 69 -0.37 -14.18 -26.23
CA ARG A 69 -1.54 -13.51 -25.59
C ARG A 69 -1.06 -12.69 -24.38
N ILE A 70 -0.10 -13.21 -23.61
CA ILE A 70 0.50 -12.53 -22.42
C ILE A 70 1.43 -11.41 -22.89
N LYS A 71 2.21 -11.62 -23.95
CA LYS A 71 3.13 -10.61 -24.54
C LYS A 71 2.32 -9.41 -25.03
N ILE A 72 1.28 -9.66 -25.84
CA ILE A 72 0.39 -8.62 -26.44
C ILE A 72 -0.21 -7.78 -25.32
N PHE A 73 -0.69 -8.43 -24.25
CA PHE A 73 -1.36 -7.80 -23.08
C PHE A 73 -0.47 -6.73 -22.46
N PHE A 74 0.76 -7.09 -22.09
CA PHE A 74 1.71 -6.21 -21.35
C PHE A 74 2.34 -5.18 -22.30
N ASN A 75 2.21 -5.38 -23.61
CA ASN A 75 2.66 -4.41 -24.65
C ASN A 75 1.54 -3.38 -24.90
N CYS A 76 0.27 -3.81 -24.92
CA CYS A 76 -0.90 -2.93 -25.18
C CYS A 76 -1.23 -2.11 -23.91
N LEU A 77 -0.75 -2.52 -22.73
CA LEU A 77 -0.87 -1.73 -21.47
C LEU A 77 0.04 -0.50 -21.53
N GLN A 78 1.12 -0.52 -22.33
CA GLN A 78 2.01 0.64 -22.59
C GLN A 78 1.26 1.70 -23.42
N GLN A 79 0.33 1.26 -24.27
CA GLN A 79 -0.51 2.14 -25.14
C GLN A 79 -1.69 2.69 -24.32
N ASN A 84 -13.92 1.13 -20.76
CA ASN A 84 -13.35 -0.15 -21.25
C ASN A 84 -12.56 -0.85 -20.14
N ILE A 85 -12.76 -0.48 -18.87
CA ILE A 85 -12.27 -1.20 -17.66
C ILE A 85 -12.78 -2.66 -17.68
N GLN A 86 -14.06 -2.85 -18.02
CA GLN A 86 -14.74 -4.18 -17.99
C GLN A 86 -14.20 -5.06 -19.11
N ARG A 87 -13.78 -4.48 -20.24
CA ARG A 87 -13.15 -5.20 -21.38
C ARG A 87 -11.80 -5.77 -20.92
N LEU A 88 -10.97 -4.94 -20.27
CA LEU A 88 -9.63 -5.33 -19.72
C LEU A 88 -9.81 -6.54 -18.79
N ARG A 89 -10.73 -6.44 -17.84
CA ARG A 89 -11.02 -7.48 -16.83
C ARG A 89 -11.45 -8.79 -17.52
N ASP A 90 -12.19 -8.70 -18.63
CA ASP A 90 -12.65 -9.87 -19.42
C ASP A 90 -11.45 -10.58 -20.06
N ILE A 91 -10.43 -9.83 -20.48
CA ILE A 91 -9.15 -10.38 -21.04
C ILE A 91 -8.37 -11.03 -19.89
N GLU A 92 -8.27 -10.34 -18.75
CA GLU A 92 -7.57 -10.82 -17.52
C GLU A 92 -8.16 -12.15 -17.07
N LYS A 93 -9.50 -12.29 -17.12
CA LYS A 93 -10.24 -13.51 -16.69
C LYS A 93 -9.93 -14.69 -17.61
N LYS A 94 -9.54 -14.42 -18.86
CA LYS A 94 -9.22 -15.44 -19.89
C LYS A 94 -7.71 -15.67 -19.95
N LEU A 95 -6.91 -14.66 -19.59
CA LEU A 95 -5.42 -14.76 -19.54
C LEU A 95 -4.98 -15.45 -18.24
N PHE A 96 -5.62 -15.12 -17.11
CA PHE A 96 -5.21 -15.52 -15.74
C PHE A 96 -6.40 -16.08 -14.97
N PRO A 97 -7.03 -17.17 -15.48
CA PRO A 97 -8.25 -17.70 -14.87
C PRO A 97 -8.04 -18.22 -13.44
N TYR A 98 -6.78 -18.48 -13.07
CA TYR A 98 -6.39 -18.99 -11.73
C TYR A 98 -6.59 -17.90 -10.67
N ILE A 99 -6.69 -16.63 -11.08
CA ILE A 99 -7.02 -15.48 -10.18
C ILE A 99 -8.55 -15.48 -9.98
N ASN A 100 -9.00 -15.31 -8.73
CA ASN A 100 -10.43 -15.28 -8.33
C ASN A 100 -10.97 -13.87 -8.52
N PHE A 101 -11.12 -13.43 -9.77
CA PHE A 101 -11.60 -12.07 -10.14
C PHE A 101 -13.04 -11.87 -9.65
N GLU A 102 -13.83 -12.95 -9.59
CA GLU A 102 -15.24 -12.95 -9.12
C GLU A 102 -15.28 -12.41 -7.68
N LYS A 103 -14.40 -12.89 -6.81
CA LYS A 103 -14.32 -12.49 -5.38
C LYS A 103 -13.75 -11.07 -5.26
N LEU A 104 -12.82 -10.68 -6.16
CA LEU A 104 -12.25 -9.30 -6.19
C LEU A 104 -13.38 -8.30 -6.46
N GLU A 105 -14.29 -8.65 -7.38
CA GLU A 105 -15.44 -7.80 -7.83
C GLU A 105 -16.53 -7.79 -6.76
N THR A 106 -16.77 -8.94 -6.10
CA THR A 106 -17.83 -9.15 -5.08
C THR A 106 -17.21 -9.62 -3.76
N ASP A 107 -17.20 -8.76 -2.74
CA ASP A 107 -16.62 -9.06 -1.39
C ASP A 107 -15.09 -9.01 -1.51
N GLU A 108 -14.56 -7.87 -1.93
CA GLU A 108 -13.12 -7.60 -2.17
C GLU A 108 -12.29 -8.03 -0.95
N SER A 109 -12.78 -7.80 0.26
CA SER A 109 -12.09 -8.11 1.54
C SER A 109 -11.86 -9.62 1.70
N ALA A 110 -12.75 -10.45 1.14
CA ALA A 110 -12.66 -11.93 1.17
C ALA A 110 -11.62 -12.41 0.15
N PHE A 111 -11.44 -11.69 -0.96
CA PHE A 111 -10.50 -12.00 -2.07
C PHE A 111 -9.06 -11.85 -1.60
N TRP A 112 -8.72 -10.67 -1.06
CA TRP A 112 -7.32 -10.30 -0.71
C TRP A 112 -6.71 -11.37 0.23
N HIS A 113 -5.41 -11.61 0.05
CA HIS A 113 -4.57 -12.52 0.88
C HIS A 113 -4.45 -11.95 2.30
N THR A 114 -4.07 -12.80 3.26
CA THR A 114 -3.85 -12.45 4.68
C THR A 114 -2.42 -12.80 5.07
N THR A 115 -1.63 -11.80 5.50
CA THR A 115 -0.28 -11.99 6.10
C THR A 115 -0.44 -12.04 7.61
N THR A 116 0.37 -12.86 8.28
CA THR A 116 0.41 -13.04 9.76
C THR A 116 1.85 -12.92 10.24
N ARG A 117 2.13 -11.96 11.12
CA ARG A 117 3.48 -11.69 11.67
C ARG A 117 3.75 -12.68 12.82
N TRP A 118 5.02 -12.92 13.13
CA TRP A 118 5.50 -13.83 14.21
C TRP A 118 4.85 -13.46 15.55
N ASN A 119 4.66 -12.16 15.82
CA ASN A 119 4.11 -11.63 17.08
C ASN A 119 2.64 -12.05 17.24
N GLY A 120 1.98 -12.44 16.15
CA GLY A 120 0.59 -12.96 16.14
C GLY A 120 -0.39 -12.00 15.48
N GLU A 121 0.05 -10.77 15.20
CA GLU A 121 -0.75 -9.73 14.50
C GLU A 121 -1.14 -10.23 13.10
N VAL A 122 -2.37 -9.92 12.67
CA VAL A 122 -2.96 -10.38 11.38
C VAL A 122 -3.30 -9.13 10.55
N TYR A 123 -2.99 -9.15 9.25
CA TYR A 123 -3.19 -8.02 8.30
C TYR A 123 -4.01 -8.49 7.09
N HIS A 124 -5.21 -7.94 6.92
CA HIS A 124 -6.12 -8.18 5.77
C HIS A 124 -5.97 -7.03 4.76
N ALA A 125 -6.06 -7.33 3.46
CA ALA A 125 -6.01 -6.36 2.35
C ALA A 125 -5.02 -5.23 2.65
N SER A 126 -3.78 -5.59 3.04
CA SER A 126 -2.73 -4.65 3.51
C SER A 126 -1.43 -4.88 2.73
N MET A 127 -0.65 -3.81 2.54
CA MET A 127 0.69 -3.81 1.89
C MET A 127 1.76 -3.64 2.96
N LEU A 128 2.61 -4.67 3.16
CA LEU A 128 3.71 -4.66 4.14
C LEU A 128 4.85 -3.78 3.60
N GLU A 129 5.35 -2.83 4.41
CA GLU A 129 6.50 -1.96 4.09
C GLU A 129 7.67 -2.32 5.01
N PHE A 130 8.89 -2.36 4.47
CA PHE A 130 10.15 -2.67 5.19
C PHE A 130 11.19 -1.59 4.88
N ASP A 131 12.13 -1.40 5.79
CA ASP A 131 13.26 -0.44 5.64
C ASP A 131 14.29 -1.07 4.72
N PRO A 132 14.56 -0.49 3.53
CA PRO A 132 15.56 -1.03 2.61
C PRO A 132 16.98 -1.23 3.19
N LYS A 133 17.36 -0.46 4.21
CA LYS A 133 18.75 -0.40 4.75
C LYS A 133 18.93 -1.46 5.86
N ASN A 134 18.02 -1.51 6.83
CA ASN A 134 18.12 -2.41 8.02
C ASN A 134 17.21 -3.63 7.83
N HIS A 135 16.30 -3.60 6.85
CA HIS A 135 15.41 -4.72 6.42
C HIS A 135 14.29 -4.96 7.45
N GLN A 136 14.17 -4.12 8.48
CA GLN A 136 13.18 -4.29 9.57
C GLN A 136 11.81 -3.77 9.12
N PHE A 137 10.74 -4.35 9.65
CA PHE A 137 9.32 -4.01 9.34
C PHE A 137 9.04 -2.57 9.81
N LEU A 138 8.32 -1.79 9.00
CA LEU A 138 7.93 -0.39 9.30
C LEU A 138 6.43 -0.33 9.58
N ARG A 139 5.60 -0.50 8.54
CA ARG A 139 4.15 -0.20 8.58
C ARG A 139 3.40 -1.20 7.69
N SER A 140 2.06 -1.15 7.72
CA SER A 140 1.17 -1.93 6.82
C SER A 140 0.02 -1.04 6.34
N LYS A 141 0.28 -0.19 5.33
CA LYS A 141 -0.73 0.67 4.67
C LYS A 141 -1.76 -0.22 3.98
N PRO A 142 -3.06 0.14 4.00
CA PRO A 142 -4.10 -0.69 3.37
C PRO A 142 -4.04 -0.63 1.84
N ILE A 143 -4.51 -1.68 1.18
CA ILE A 143 -4.50 -1.83 -0.31
C ILE A 143 -5.67 -1.00 -0.88
N ASN A 144 -5.36 0.03 -1.66
CA ASN A 144 -6.34 0.87 -2.40
C ASN A 144 -6.27 0.49 -3.88
N PHE A 145 -7.07 -0.49 -4.30
CA PHE A 145 -7.10 -1.04 -5.68
C PHE A 145 -7.55 0.06 -6.63
N ASP A 146 -6.61 0.59 -7.43
CA ASP A 146 -6.87 1.59 -8.51
C ASP A 146 -7.54 0.87 -9.68
N THR A 147 -8.84 1.12 -9.90
CA THR A 147 -9.67 0.53 -10.98
C THR A 147 -9.13 0.97 -12.35
N GLY A 148 -8.43 2.11 -12.41
CA GLY A 148 -7.81 2.65 -13.63
C GLY A 148 -6.60 1.85 -14.09
N LEU A 149 -5.97 1.09 -13.18
CA LEU A 149 -4.78 0.23 -13.45
C LEU A 149 -5.24 -1.23 -13.60
N SER A 150 -4.43 -2.05 -14.29
CA SER A 150 -4.61 -3.52 -14.44
C SER A 150 -4.36 -4.20 -13.09
N PHE A 151 -4.83 -5.45 -12.93
CA PHE A 151 -4.68 -6.25 -11.68
C PHE A 151 -3.20 -6.38 -11.32
N TRP A 152 -2.35 -6.72 -12.30
CA TRP A 152 -0.89 -6.98 -12.09
C TRP A 152 -0.14 -5.67 -11.88
N GLU A 153 -0.60 -4.58 -12.50
CA GLU A 153 -0.09 -3.21 -12.24
C GLU A 153 -0.44 -2.83 -10.80
N ASN A 154 -1.67 -3.12 -10.38
CA ASN A 154 -2.13 -2.94 -8.98
C ASN A 154 -1.21 -3.73 -8.04
N TRP A 155 -0.89 -4.99 -8.41
CA TRP A 155 -0.09 -5.91 -7.57
C TRP A 155 1.30 -5.32 -7.30
N LEU A 156 1.89 -4.61 -8.28
CA LEU A 156 3.28 -4.07 -8.18
C LEU A 156 3.28 -2.72 -7.47
N HIS A 157 2.20 -1.94 -7.56
CA HIS A 157 2.16 -0.51 -7.14
C HIS A 157 1.35 -0.31 -5.86
N THR A 158 0.16 -0.93 -5.75
CA THR A 158 -0.78 -0.74 -4.62
C THR A 158 -0.63 -1.86 -3.57
N VAL A 159 -0.27 -3.07 -3.98
CA VAL A 159 -0.20 -4.28 -3.10
C VAL A 159 1.22 -4.49 -2.57
N THR A 160 2.24 -4.15 -3.36
CA THR A 160 3.67 -4.48 -3.07
C THR A 160 4.48 -3.20 -2.93
N GLN A 161 5.40 -3.18 -1.95
CA GLN A 161 6.35 -2.06 -1.70
C GLN A 161 7.50 -2.17 -2.70
N SER A 162 7.76 -1.12 -3.47
CA SER A 162 8.91 -1.02 -4.41
C SER A 162 10.22 -1.25 -3.64
N GLY A 163 11.09 -2.11 -4.17
CA GLY A 163 12.47 -2.33 -3.67
C GLY A 163 12.53 -3.25 -2.47
N SER A 164 11.39 -3.76 -1.98
CA SER A 164 11.31 -4.65 -0.79
C SER A 164 11.97 -6.00 -1.11
N LYS A 165 12.96 -6.38 -0.31
CA LYS A 165 13.71 -7.66 -0.41
C LYS A 165 13.35 -8.55 0.79
N GLY A 166 13.25 -9.86 0.58
CA GLY A 166 12.93 -10.83 1.64
C GLY A 166 13.06 -12.27 1.17
N ILE A 167 13.36 -13.18 2.11
CA ILE A 167 13.45 -14.65 1.87
C ILE A 167 12.03 -15.19 1.77
N VAL A 168 11.75 -16.01 0.76
CA VAL A 168 10.41 -16.65 0.52
C VAL A 168 10.60 -18.16 0.48
N ILE A 169 9.73 -18.89 1.18
CA ILE A 169 9.71 -20.39 1.23
C ILE A 169 8.27 -20.85 0.96
N SER A 170 8.10 -21.75 -0.01
CA SER A 170 6.82 -22.49 -0.24
C SER A 170 6.83 -23.72 0.69
N ALA A 171 5.84 -23.80 1.59
CA ALA A 171 5.75 -24.84 2.64
C ALA A 171 4.29 -25.24 2.88
N SER A 172 4.03 -26.54 2.89
CA SER A 172 2.85 -27.19 3.51
C SER A 172 3.30 -27.77 4.86
N ASP A 173 2.44 -28.52 5.55
CA ASP A 173 2.79 -29.22 6.82
C ASP A 173 3.93 -30.21 6.55
N VAL A 174 3.98 -30.79 5.35
CA VAL A 174 5.03 -31.75 4.91
C VAL A 174 6.42 -31.12 5.07
N GLN A 175 6.55 -29.82 4.78
CA GLN A 175 7.86 -29.11 4.72
C GLN A 175 8.24 -28.50 6.08
N LEU A 176 7.45 -28.77 7.14
CA LEU A 176 7.64 -28.19 8.50
C LEU A 176 9.09 -28.36 8.95
N ASN A 177 9.55 -29.60 9.11
CA ASN A 177 10.89 -29.93 9.68
C ASN A 177 11.99 -29.23 8.88
N GLU A 178 12.00 -29.39 7.56
CA GLU A 178 13.03 -28.81 6.64
C GLU A 178 13.06 -27.28 6.83
N THR A 179 11.90 -26.64 6.95
CA THR A 179 11.75 -25.17 7.14
C THR A 179 12.37 -24.75 8.48
N ILE A 180 12.14 -25.52 9.55
CA ILE A 180 12.71 -25.28 10.91
C ILE A 180 14.23 -25.24 10.79
N ARG A 181 14.80 -26.25 10.11
CA ARG A 181 16.26 -26.46 10.00
C ARG A 181 16.89 -25.31 9.20
N LEU A 182 16.18 -24.80 8.20
CA LEU A 182 16.62 -23.62 7.40
C LEU A 182 16.66 -22.38 8.31
N LEU A 183 15.59 -22.16 9.08
CA LEU A 183 15.49 -21.02 10.05
C LEU A 183 16.71 -21.04 10.98
N LYS A 184 17.01 -22.19 11.59
CA LYS A 184 18.14 -22.36 12.54
C LYS A 184 19.44 -21.88 11.87
N VAL A 185 19.67 -22.27 10.61
CA VAL A 185 20.91 -21.90 9.84
C VAL A 185 20.89 -20.39 9.58
N LEU A 186 19.74 -19.83 9.20
CA LEU A 186 19.59 -18.37 8.94
C LEU A 186 19.95 -17.59 10.22
N ARG A 187 19.49 -18.08 11.38
CA ARG A 187 19.78 -17.48 12.71
C ARG A 187 21.28 -17.63 13.02
N PHE A 188 21.85 -18.81 12.77
CA PHE A 188 23.28 -19.11 13.04
C PHE A 188 24.18 -18.14 12.25
N ILE A 189 23.81 -17.79 11.01
CA ILE A 189 24.61 -16.87 10.14
C ILE A 189 24.13 -15.43 10.33
N LYS A 190 23.21 -15.19 11.27
CA LYS A 190 22.78 -13.84 11.73
C LYS A 190 22.08 -13.11 10.59
N ASN A 191 21.08 -13.75 9.99
CA ASN A 191 20.25 -13.15 8.90
C ASN A 191 19.44 -11.99 9.47
N ASP A 192 19.41 -10.86 8.77
CA ASP A 192 18.63 -9.63 9.11
C ASP A 192 17.45 -9.47 8.15
N TYR A 193 17.46 -10.15 7.00
CA TYR A 193 16.38 -10.05 5.97
C TYR A 193 15.12 -10.72 6.50
N PRO A 194 13.92 -10.17 6.22
CA PRO A 194 12.67 -10.81 6.64
C PRO A 194 12.47 -12.12 5.90
N ILE A 195 11.72 -13.05 6.51
CA ILE A 195 11.35 -14.38 5.94
C ILE A 195 9.84 -14.43 5.86
N GLN A 196 9.29 -14.88 4.74
CA GLN A 196 7.83 -15.11 4.55
C GLN A 196 7.63 -16.57 4.11
N ILE A 197 6.85 -17.32 4.88
CA ILE A 197 6.45 -18.72 4.55
C ILE A 197 5.08 -18.66 3.90
N VAL A 198 5.01 -18.94 2.59
CA VAL A 198 3.75 -18.88 1.78
C VAL A 198 3.16 -20.29 1.73
N HIS A 199 1.86 -20.41 1.97
CA HIS A 199 1.08 -21.67 1.94
C HIS A 199 -0.28 -21.39 1.28
N ASN A 200 -0.97 -22.44 0.84
CA ASN A 200 -2.30 -22.38 0.17
C ASN A 200 -3.34 -23.03 1.10
N ALA A 201 -3.48 -22.49 2.31
CA ALA A 201 -4.37 -22.99 3.38
C ALA A 201 -4.08 -24.47 3.66
N ASP A 202 -2.79 -24.84 3.69
CA ASP A 202 -2.32 -26.24 3.95
C ASP A 202 -1.14 -26.20 4.92
N LEU A 203 -1.08 -25.16 5.78
CA LEU A 203 -0.11 -25.07 6.91
C LEU A 203 -0.92 -24.86 8.20
N SER A 204 -0.81 -25.82 9.13
CA SER A 204 -1.60 -25.88 10.39
C SER A 204 -1.11 -24.80 11.37
N GLN A 205 -1.97 -24.45 12.34
CA GLN A 205 -1.64 -23.48 13.42
C GLN A 205 -0.49 -24.05 14.26
N ASP A 206 -0.49 -25.36 14.52
CA ASP A 206 0.58 -26.09 15.24
C ASP A 206 1.93 -25.84 14.56
N SER A 207 1.97 -26.02 13.23
CA SER A 207 3.19 -25.85 12.39
C SER A 207 3.70 -24.41 12.50
N MET A 208 2.80 -23.42 12.35
CA MET A 208 3.13 -21.97 12.42
C MET A 208 3.70 -21.65 13.80
N LYS A 209 3.05 -22.14 14.87
CA LYS A 209 3.48 -21.95 16.28
C LYS A 209 4.91 -22.47 16.46
N SER A 210 5.18 -23.68 15.97
CA SER A 210 6.50 -24.36 16.05
C SER A 210 7.56 -23.56 15.27
N ILE A 211 7.21 -23.04 14.09
CA ILE A 211 8.09 -22.20 13.23
C ILE A 211 8.43 -20.92 14.00
N ILE A 212 7.43 -20.24 14.56
CA ILE A 212 7.59 -18.96 15.33
C ILE A 212 8.52 -19.21 16.53
N LYS A 213 8.36 -20.35 17.20
CA LYS A 213 9.19 -20.77 18.37
C LYS A 213 10.66 -20.75 17.97
N TYR A 214 11.05 -21.54 16.95
CA TYR A 214 12.44 -21.70 16.48
C TYR A 214 12.95 -20.42 15.81
N ALA A 215 12.04 -19.56 15.34
CA ALA A 215 12.33 -18.27 14.69
C ALA A 215 12.70 -17.20 15.73
N ARG A 216 12.04 -17.21 16.91
CA ARG A 216 12.08 -16.10 17.90
C ARG A 216 12.84 -16.49 19.17
N SER A 217 12.64 -17.69 19.72
CA SER A 217 13.18 -18.15 21.02
C SER A 217 14.70 -17.94 21.10
N LEU A 218 15.21 -17.66 22.31
CA LEU A 218 16.65 -17.50 22.64
C LEU A 218 17.27 -16.40 21.77
N ASP A 219 16.63 -15.24 21.68
CA ASP A 219 17.09 -14.06 20.89
C ASP A 219 18.41 -13.56 21.49
N THR A 220 19.46 -13.42 20.66
CA THR A 220 20.82 -12.93 21.04
C THR A 220 21.49 -12.33 19.80
N ALA A 221 22.61 -11.63 19.98
CA ALA A 221 23.41 -11.00 18.90
C ALA A 221 24.04 -12.08 18.01
N GLU A 222 24.35 -13.26 18.57
CA GLU A 222 25.02 -14.38 17.86
C GLU A 222 23.96 -15.25 17.16
N TYR A 223 22.74 -15.30 17.69
CA TYR A 223 21.60 -16.13 17.20
C TYR A 223 20.34 -15.27 17.20
N PRO A 224 20.30 -14.18 16.39
CA PRO A 224 19.18 -13.24 16.40
C PRO A 224 17.85 -13.83 15.91
N ALA A 225 16.74 -13.37 16.49
CA ALA A 225 15.37 -13.74 16.08
C ALA A 225 15.13 -13.22 14.66
N GLN A 226 14.29 -13.92 13.89
CA GLN A 226 14.01 -13.64 12.46
C GLN A 226 12.66 -12.92 12.34
N GLU A 227 12.62 -11.88 11.51
CA GLU A 227 11.36 -11.16 11.14
C GLU A 227 10.55 -12.09 10.22
N LEU A 228 9.91 -13.11 10.80
CA LEU A 228 9.18 -14.16 10.04
C LEU A 228 7.74 -13.71 9.82
N TRP A 229 7.17 -14.01 8.65
CA TRP A 229 5.75 -13.78 8.29
C TRP A 229 5.17 -15.07 7.70
N PHE A 230 3.85 -15.20 7.74
CA PHE A 230 3.07 -16.25 7.03
C PHE A 230 2.14 -15.56 6.03
N LEU A 231 1.88 -16.20 4.89
CA LEU A 231 1.02 -15.67 3.81
C LEU A 231 0.14 -16.81 3.28
N ASN A 232 -1.18 -16.63 3.33
CA ASN A 232 -2.18 -17.55 2.74
C ASN A 232 -2.72 -16.91 1.45
N VAL A 233 -2.56 -17.59 0.32
CA VAL A 233 -2.93 -17.08 -1.03
C VAL A 233 -4.29 -17.67 -1.45
N HIS A 234 -4.84 -18.60 -0.67
CA HIS A 234 -6.03 -19.42 -1.02
C HIS A 234 -7.18 -18.53 -1.49
N SER A 235 -7.38 -17.37 -0.84
CA SER A 235 -8.43 -16.38 -1.16
C SER A 235 -8.25 -15.83 -2.58
N LEU A 236 -7.01 -15.59 -3.01
CA LEU A 236 -6.66 -14.99 -4.33
C LEU A 236 -6.99 -15.98 -5.45
N LEU A 237 -6.84 -17.28 -5.19
CA LEU A 237 -6.97 -18.35 -6.21
C LEU A 237 -8.44 -18.73 -6.41
N ASN A 238 -8.87 -18.82 -7.66
CA ASN A 238 -10.24 -19.26 -8.05
C ASN A 238 -10.35 -20.75 -7.75
N PRO A 239 -11.38 -21.19 -6.99
CA PRO A 239 -11.49 -22.58 -6.52
C PRO A 239 -11.21 -23.71 -7.55
N LYS A 240 -11.47 -23.46 -8.85
CA LYS A 240 -11.22 -24.45 -9.92
C LYS A 240 -9.71 -24.75 -10.01
N TYR A 241 -8.88 -23.69 -10.03
CA TYR A 241 -7.42 -23.76 -10.25
C TYR A 241 -6.65 -23.86 -8.91
N SER A 242 -7.29 -23.57 -7.78
CA SER A 242 -6.67 -23.48 -6.44
C SER A 242 -5.97 -24.80 -6.07
N LYS A 243 -6.52 -25.93 -6.55
CA LYS A 243 -6.04 -27.30 -6.23
C LYS A 243 -5.05 -27.79 -7.30
N LYS A 244 -4.98 -27.12 -8.45
CA LYS A 244 -4.13 -27.53 -9.61
C LYS A 244 -2.66 -27.21 -9.33
N PHE A 245 -2.37 -26.17 -8.52
CA PHE A 245 -1.00 -25.84 -8.06
C PHE A 245 -0.59 -26.89 -7.02
N THR A 246 0.22 -27.86 -7.45
CA THR A 246 0.59 -29.06 -6.66
C THR A 246 2.11 -29.24 -6.66
N THR A 247 2.66 -29.75 -5.55
CA THR A 247 4.10 -30.00 -5.31
C THR A 247 4.90 -28.74 -5.64
N TYR A 248 5.72 -28.79 -6.69
CA TYR A 248 6.71 -27.74 -7.05
C TYR A 248 6.00 -26.50 -7.57
N SER A 249 4.81 -26.67 -8.15
CA SER A 249 3.95 -25.57 -8.69
C SER A 249 3.65 -24.55 -7.59
N ASN A 250 3.60 -24.98 -6.32
CA ASN A 250 3.33 -24.11 -5.14
C ASN A 250 4.37 -22.97 -5.11
N LYS A 251 5.58 -23.23 -5.60
CA LYS A 251 6.69 -22.23 -5.61
C LYS A 251 6.30 -21.00 -6.45
N TRP A 252 5.43 -21.18 -7.46
CA TRP A 252 4.91 -20.04 -8.28
C TRP A 252 4.01 -19.16 -7.41
N LEU A 253 3.17 -19.77 -6.57
CA LEU A 253 2.28 -19.05 -5.61
C LEU A 253 3.17 -18.29 -4.61
N ALA A 254 4.17 -18.96 -4.06
CA ALA A 254 5.14 -18.39 -3.08
C ALA A 254 5.82 -17.17 -3.70
N LEU A 255 6.41 -17.34 -4.88
CA LEU A 255 7.20 -16.29 -5.57
C LEU A 255 6.30 -15.13 -5.98
N THR A 256 5.23 -15.41 -6.73
CA THR A 256 4.33 -14.41 -7.36
C THR A 256 3.70 -13.52 -6.27
N PHE A 257 3.11 -14.13 -5.25
CA PHE A 257 2.21 -13.43 -4.29
C PHE A 257 2.97 -12.97 -3.03
N SER A 258 4.25 -13.32 -2.88
CA SER A 258 5.10 -12.88 -1.75
C SER A 258 5.01 -11.36 -1.61
N SER A 259 5.16 -10.85 -0.37
CA SER A 259 5.01 -9.43 0.00
C SER A 259 6.23 -8.60 -0.43
N PHE A 260 7.25 -9.22 -1.01
CA PHE A 260 8.49 -8.55 -1.48
C PHE A 260 8.43 -8.39 -3.00
N GLU A 261 8.90 -7.25 -3.51
CA GLU A 261 9.03 -6.99 -4.97
C GLU A 261 10.20 -7.82 -5.51
N ILE A 262 11.26 -7.98 -4.71
CA ILE A 262 12.53 -8.65 -5.09
C ILE A 262 12.77 -9.82 -4.15
N PRO A 263 11.91 -10.86 -4.16
CA PRO A 263 12.06 -12.00 -3.27
C PRO A 263 13.29 -12.85 -3.64
N ILE A 264 13.93 -13.47 -2.64
CA ILE A 264 14.92 -14.56 -2.82
C ILE A 264 14.23 -15.86 -2.39
N LEU A 265 13.70 -16.61 -3.36
CA LEU A 265 12.98 -17.89 -3.13
C LEU A 265 14.00 -18.97 -2.76
N MET A 266 13.68 -19.76 -1.74
CA MET A 266 14.53 -20.89 -1.26
C MET A 266 13.66 -22.14 -1.09
N ASP A 267 14.18 -23.29 -1.47
CA ASP A 267 13.66 -24.61 -1.05
C ASP A 267 13.75 -24.70 0.48
N SER A 268 12.87 -25.46 1.11
CA SER A 268 12.98 -25.82 2.55
C SER A 268 14.25 -26.65 2.77
N ASP A 269 14.66 -27.45 1.76
CA ASP A 269 15.87 -28.30 1.79
C ASP A 269 17.11 -27.51 1.37
N THR A 270 16.98 -26.23 1.00
CA THR A 270 18.11 -25.34 0.61
C THR A 270 18.86 -24.89 1.89
N VAL A 271 20.17 -24.72 1.77
CA VAL A 271 21.07 -24.24 2.87
C VAL A 271 22.00 -23.18 2.31
N PRO A 272 21.87 -21.90 2.72
CA PRO A 272 22.81 -20.85 2.35
C PRO A 272 24.01 -20.82 3.31
N PHE A 273 25.22 -20.67 2.77
CA PHE A 273 26.50 -20.64 3.54
C PHE A 273 27.13 -19.24 3.49
N VAL A 274 26.41 -18.26 2.93
CA VAL A 274 26.82 -16.83 2.88
C VAL A 274 25.62 -15.98 3.30
N SER A 275 25.85 -14.74 3.73
CA SER A 275 24.79 -13.77 4.07
C SER A 275 23.94 -13.49 2.82
N ILE A 276 22.62 -13.35 3.00
CA ILE A 276 21.63 -13.17 1.92
C ILE A 276 22.06 -12.00 1.01
N LYS A 277 22.62 -10.93 1.58
CA LYS A 277 23.02 -9.71 0.82
C LYS A 277 24.05 -10.07 -0.26
N LYS A 278 24.88 -11.10 -0.02
CA LYS A 278 25.93 -11.56 -0.99
C LYS A 278 25.27 -12.07 -2.28
N PHE A 279 24.10 -12.71 -2.18
CA PHE A 279 23.33 -13.23 -3.34
C PHE A 279 22.84 -12.05 -4.18
N TYR A 280 22.21 -11.06 -3.53
CA TYR A 280 21.70 -9.81 -4.16
C TYR A 280 22.86 -9.04 -4.80
N GLU A 281 24.06 -9.12 -4.21
CA GLU A 281 25.28 -8.39 -4.68
C GLU A 281 25.84 -9.03 -5.95
N LEU A 282 25.51 -10.30 -6.24
CA LEU A 282 26.02 -11.02 -7.44
C LEU A 282 25.67 -10.22 -8.70
N GLU A 283 26.64 -10.09 -9.61
CA GLU A 283 26.59 -9.19 -10.78
C GLU A 283 25.45 -9.62 -11.71
N GLU A 284 25.20 -10.94 -11.83
CA GLU A 284 24.15 -11.50 -12.71
C GLU A 284 22.79 -10.89 -12.33
N PHE A 285 22.45 -10.85 -11.05
CA PHE A 285 21.18 -10.25 -10.56
C PHE A 285 21.19 -8.74 -10.78
N GLN A 286 22.30 -8.06 -10.47
CA GLN A 286 22.44 -6.58 -10.59
C GLN A 286 22.11 -6.16 -12.03
N LYS A 287 22.58 -6.92 -13.03
CA LYS A 287 22.54 -6.53 -14.46
C LYS A 287 21.24 -6.96 -15.14
N THR A 288 20.60 -8.04 -14.68
CA THR A 288 19.45 -8.69 -15.35
C THR A 288 18.18 -8.64 -14.48
N GLY A 289 18.32 -8.69 -13.16
CA GLY A 289 17.18 -8.70 -12.22
C GLY A 289 16.66 -10.11 -11.97
N VAL A 290 17.41 -11.14 -12.40
CA VAL A 290 17.18 -12.56 -12.01
C VAL A 290 18.52 -13.18 -11.59
N LEU A 291 18.50 -14.01 -10.55
CA LEU A 291 19.62 -14.91 -10.17
C LEU A 291 19.17 -16.35 -10.40
N PHE A 292 19.67 -16.97 -11.47
CA PHE A 292 19.41 -18.38 -11.87
C PHE A 292 20.71 -19.17 -11.76
N PHE A 293 20.68 -20.35 -11.14
CA PHE A 293 21.85 -21.27 -11.01
C PHE A 293 21.65 -22.48 -11.93
N LYS A 294 22.76 -23.05 -12.41
CA LYS A 294 22.78 -24.21 -13.35
C LYS A 294 22.54 -25.49 -12.54
N ASP A 295 21.94 -26.50 -13.17
CA ASP A 295 21.59 -27.80 -12.55
C ASP A 295 22.69 -28.82 -12.88
N ARG A 296 22.62 -30.03 -12.31
CA ARG A 296 23.41 -31.21 -12.77
C ARG A 296 23.23 -31.37 -14.28
N VAL A 297 24.27 -31.82 -14.99
CA VAL A 297 24.15 -32.32 -16.38
C VAL A 297 23.81 -33.81 -16.31
N ILE A 298 22.59 -34.18 -16.72
CA ILE A 298 22.09 -35.59 -16.77
C ILE A 298 22.08 -36.04 -18.24
N SER A 299 23.05 -36.86 -18.64
CA SER A 299 23.22 -37.40 -20.01
C SER A 299 22.45 -38.70 -20.19
N ASP A 300 21.81 -39.20 -19.11
CA ASP A 300 20.95 -40.42 -19.12
C ASP A 300 19.61 -40.10 -19.78
N ASP A 301 18.99 -38.98 -19.39
CA ASP A 301 17.58 -38.61 -19.68
C ASP A 301 17.56 -37.55 -20.78
N LEU A 302 17.41 -37.97 -22.05
CA LEU A 302 17.53 -37.10 -23.25
C LEU A 302 16.16 -36.92 -23.90
N PHE A 303 15.94 -35.77 -24.54
CA PHE A 303 14.72 -35.45 -25.32
C PHE A 303 14.66 -36.33 -26.57
N GLU A 304 13.45 -36.76 -26.94
CA GLU A 304 13.15 -37.40 -28.26
C GLU A 304 13.22 -36.31 -29.33
N SER A 305 13.50 -36.68 -30.58
CA SER A 305 13.56 -35.75 -31.74
C SER A 305 12.20 -35.05 -31.92
N SER A 306 11.10 -35.77 -31.67
CA SER A 306 9.70 -35.26 -31.74
C SER A 306 9.50 -34.14 -30.72
N GLU A 307 10.07 -34.29 -29.53
CA GLU A 307 9.98 -33.30 -28.41
C GLU A 307 10.77 -32.04 -28.80
N LEU A 308 12.00 -32.21 -29.28
CA LEU A 308 12.88 -31.08 -29.69
C LEU A 308 12.25 -30.31 -30.87
N LYS A 309 11.61 -31.02 -31.80
CA LYS A 309 10.92 -30.40 -32.97
C LYS A 309 9.87 -29.42 -32.46
N ILE A 310 9.08 -29.84 -31.47
CA ILE A 310 7.99 -29.04 -30.84
C ILE A 310 8.60 -27.83 -30.11
N LEU A 311 9.69 -28.03 -29.37
CA LEU A 311 10.40 -26.95 -28.62
C LEU A 311 10.99 -25.94 -29.61
N ARG A 312 11.55 -26.40 -30.73
CA ARG A 312 12.16 -25.53 -31.79
C ARG A 312 11.07 -24.65 -32.41
N GLU A 313 9.87 -25.20 -32.66
CA GLU A 313 8.72 -24.48 -33.25
C GLU A 313 8.24 -23.40 -32.27
N ILE A 314 8.17 -23.73 -30.97
CA ILE A 314 7.72 -22.80 -29.89
C ILE A 314 8.68 -21.61 -29.82
N VAL A 315 9.99 -21.88 -29.81
CA VAL A 315 11.06 -20.85 -29.69
C VAL A 315 10.98 -19.93 -30.91
N TYR A 316 10.93 -20.49 -32.11
CA TYR A 316 10.85 -19.72 -33.39
C TYR A 316 9.54 -18.94 -33.42
N GLY A 317 8.43 -19.58 -33.03
CA GLY A 317 7.08 -18.98 -33.00
C GLY A 317 7.00 -17.80 -32.05
N CYS A 318 7.81 -17.80 -30.98
CA CYS A 318 7.75 -16.81 -29.87
C CYS A 318 8.72 -15.66 -30.13
N ILE A 319 9.97 -15.94 -30.49
CA ILE A 319 11.05 -14.91 -30.57
C ILE A 319 11.83 -15.01 -31.90
N GLY A 320 11.34 -15.78 -32.88
CA GLY A 320 11.93 -15.89 -34.23
C GLY A 320 13.36 -16.40 -34.21
N LEU A 321 13.73 -17.21 -33.22
CA LEU A 321 15.09 -17.80 -33.08
C LEU A 321 15.10 -19.21 -33.72
N ASP A 322 16.00 -19.45 -34.67
CA ASP A 322 16.13 -20.73 -35.42
C ASP A 322 17.25 -21.57 -34.79
N LEU A 323 16.93 -22.76 -34.29
CA LEU A 323 17.87 -23.67 -33.57
C LEU A 323 18.16 -24.92 -34.42
N GLU A 324 18.33 -24.74 -35.73
CA GLU A 324 18.46 -25.84 -36.72
C GLU A 324 19.83 -26.52 -36.57
N ASP A 325 20.91 -25.73 -36.58
CA ASP A 325 22.31 -26.24 -36.47
C ASP A 325 23.03 -25.50 -35.34
N GLU A 326 23.99 -26.19 -34.70
CA GLU A 326 24.77 -25.70 -33.53
C GLU A 326 25.51 -24.41 -33.86
N SER A 327 26.00 -24.27 -35.08
CA SER A 327 26.85 -23.13 -35.54
C SER A 327 26.11 -21.80 -35.38
N LYS A 328 24.80 -21.76 -35.67
CA LYS A 328 23.99 -20.51 -35.75
C LYS A 328 23.33 -20.20 -34.39
N ILE A 329 23.50 -21.06 -33.38
CA ILE A 329 22.99 -20.81 -32.00
C ILE A 329 23.88 -19.74 -31.35
N HIS A 330 25.20 -19.97 -31.33
CA HIS A 330 26.22 -19.02 -30.80
C HIS A 330 26.05 -17.64 -31.44
N GLU A 331 25.63 -17.59 -32.72
CA GLU A 331 25.46 -16.33 -33.49
C GLU A 331 24.27 -15.52 -32.97
N GLN A 332 23.12 -16.17 -32.75
CA GLN A 332 21.82 -15.50 -32.48
C GLN A 332 21.63 -15.19 -30.98
N VAL A 333 22.50 -15.72 -30.11
CA VAL A 333 22.40 -15.55 -28.63
C VAL A 333 23.67 -14.85 -28.14
N GLU A 334 23.53 -13.59 -27.70
CA GLU A 334 24.66 -12.68 -27.39
C GLU A 334 25.38 -13.13 -26.10
N ASP A 335 24.65 -13.72 -25.15
CA ASP A 335 25.20 -14.20 -23.85
C ASP A 335 25.64 -15.65 -24.00
N PRO A 336 26.98 -15.93 -24.01
CA PRO A 336 27.48 -17.28 -24.19
C PRO A 336 27.01 -18.27 -23.12
N VAL A 337 26.75 -17.79 -21.89
CA VAL A 337 26.23 -18.61 -20.76
C VAL A 337 24.85 -19.16 -21.16
N VAL A 338 24.01 -18.31 -21.75
CA VAL A 338 22.64 -18.68 -22.21
C VAL A 338 22.75 -19.54 -23.46
N ALA A 339 23.68 -19.21 -24.36
CA ALA A 339 23.98 -19.97 -25.61
C ALA A 339 24.33 -21.40 -25.26
N GLN A 340 25.20 -21.59 -24.25
CA GLN A 340 25.66 -22.92 -23.77
C GLN A 340 24.44 -23.75 -23.32
N VAL A 341 23.49 -23.12 -22.63
CA VAL A 341 22.25 -23.79 -22.11
C VAL A 341 21.41 -24.24 -23.31
N LEU A 342 21.27 -23.41 -24.34
CA LEU A 342 20.47 -23.71 -25.56
C LEU A 342 21.20 -24.79 -26.38
N GLU A 343 22.53 -24.72 -26.48
CA GLU A 343 23.36 -25.78 -27.12
C GLU A 343 23.06 -27.12 -26.43
N ASN A 344 23.16 -27.14 -25.09
CA ASN A 344 22.95 -28.36 -24.26
C ASN A 344 21.55 -28.95 -24.53
N MET A 345 20.55 -28.09 -24.74
CA MET A 345 19.13 -28.53 -24.85
C MET A 345 18.86 -29.09 -26.26
N PHE A 346 19.27 -28.37 -27.30
CA PHE A 346 18.82 -28.60 -28.71
C PHE A 346 19.85 -29.42 -29.50
N ILE A 347 21.11 -29.50 -29.05
CA ILE A 347 22.18 -30.31 -29.69
C ILE A 347 22.38 -31.61 -28.88
N LYS A 348 22.72 -31.46 -27.60
CA LYS A 348 23.06 -32.58 -26.68
C LYS A 348 21.77 -33.19 -26.10
N LYS A 349 20.62 -32.54 -26.29
CA LYS A 349 19.26 -33.06 -26.01
C LYS A 349 19.01 -33.20 -24.51
N TYR A 350 19.74 -32.44 -23.67
CA TYR A 350 19.62 -32.45 -22.18
C TYR A 350 18.31 -31.78 -21.77
N LYS A 351 17.74 -32.21 -20.64
CA LYS A 351 16.39 -31.77 -20.16
C LYS A 351 16.51 -30.87 -18.93
N HIS A 352 17.62 -30.90 -18.20
CA HIS A 352 17.80 -30.22 -16.89
C HIS A 352 18.89 -29.15 -17.00
N HIS A 353 18.52 -27.87 -16.80
CA HIS A 353 19.36 -26.68 -17.07
C HIS A 353 19.42 -25.75 -15.86
N LEU A 354 18.30 -25.52 -15.18
CA LEU A 354 18.20 -24.58 -14.03
C LEU A 354 17.89 -25.36 -12.75
N GLU A 355 18.51 -24.99 -11.63
CA GLU A 355 18.14 -25.48 -10.29
C GLU A 355 17.50 -24.33 -9.51
N SER A 356 16.21 -24.47 -9.18
CA SER A 356 15.36 -23.41 -8.58
C SER A 356 15.40 -23.48 -7.05
N GLY A 357 16.43 -24.10 -6.46
CA GLY A 357 16.61 -24.21 -5.00
C GLY A 357 16.81 -22.85 -4.37
N LEU A 358 17.51 -21.96 -5.07
CA LEU A 358 17.69 -20.53 -4.71
C LEU A 358 17.49 -19.71 -5.97
N VAL A 359 16.51 -18.80 -5.96
CA VAL A 359 16.15 -17.93 -7.11
C VAL A 359 15.86 -16.52 -6.58
N ILE A 360 16.49 -15.51 -7.16
CA ILE A 360 16.13 -14.08 -6.99
C ILE A 360 15.47 -13.62 -8.29
N LEU A 361 14.32 -12.95 -8.19
CA LEU A 361 13.53 -12.43 -9.33
C LEU A 361 12.94 -11.07 -8.96
N HIS A 362 13.35 -10.00 -9.65
CA HIS A 362 12.84 -8.62 -9.49
C HIS A 362 11.52 -8.48 -10.25
N LYS A 363 10.38 -8.54 -9.54
CA LYS A 363 9.01 -8.54 -10.13
C LYS A 363 8.76 -7.25 -10.91
N GLY A 364 9.42 -6.14 -10.51
CA GLY A 364 9.36 -4.85 -11.23
C GLY A 364 9.78 -5.01 -12.68
N LYS A 365 10.73 -5.91 -12.96
CA LYS A 365 11.36 -6.11 -14.28
C LYS A 365 10.96 -7.45 -14.90
N HIS A 366 10.35 -8.37 -14.14
CA HIS A 366 10.22 -9.81 -14.54
C HIS A 366 8.83 -10.40 -14.25
N LEU A 367 7.83 -9.60 -13.85
CA LEU A 367 6.49 -10.14 -13.50
C LEU A 367 5.85 -10.80 -14.73
N PHE A 368 5.86 -10.13 -15.88
CA PHE A 368 5.23 -10.60 -17.14
C PHE A 368 5.90 -11.91 -17.59
N SER A 369 7.23 -12.02 -17.42
CA SER A 369 8.02 -13.26 -17.68
C SER A 369 7.56 -14.39 -16.75
N MET A 370 7.42 -14.07 -15.45
CA MET A 370 7.00 -15.01 -14.39
C MET A 370 5.62 -15.57 -14.72
N LEU A 371 4.69 -14.73 -15.18
CA LEU A 371 3.30 -15.11 -15.52
C LEU A 371 3.30 -16.02 -16.75
N THR A 372 4.28 -15.83 -17.65
CA THR A 372 4.53 -16.73 -18.82
C THR A 372 5.04 -18.08 -18.31
N SER A 373 5.97 -18.07 -17.35
CA SER A 373 6.50 -19.30 -16.69
C SER A 373 5.33 -20.13 -16.16
N ILE A 374 4.37 -19.48 -15.50
CA ILE A 374 3.16 -20.14 -14.90
C ILE A 374 2.32 -20.75 -16.03
N ALA A 375 2.09 -20.00 -17.11
CA ALA A 375 1.35 -20.47 -18.30
C ALA A 375 2.00 -21.75 -18.83
N LEU A 376 3.33 -21.73 -19.00
CA LEU A 376 4.15 -22.86 -19.52
C LEU A 376 4.10 -24.04 -18.54
N GLN A 377 4.12 -23.77 -17.23
CA GLN A 377 4.08 -24.78 -16.15
C GLN A 377 2.85 -25.67 -16.31
N PHE A 378 1.73 -25.08 -16.77
CA PHE A 378 0.43 -25.78 -16.96
C PHE A 378 0.07 -25.79 -18.46
N SER A 379 1.07 -26.03 -19.32
CA SER A 379 0.95 -26.09 -20.79
C SER A 379 1.15 -27.53 -21.27
N PRO A 380 0.91 -27.82 -22.56
CA PRO A 380 1.23 -29.14 -23.13
C PRO A 380 2.68 -29.63 -22.93
N ILE A 381 3.65 -28.73 -22.73
CA ILE A 381 5.10 -29.08 -22.56
C ILE A 381 5.45 -29.17 -21.07
N ALA A 382 4.47 -29.17 -20.18
CA ALA A 382 4.64 -29.35 -18.71
C ALA A 382 5.35 -30.68 -18.44
N GLU A 383 4.98 -31.73 -19.19
CA GLU A 383 5.44 -33.13 -19.00
C GLU A 383 6.88 -33.30 -19.49
N TYR A 384 7.42 -32.35 -20.26
CA TYR A 384 8.78 -32.40 -20.85
C TYR A 384 9.84 -32.17 -19.78
N PHE A 385 9.51 -31.38 -18.75
CA PHE A 385 10.46 -30.91 -17.70
C PHE A 385 9.98 -31.36 -16.31
N HIS A 386 10.93 -31.52 -15.38
CA HIS A 386 10.69 -31.97 -13.99
C HIS A 386 10.39 -30.74 -13.12
N GLY A 387 9.15 -30.63 -12.64
CA GLY A 387 8.68 -29.56 -11.75
C GLY A 387 8.79 -28.19 -12.39
N ASP A 388 9.17 -27.18 -11.59
CA ASP A 388 9.11 -25.74 -11.91
C ASP A 388 10.42 -25.23 -12.55
N LYS A 389 11.56 -25.82 -12.15
CA LYS A 389 12.90 -25.19 -12.25
C LYS A 389 13.14 -24.61 -13.65
N ASP A 390 12.87 -25.39 -14.71
CA ASP A 390 13.31 -25.05 -16.08
C ASP A 390 12.34 -24.05 -16.73
N PHE A 391 11.14 -23.87 -16.17
CA PHE A 391 10.13 -22.92 -16.68
C PHE A 391 10.48 -21.49 -16.27
N PHE A 392 11.40 -21.33 -15.32
CA PHE A 392 11.95 -20.01 -14.89
C PHE A 392 12.60 -19.31 -16.08
N TRP A 393 13.55 -19.99 -16.73
CA TRP A 393 14.35 -19.42 -17.86
C TRP A 393 13.58 -19.53 -19.19
N LEU A 394 12.76 -20.56 -19.37
CA LEU A 394 11.92 -20.70 -20.59
C LEU A 394 10.90 -19.55 -20.67
N GLY A 395 10.32 -19.17 -19.53
CA GLY A 395 9.43 -18.00 -19.41
C GLY A 395 10.13 -16.73 -19.85
N GLU A 396 11.39 -16.54 -19.41
CA GLU A 396 12.23 -15.36 -19.77
C GLU A 396 12.51 -15.39 -21.27
N LEU A 397 12.94 -16.55 -21.79
CA LEU A 397 13.35 -16.72 -23.21
C LEU A 397 12.17 -16.43 -24.14
N LEU A 398 11.02 -17.07 -23.90
CA LEU A 398 9.84 -17.02 -24.80
C LEU A 398 9.12 -15.67 -24.68
N SER A 399 9.24 -14.98 -23.53
CA SER A 399 8.66 -13.62 -23.30
C SER A 399 9.57 -12.54 -23.90
N ASN A 400 10.79 -12.92 -24.31
CA ASN A 400 11.81 -12.02 -24.91
C ASN A 400 12.25 -10.99 -23.87
N ASN A 401 12.40 -11.42 -22.61
CA ASN A 401 12.91 -10.58 -21.48
C ASN A 401 14.39 -10.92 -21.25
N ARG A 402 15.20 -9.93 -20.92
CA ARG A 402 16.66 -10.09 -20.65
C ARG A 402 16.83 -10.98 -19.41
N PHE A 403 17.65 -12.02 -19.51
CA PHE A 403 18.02 -12.92 -18.38
C PHE A 403 19.39 -13.52 -18.64
N THR A 404 19.99 -14.13 -17.61
CA THR A 404 21.23 -14.94 -17.71
C THR A 404 21.26 -15.92 -16.54
N PHE A 405 22.28 -16.79 -16.52
CA PHE A 405 22.58 -17.72 -15.41
C PHE A 405 23.87 -17.28 -14.73
N HIS A 406 24.05 -17.65 -13.46
CA HIS A 406 25.38 -17.69 -12.82
C HIS A 406 26.20 -18.73 -13.58
N PRO A 407 27.37 -18.34 -14.15
CA PRO A 407 28.09 -19.17 -15.10
C PRO A 407 28.75 -20.44 -14.52
N VAL A 408 28.87 -20.55 -13.19
CA VAL A 408 29.59 -21.67 -12.52
C VAL A 408 28.70 -22.93 -12.55
N ASP A 409 29.26 -24.05 -13.00
CA ASP A 409 28.58 -25.37 -13.10
C ASP A 409 28.26 -25.86 -11.69
N ALA A 410 27.11 -26.53 -11.53
CA ALA A 410 26.70 -27.19 -10.26
C ALA A 410 27.78 -28.21 -9.87
N SER A 411 27.90 -28.47 -8.57
CA SER A 411 28.99 -29.29 -7.98
C SER A 411 28.43 -30.23 -6.92
N ASN A 412 29.19 -31.29 -6.61
CA ASN A 412 28.90 -32.29 -5.56
C ASN A 412 29.72 -31.90 -4.31
N ILE A 413 29.21 -32.17 -3.11
CA ILE A 413 29.84 -31.76 -1.82
C ILE A 413 29.69 -32.89 -0.80
N GLY A 414 30.78 -33.23 -0.11
CA GLY A 414 30.83 -34.25 0.95
C GLY A 414 32.25 -34.67 1.27
N GLN A 415 32.47 -35.96 1.50
CA GLN A 415 33.79 -36.56 1.84
C GLN A 415 34.52 -36.91 0.55
N LEU A 416 35.81 -36.57 0.47
CA LEU A 416 36.69 -36.86 -0.69
C LEU A 416 37.26 -38.28 -0.54
N GLY A 417 36.47 -39.29 -0.87
CA GLY A 417 36.90 -40.71 -0.87
C GLY A 417 37.99 -40.94 -1.90
N ASN A 418 39.05 -41.66 -1.53
CA ASN A 418 40.20 -41.99 -2.40
C ASN A 418 39.77 -43.08 -3.39
N VAL A 419 40.04 -42.87 -4.68
CA VAL A 419 39.81 -43.87 -5.77
C VAL A 419 41.15 -44.54 -6.07
N VAL A 420 41.22 -45.88 -6.01
CA VAL A 420 42.45 -46.68 -6.34
C VAL A 420 42.62 -46.67 -7.87
N SER A 421 43.77 -46.21 -8.36
CA SER A 421 44.16 -46.21 -9.79
C SER A 421 45.53 -46.87 -9.94
N LYS A 422 46.00 -47.07 -11.18
CA LYS A 422 47.40 -47.41 -11.52
C LYS A 422 47.88 -46.53 -12.68
N GLU A 427 46.19 -37.38 -7.52
CA GLU A 427 45.01 -37.33 -6.61
C GLU A 427 43.76 -37.72 -7.40
N PHE A 428 43.18 -38.88 -7.11
CA PHE A 428 41.87 -39.36 -7.64
C PHE A 428 40.86 -39.38 -6.48
N TYR A 429 39.84 -38.52 -6.53
CA TYR A 429 38.79 -38.38 -5.48
C TYR A 429 37.40 -38.66 -6.07
N GLN A 430 36.47 -39.05 -5.20
CA GLN A 430 35.05 -39.31 -5.53
C GLN A 430 34.16 -38.79 -4.38
N ILE A 431 33.09 -38.06 -4.72
CA ILE A 431 31.99 -37.70 -3.77
C ILE A 431 30.70 -38.34 -4.30
N CYS A 432 29.98 -39.05 -3.45
CA CYS A 432 28.61 -39.60 -3.73
C CYS A 432 27.63 -39.01 -2.71
N SER A 433 26.72 -38.15 -3.15
CA SER A 433 25.77 -37.45 -2.26
C SER A 433 24.47 -37.09 -2.99
N VAL A 434 23.46 -36.73 -2.20
CA VAL A 434 22.16 -36.14 -2.64
C VAL A 434 22.33 -34.61 -2.72
N GLN A 435 23.37 -34.07 -2.10
CA GLN A 435 23.62 -32.61 -2.01
C GLN A 435 24.12 -32.11 -3.37
N LEU A 436 23.52 -31.01 -3.85
CA LEU A 436 23.93 -30.28 -5.07
C LEU A 436 24.40 -28.88 -4.65
N SER A 437 25.70 -28.62 -4.72
CA SER A 437 26.36 -27.38 -4.24
C SER A 437 26.51 -26.38 -5.39
N HIS A 438 26.65 -25.09 -5.05
CA HIS A 438 26.87 -23.97 -5.99
C HIS A 438 27.96 -23.05 -5.42
N THR A 439 29.07 -22.91 -6.15
CA THR A 439 30.25 -22.10 -5.75
C THR A 439 30.29 -20.81 -6.57
N ASP A 440 30.96 -19.78 -6.03
CA ASP A 440 31.27 -18.51 -6.74
C ASP A 440 32.49 -18.77 -7.64
N ARG A 441 32.86 -17.77 -8.46
CA ARG A 441 34.04 -17.78 -9.35
C ARG A 441 35.31 -18.05 -8.53
N ASP A 442 35.42 -17.43 -7.34
CA ASP A 442 36.62 -17.54 -6.44
C ASP A 442 36.69 -18.95 -5.84
N GLY A 443 35.57 -19.67 -5.76
CA GLY A 443 35.49 -21.07 -5.30
C GLY A 443 34.86 -21.22 -3.92
N SER A 444 34.31 -20.13 -3.36
CA SER A 444 33.57 -20.15 -2.07
C SER A 444 32.21 -20.82 -2.27
N LEU A 445 31.76 -21.59 -1.28
CA LEU A 445 30.41 -22.23 -1.26
C LEU A 445 29.35 -21.16 -0.99
N LEU A 446 28.39 -21.03 -1.90
CA LEU A 446 27.26 -20.07 -1.76
C LEU A 446 26.07 -20.76 -1.10
N TRP A 447 25.66 -21.93 -1.61
CA TRP A 447 24.47 -22.68 -1.11
C TRP A 447 24.45 -24.10 -1.70
N LEU A 448 23.59 -24.97 -1.15
CA LEU A 448 23.27 -26.30 -1.71
C LEU A 448 21.78 -26.61 -1.50
N ASN A 449 21.24 -27.54 -2.29
CA ASN A 449 19.91 -28.18 -2.08
C ASN A 449 20.16 -29.64 -1.67
N GLY A 450 19.23 -30.22 -0.92
CA GLY A 450 19.25 -31.64 -0.50
C GLY A 450 19.41 -31.82 0.99
N GLY A 451 19.35 -30.74 1.77
CA GLY A 451 19.55 -30.76 3.23
C GLY A 451 20.98 -31.16 3.60
N LEU A 452 21.22 -31.53 4.85
CA LEU A 452 22.57 -31.87 5.38
C LEU A 452 22.56 -33.23 6.09
N ASN A 453 21.60 -34.10 5.76
CA ASN A 453 21.62 -35.55 6.12
C ASN A 453 21.95 -36.34 4.86
N ILE A 454 22.34 -37.61 5.02
CA ILE A 454 22.80 -38.51 3.91
C ILE A 454 21.68 -38.65 2.88
N CYS A 455 20.44 -38.86 3.33
CA CYS A 455 19.27 -39.14 2.46
C CYS A 455 17.97 -38.72 3.16
N LYS A 456 17.21 -37.82 2.53
CA LYS A 456 15.92 -37.28 3.05
C LYS A 456 14.76 -38.24 2.73
N LYS A 457 14.94 -39.15 1.77
CA LYS A 457 13.88 -40.06 1.26
C LYS A 457 13.71 -41.24 2.22
N THR A 458 12.49 -41.73 2.39
CA THR A 458 12.14 -42.90 3.24
C THR A 458 12.19 -44.18 2.40
N SER A 459 13.39 -44.53 1.90
CA SER A 459 13.61 -45.57 0.86
C SER A 459 14.57 -46.67 1.36
N TRP A 460 14.84 -46.72 2.67
CA TRP A 460 15.85 -47.65 3.27
C TRP A 460 15.42 -49.11 3.05
N GLU A 461 14.11 -49.38 3.03
CA GLU A 461 13.56 -50.74 2.85
C GLU A 461 13.92 -51.24 1.44
N TYR A 462 13.61 -50.45 0.41
CA TYR A 462 13.90 -50.77 -1.01
C TYR A 462 15.42 -50.78 -1.23
N ASP A 463 16.10 -49.71 -0.80
CA ASP A 463 17.54 -49.45 -1.08
C ASP A 463 18.40 -50.57 -0.50
N TYR A 464 18.06 -51.05 0.71
CA TYR A 464 18.83 -52.12 1.41
C TYR A 464 18.78 -53.42 0.60
N GLU A 465 17.63 -53.75 0.02
CA GLU A 465 17.37 -55.03 -0.70
C GLU A 465 18.02 -54.98 -2.09
N HIS A 466 18.11 -53.79 -2.70
CA HIS A 466 18.38 -53.60 -4.16
C HIS A 466 19.77 -53.02 -4.42
N ARG A 467 20.42 -52.40 -3.43
CA ARG A 467 21.76 -51.76 -3.58
C ARG A 467 22.83 -52.58 -2.84
N GLN A 468 23.84 -53.06 -3.58
CA GLN A 468 24.92 -53.92 -3.04
C GLN A 468 25.64 -53.21 -1.88
N ARG A 469 26.21 -52.02 -2.13
CA ARG A 469 27.04 -51.28 -1.14
C ARG A 469 26.30 -51.22 0.19
N LEU A 470 25.01 -50.87 0.15
CA LEU A 470 24.16 -50.68 1.37
C LEU A 470 23.83 -52.06 1.96
N ASN A 471 23.51 -53.05 1.10
CA ASN A 471 23.14 -54.44 1.51
C ASN A 471 24.31 -55.09 2.27
N ASP A 472 25.53 -54.96 1.75
CA ASP A 472 26.78 -55.51 2.36
C ASP A 472 27.10 -54.75 3.64
N MET A 473 27.14 -53.42 3.56
CA MET A 473 27.60 -52.48 4.62
C MET A 473 26.77 -52.62 5.89
N PHE A 474 25.47 -52.91 5.78
CA PHE A 474 24.52 -52.98 6.93
C PHE A 474 23.91 -54.37 7.05
N GLN A 475 23.32 -54.67 8.22
CA GLN A 475 22.77 -56.01 8.59
C GLN A 475 21.25 -56.01 8.40
N ASN A 476 20.59 -54.88 8.67
CA ASN A 476 19.13 -54.69 8.47
C ASN A 476 18.89 -53.43 7.63
N ALA A 477 17.66 -53.23 7.16
CA ALA A 477 17.19 -51.97 6.52
C ALA A 477 17.12 -50.86 7.57
N ASP A 478 16.93 -51.22 8.84
CA ASP A 478 16.83 -50.28 9.98
C ASP A 478 18.19 -49.59 10.21
N GLU A 479 19.30 -50.31 10.04
CA GLU A 479 20.66 -49.75 10.15
C GLU A 479 20.87 -48.72 9.03
N LEU A 480 20.36 -49.01 7.82
CA LEU A 480 20.44 -48.08 6.65
C LEU A 480 19.60 -46.83 6.93
N ARG A 481 18.45 -46.98 7.58
CA ARG A 481 17.56 -45.86 8.00
C ARG A 481 18.36 -44.87 8.84
N GLU A 482 19.15 -45.38 9.80
CA GLU A 482 19.96 -44.57 10.74
C GLU A 482 21.08 -43.87 9.97
N TYR A 483 21.72 -44.56 9.02
CA TYR A 483 22.79 -44.01 8.14
C TYR A 483 22.22 -42.84 7.32
N TYR A 484 21.03 -43.04 6.74
CA TYR A 484 20.30 -42.05 5.90
C TYR A 484 19.99 -40.80 6.74
N ALA A 485 19.64 -40.98 8.02
CA ALA A 485 19.26 -39.89 8.95
C ALA A 485 20.51 -39.22 9.53
N SER A 486 21.68 -39.86 9.44
CA SER A 486 22.96 -39.37 10.02
C SER A 486 23.40 -38.10 9.28
N PRO A 487 24.10 -37.17 9.97
CA PRO A 487 24.56 -35.93 9.33
C PRO A 487 25.65 -36.18 8.29
N VAL A 488 25.69 -35.32 7.26
CA VAL A 488 26.72 -35.34 6.18
C VAL A 488 27.97 -34.62 6.71
N LYS A 489 29.13 -34.87 6.10
CA LYS A 489 30.44 -34.25 6.47
C LYS A 489 31.03 -33.53 5.25
N LEU A 490 31.01 -32.20 5.28
CA LEU A 490 31.43 -31.32 4.15
C LEU A 490 32.94 -31.08 4.24
N GLU A 491 33.72 -31.83 3.46
CA GLU A 491 35.21 -31.81 3.49
C GLU A 491 35.76 -31.23 2.18
N GLY A 492 35.03 -31.36 1.06
CA GLY A 492 35.47 -30.86 -0.25
C GLY A 492 34.32 -30.75 -1.25
N ILE A 493 34.60 -30.15 -2.40
CA ILE A 493 33.65 -29.95 -3.54
C ILE A 493 34.33 -30.44 -4.81
N ILE A 494 33.61 -31.18 -5.65
CA ILE A 494 34.05 -31.57 -7.02
C ILE A 494 33.10 -30.94 -8.03
N ILE A 495 33.64 -30.17 -8.98
CA ILE A 495 32.91 -29.64 -10.17
C ILE A 495 33.23 -30.57 -11.32
N PRO A 496 32.37 -31.57 -11.62
CA PRO A 496 32.72 -32.59 -12.60
C PRO A 496 32.88 -32.00 -14.01
N ASP A 497 33.76 -32.59 -14.83
CA ASP A 497 33.89 -32.31 -16.28
C ASP A 497 32.98 -33.31 -17.01
N THR A 498 31.80 -32.84 -17.41
CA THR A 498 30.67 -33.68 -17.91
C THR A 498 31.02 -34.30 -19.27
N SER A 499 31.97 -33.70 -19.99
CA SER A 499 32.49 -34.18 -21.31
C SER A 499 33.32 -35.46 -21.14
N ILE A 500 33.93 -35.68 -19.97
CA ILE A 500 34.86 -36.81 -19.68
C ILE A 500 34.23 -37.74 -18.63
N SER A 501 34.07 -37.26 -17.39
CA SER A 501 33.42 -38.00 -16.26
C SER A 501 32.41 -37.07 -15.58
N GLY A 502 31.12 -37.25 -15.90
CA GLY A 502 30.02 -36.39 -15.42
C GLY A 502 29.36 -36.96 -14.17
N TRP A 503 28.07 -36.67 -14.00
CA TRP A 503 27.24 -37.14 -12.87
C TRP A 503 26.78 -38.58 -13.14
N ILE A 504 27.07 -39.49 -12.22
CA ILE A 504 26.70 -40.94 -12.31
C ILE A 504 25.79 -41.26 -11.12
N ASN A 505 24.56 -41.69 -11.39
CA ASN A 505 23.56 -42.09 -10.36
C ASN A 505 24.09 -43.35 -9.67
N SER A 506 24.26 -43.31 -8.34
CA SER A 506 24.72 -44.44 -7.51
C SER A 506 23.56 -45.41 -7.27
N GLY A 507 22.31 -44.94 -7.42
CA GLY A 507 21.09 -45.71 -7.13
C GLY A 507 20.66 -45.56 -5.68
N GLU A 508 21.52 -44.98 -4.84
CA GLU A 508 21.25 -44.82 -3.38
C GLU A 508 20.31 -43.63 -3.19
N CYS A 509 19.61 -43.61 -2.05
CA CYS A 509 18.55 -42.63 -1.72
C CYS A 509 17.51 -42.60 -2.85
N PHE A 510 17.09 -43.78 -3.32
CA PHE A 510 15.99 -43.97 -4.30
C PHE A 510 16.35 -43.26 -5.62
N LEU A 511 17.60 -43.43 -6.06
CA LEU A 511 18.18 -42.88 -7.32
C LEU A 511 18.28 -41.35 -7.25
N PHE A 512 18.50 -40.79 -6.05
CA PHE A 512 18.74 -39.34 -5.83
C PHE A 512 20.21 -39.06 -5.51
N ASN A 513 20.97 -40.11 -5.14
CA ASN A 513 22.43 -40.04 -4.84
C ASN A 513 23.20 -40.10 -6.17
N TYR A 514 24.12 -39.15 -6.38
CA TYR A 514 24.99 -39.02 -7.59
C TYR A 514 26.46 -39.03 -7.16
N CYS A 515 27.32 -39.65 -7.98
CA CYS A 515 28.80 -39.72 -7.78
C CYS A 515 29.51 -38.84 -8.81
N THR A 516 30.46 -38.03 -8.36
CA THR A 516 31.33 -37.15 -9.20
C THR A 516 32.81 -37.53 -8.96
N LEU A 517 33.59 -37.68 -10.03
CA LEU A 517 35.02 -38.08 -9.98
C LEU A 517 35.91 -36.88 -10.37
N PHE A 518 37.02 -36.71 -9.65
CA PHE A 518 38.11 -35.74 -9.95
C PHE A 518 39.45 -36.49 -10.01
N LYS A 519 40.21 -36.30 -11.09
CA LYS A 519 41.58 -36.82 -11.29
C LYS A 519 42.49 -35.67 -11.72
N GLU A 520 43.62 -35.48 -11.02
CA GLU A 520 44.55 -34.33 -11.19
C GLU A 520 45.06 -34.32 -12.64
N GLY A 521 44.91 -33.18 -13.33
CA GLY A 521 45.41 -32.94 -14.70
C GLY A 521 44.68 -33.75 -15.76
N GLU A 522 43.62 -34.48 -15.39
CA GLU A 522 42.85 -35.37 -16.30
C GLU A 522 41.45 -34.79 -16.54
N PHE A 523 40.65 -34.66 -15.47
CA PHE A 523 39.25 -34.16 -15.55
C PHE A 523 38.78 -33.63 -14.20
N GLY A 524 37.99 -32.55 -14.24
CA GLY A 524 37.26 -31.98 -13.08
C GLY A 524 38.05 -30.91 -12.36
N LYS A 525 37.40 -30.22 -11.42
CA LYS A 525 38.02 -29.22 -10.51
C LYS A 525 37.73 -29.64 -9.07
N LEU A 526 38.76 -29.65 -8.22
CA LEU A 526 38.65 -29.96 -6.77
C LEU A 526 38.67 -28.65 -5.97
N ILE A 527 37.96 -28.61 -4.85
CA ILE A 527 37.97 -27.49 -3.86
C ILE A 527 37.99 -28.12 -2.47
N LYS A 528 39.18 -28.19 -1.85
CA LYS A 528 39.38 -28.72 -0.46
C LYS A 528 39.18 -27.56 0.52
N PHE A 529 38.26 -27.71 1.47
CA PHE A 529 37.95 -26.70 2.51
C PHE A 529 39.12 -26.61 3.49
N LYS A 530 39.47 -25.39 3.92
CA LYS A 530 40.49 -25.11 4.97
C LYS A 530 39.85 -25.44 6.33
N GLU A 531 40.67 -25.65 7.36
CA GLU A 531 40.22 -26.06 8.73
C GLU A 531 39.24 -25.02 9.29
N ASP A 532 39.45 -23.74 8.96
CA ASP A 532 38.56 -22.61 9.36
C ASP A 532 37.17 -22.82 8.75
N GLU A 533 37.12 -23.11 7.44
CA GLU A 533 35.88 -23.33 6.66
C GLU A 533 35.19 -24.61 7.14
N LYS A 534 35.93 -25.73 7.16
CA LYS A 534 35.46 -27.06 7.65
C LYS A 534 34.76 -26.92 9.00
N LEU A 535 35.30 -26.06 9.88
CA LEU A 535 34.77 -25.81 11.25
C LEU A 535 33.43 -25.06 11.15
N ARG A 536 33.35 -24.01 10.33
CA ARG A 536 32.11 -23.22 10.12
C ARG A 536 31.02 -24.14 9.57
N LEU A 537 31.35 -24.90 8.51
CA LEU A 537 30.42 -25.83 7.82
C LEU A 537 29.96 -26.91 8.82
N SER A 538 30.88 -27.51 9.57
CA SER A 538 30.58 -28.54 10.60
C SER A 538 29.62 -27.98 11.64
N GLN A 539 29.73 -26.69 11.97
CA GLN A 539 28.84 -26.00 12.94
C GLN A 539 27.44 -25.84 12.32
N ILE A 540 27.38 -25.57 11.01
CA ILE A 540 26.10 -25.37 10.25
C ILE A 540 25.38 -26.72 10.10
N VAL A 541 26.10 -27.80 9.78
CA VAL A 541 25.51 -29.16 9.66
C VAL A 541 25.00 -29.60 11.04
N ASP A 542 25.73 -29.24 12.11
CA ASP A 542 25.39 -29.58 13.51
C ASP A 542 24.05 -28.94 13.89
N ILE A 543 23.89 -27.63 13.66
CA ILE A 543 22.67 -26.85 14.01
C ILE A 543 21.50 -27.31 13.12
N TRP A 544 21.77 -27.70 11.87
CA TRP A 544 20.74 -28.21 10.91
C TRP A 544 20.18 -29.54 11.40
N ASN A 545 21.06 -30.46 11.86
CA ASN A 545 20.71 -31.87 12.17
C ASN A 545 20.25 -32.03 13.63
N LYS A 546 20.00 -30.94 14.36
CA LYS A 546 19.83 -30.91 15.84
C LYS A 546 18.60 -31.67 16.36
N ASP A 547 18.00 -32.61 15.62
CA ASP A 547 17.00 -33.58 16.18
C ASP A 547 15.82 -32.80 16.79
N ILE A 548 15.15 -31.98 15.97
CA ILE A 548 14.01 -31.08 16.35
C ILE A 548 14.32 -30.40 17.69
N CYS B 34 7.55 40.79 3.59
CA CYS B 34 8.24 39.75 2.77
C CYS B 34 8.46 38.50 3.62
N TRP B 35 9.14 38.67 4.75
CA TRP B 35 9.52 37.57 5.69
C TRP B 35 8.25 37.04 6.38
N SER B 36 7.11 37.73 6.23
CA SER B 36 5.76 37.26 6.65
C SER B 36 5.47 35.84 6.12
N TYR B 37 5.93 35.52 4.90
CA TYR B 37 5.84 34.18 4.27
C TYR B 37 6.30 33.11 5.26
N TYR B 38 7.50 33.24 5.82
CA TYR B 38 8.19 32.25 6.69
C TYR B 38 7.50 32.16 8.05
N GLU B 39 6.88 33.25 8.50
CA GLU B 39 6.05 33.29 9.75
C GLU B 39 4.72 32.57 9.48
N GLY B 40 4.26 32.58 8.23
CA GLY B 40 3.05 31.87 7.76
C GLY B 40 3.24 30.35 7.69
N LEU B 41 4.48 29.90 7.45
CA LEU B 41 4.84 28.45 7.34
C LEU B 41 4.64 27.77 8.71
N THR B 42 4.51 26.44 8.69
CA THR B 42 4.42 25.57 9.89
C THR B 42 5.66 25.77 10.77
N PRO B 43 5.52 25.90 12.10
CA PRO B 43 6.66 26.19 12.98
C PRO B 43 7.88 25.28 12.79
N GLY B 44 7.67 24.00 12.47
CA GLY B 44 8.74 22.99 12.34
C GLY B 44 9.28 22.86 10.92
N TRP B 45 8.92 23.78 10.01
CA TRP B 45 9.28 23.71 8.56
C TRP B 45 10.80 23.59 8.42
N LEU B 46 11.27 22.89 7.38
CA LEU B 46 12.70 22.54 7.16
C LEU B 46 12.89 22.15 5.69
N ASN B 47 13.96 22.65 5.04
CA ASN B 47 14.47 22.13 3.75
C ASN B 47 15.38 20.94 4.06
N ASP B 48 14.79 19.81 4.42
CA ASP B 48 15.50 18.59 4.90
C ASP B 48 15.92 17.75 3.69
N PHE B 49 16.94 16.90 3.87
CA PHE B 49 17.40 15.89 2.89
C PHE B 49 16.40 14.74 2.95
N TYR B 50 15.72 14.47 1.83
CA TYR B 50 14.72 13.38 1.69
C TYR B 50 15.38 12.03 2.02
N ASP B 51 14.63 11.18 2.71
CA ASP B 51 14.98 9.78 3.06
C ASP B 51 13.81 8.90 2.61
N VAL B 52 14.10 7.73 2.01
CA VAL B 52 13.08 6.82 1.40
C VAL B 52 12.07 6.39 2.46
N ASN B 53 12.49 6.24 3.72
CA ASN B 53 11.63 5.83 4.87
C ASN B 53 10.57 6.90 5.16
N GLN B 54 10.96 8.17 5.11
CA GLN B 54 10.05 9.34 5.32
C GLN B 54 8.77 9.14 4.50
N ILE B 55 7.60 9.24 5.15
CA ILE B 55 6.28 9.18 4.47
C ILE B 55 6.10 10.49 3.68
N THR B 56 5.88 10.37 2.36
CA THR B 56 5.75 11.50 1.41
C THR B 56 4.55 11.24 0.50
N PRO B 57 3.31 11.55 0.94
CA PRO B 57 2.14 11.43 0.08
C PRO B 57 2.11 12.44 -1.08
N ASN B 58 2.71 13.63 -0.88
CA ASN B 58 2.68 14.76 -1.84
C ASN B 58 4.11 15.15 -2.21
N PRO B 59 4.82 14.37 -3.05
CA PRO B 59 6.20 14.68 -3.44
C PRO B 59 6.30 15.97 -4.27
N ALA B 60 5.41 16.17 -5.25
CA ALA B 60 5.38 17.35 -6.15
C ALA B 60 5.30 18.63 -5.32
N LYS B 61 4.41 18.68 -4.32
CA LYS B 61 4.19 19.87 -3.45
C LYS B 61 5.42 20.10 -2.57
N ASP B 62 6.03 19.03 -2.04
CA ASP B 62 7.24 19.08 -1.18
C ASP B 62 8.39 19.73 -1.96
N VAL B 63 8.60 19.33 -3.22
CA VAL B 63 9.67 19.90 -4.10
C VAL B 63 9.37 21.37 -4.36
N ILE B 64 8.11 21.70 -4.69
CA ILE B 64 7.66 23.10 -4.98
C ILE B 64 7.97 23.98 -3.77
N GLU B 65 7.74 23.48 -2.55
CA GLU B 65 8.03 24.21 -1.29
C GLU B 65 9.53 24.48 -1.20
N LEU B 66 10.37 23.45 -1.35
CA LEU B 66 11.86 23.57 -1.28
C LEU B 66 12.32 24.70 -2.21
N VAL B 67 11.84 24.69 -3.46
CA VAL B 67 12.25 25.65 -4.53
C VAL B 67 11.75 27.05 -4.17
N THR B 68 10.47 27.16 -3.77
CA THR B 68 9.78 28.44 -3.47
C THR B 68 10.45 29.12 -2.27
N ARG B 69 10.67 28.39 -1.18
CA ARG B 69 11.29 28.92 0.07
C ARG B 69 12.64 29.56 -0.25
N ILE B 70 13.42 28.96 -1.16
CA ILE B 70 14.76 29.47 -1.59
C ILE B 70 14.56 30.69 -2.51
N LYS B 71 13.57 30.66 -3.40
CA LYS B 71 13.24 31.79 -4.31
C LYS B 71 12.86 33.02 -3.49
N ILE B 72 11.91 32.87 -2.56
CA ILE B 72 11.38 33.96 -1.68
C ILE B 72 12.56 34.58 -0.93
N PHE B 73 13.47 33.76 -0.39
CA PHE B 73 14.63 34.18 0.45
C PHE B 73 15.50 35.18 -0.33
N PHE B 74 15.94 34.81 -1.53
CA PHE B 74 16.90 35.60 -2.36
C PHE B 74 16.16 36.77 -3.04
N ASN B 75 14.83 36.78 -3.02
CA ASN B 75 14.00 37.92 -3.51
C ASN B 75 13.82 38.94 -2.37
N CYS B 76 13.61 38.47 -1.13
CA CYS B 76 13.46 39.30 0.09
C CYS B 76 14.79 39.97 0.47
N LEU B 77 15.93 39.37 0.10
CA LEU B 77 17.28 39.94 0.33
C LEU B 77 17.50 41.18 -0.55
N GLN B 78 16.85 41.24 -1.71
CA GLN B 78 16.88 42.39 -2.66
C GLN B 78 16.11 43.57 -2.07
N GLN B 79 15.09 43.27 -1.25
CA GLN B 79 14.20 44.26 -0.59
C GLN B 79 14.87 44.76 0.70
N VAL B 80 14.41 45.89 1.23
CA VAL B 80 14.75 46.39 2.61
C VAL B 80 13.72 47.46 3.00
N GLY B 82 13.56 45.35 6.57
CA GLY B 82 13.81 45.16 8.02
C GLY B 82 15.28 45.28 8.37
N HIS B 83 15.67 44.74 9.53
CA HIS B 83 17.09 44.63 10.00
C HIS B 83 17.20 43.65 11.18
N ASN B 84 16.56 42.48 11.09
CA ASN B 84 16.56 41.43 12.15
C ASN B 84 17.54 40.31 11.75
N ILE B 85 18.80 40.41 12.19
CA ILE B 85 19.90 39.45 11.88
C ILE B 85 19.49 38.05 12.39
N GLN B 86 18.92 37.97 13.59
CA GLN B 86 18.61 36.68 14.28
C GLN B 86 17.45 35.99 13.55
N ARG B 87 16.51 36.76 12.98
CA ARG B 87 15.38 36.24 12.16
C ARG B 87 15.95 35.56 10.91
N LEU B 88 16.83 36.25 10.19
CA LEU B 88 17.50 35.77 8.94
C LEU B 88 18.16 34.42 9.23
N ARG B 89 18.97 34.35 10.29
CA ARG B 89 19.75 33.15 10.67
C ARG B 89 18.81 31.97 10.95
N ASP B 90 17.65 32.25 11.54
CA ASP B 90 16.63 31.21 11.89
C ASP B 90 16.05 30.62 10.59
N ILE B 91 15.88 31.45 9.55
CA ILE B 91 15.39 31.01 8.21
C ILE B 91 16.51 30.21 7.53
N GLU B 92 17.75 30.71 7.58
CA GLU B 92 18.96 30.08 7.00
C GLU B 92 19.14 28.68 7.58
N LYS B 93 18.91 28.50 8.89
CA LYS B 93 19.08 27.21 9.61
C LYS B 93 18.02 26.20 9.15
N LYS B 94 16.88 26.67 8.64
CA LYS B 94 15.75 25.84 8.16
C LYS B 94 15.83 25.68 6.63
N LEU B 95 16.43 26.64 5.92
CA LEU B 95 16.63 26.60 4.45
C LEU B 95 17.85 25.74 4.11
N PHE B 96 18.94 25.87 4.88
CA PHE B 96 20.27 25.29 4.58
C PHE B 96 20.81 24.56 5.80
N PRO B 97 20.08 23.55 6.33
CA PRO B 97 20.48 22.89 7.58
C PRO B 97 21.82 22.16 7.47
N TYR B 98 22.29 21.90 6.23
CA TYR B 98 23.57 21.20 5.95
C TYR B 98 24.76 22.11 6.33
N ILE B 99 24.53 23.42 6.44
CA ILE B 99 25.55 24.39 6.95
C ILE B 99 25.58 24.30 8.48
N ASN B 100 26.78 24.25 9.06
CA ASN B 100 27.02 24.15 10.53
C ASN B 100 26.98 25.55 11.13
N PHE B 101 25.80 26.18 11.19
CA PHE B 101 25.58 27.54 11.71
C PHE B 101 25.94 27.60 13.20
N GLU B 102 25.75 26.50 13.92
CA GLU B 102 26.07 26.38 15.37
C GLU B 102 27.55 26.69 15.59
N LYS B 103 28.43 26.11 14.77
CA LYS B 103 29.91 26.29 14.85
C LYS B 103 30.29 27.70 14.38
N LEU B 104 29.57 28.26 13.40
CA LEU B 104 29.80 29.64 12.90
C LEU B 104 29.55 30.64 14.04
N GLU B 105 28.51 30.39 14.84
CA GLU B 105 28.07 31.26 15.97
C GLU B 105 29.02 31.07 17.17
N THR B 106 29.45 29.83 17.42
CA THR B 106 30.32 29.43 18.58
C THR B 106 31.61 28.78 18.05
N ASP B 107 32.75 29.46 18.20
CA ASP B 107 34.08 28.97 17.74
C ASP B 107 34.14 29.10 16.21
N GLU B 108 33.95 30.32 15.71
CA GLU B 108 33.91 30.68 14.27
C GLU B 108 35.13 30.09 13.54
N SER B 109 36.30 30.12 14.18
CA SER B 109 37.60 29.65 13.61
C SER B 109 37.55 28.14 13.30
N ALA B 110 36.78 27.37 14.08
CA ALA B 110 36.61 25.91 13.91
C ALA B 110 35.66 25.62 12.75
N PHE B 111 34.68 26.52 12.49
CA PHE B 111 33.65 26.41 11.42
C PHE B 111 34.29 26.57 10.05
N TRP B 112 35.04 27.66 9.82
CA TRP B 112 35.58 28.03 8.50
C TRP B 112 36.41 26.86 7.92
N HIS B 113 36.34 26.70 6.60
CA HIS B 113 37.10 25.73 5.79
C HIS B 113 38.60 26.08 5.83
N THR B 114 39.45 25.11 5.49
CA THR B 114 40.93 25.26 5.41
C THR B 114 41.40 24.94 3.99
N THR B 115 42.04 25.90 3.32
CA THR B 115 42.74 25.70 2.02
C THR B 115 44.22 25.40 2.31
N THR B 116 44.83 24.52 1.51
CA THR B 116 46.26 24.12 1.61
C THR B 116 46.91 24.23 0.23
N ARG B 117 47.93 25.07 0.09
CA ARG B 117 48.66 25.31 -1.18
C ARG B 117 49.67 24.17 -1.40
N TRP B 118 50.07 23.95 -2.65
CA TRP B 118 51.05 22.92 -3.09
C TRP B 118 52.36 23.03 -2.29
N ASN B 119 52.79 24.26 -2.00
CA ASN B 119 54.06 24.57 -1.29
C ASN B 119 53.99 24.06 0.16
N GLY B 120 52.80 23.81 0.69
CA GLY B 120 52.57 23.23 2.03
C GLY B 120 51.95 24.21 3.00
N GLU B 121 51.91 25.49 2.63
CA GLU B 121 51.29 26.59 3.43
C GLU B 121 49.80 26.29 3.64
N VAL B 122 49.30 26.60 4.84
CA VAL B 122 47.90 26.32 5.29
C VAL B 122 47.24 27.67 5.63
N TYR B 123 45.99 27.86 5.20
CA TYR B 123 45.21 29.11 5.38
C TYR B 123 43.87 28.79 6.06
N HIS B 124 43.65 29.31 7.27
CA HIS B 124 42.38 29.20 8.04
C HIS B 124 41.59 30.50 7.88
N ALA B 125 40.25 30.40 7.81
CA ALA B 125 39.30 31.52 7.73
C ALA B 125 39.86 32.65 6.85
N SER B 126 40.32 32.30 5.64
CA SER B 126 41.03 33.21 4.70
C SER B 126 40.37 33.18 3.32
N MET B 127 40.43 34.32 2.60
CA MET B 127 39.94 34.48 1.21
C MET B 127 41.14 34.54 0.25
N LEU B 128 41.27 33.54 -0.62
CA LEU B 128 42.36 33.46 -1.63
C LEU B 128 42.08 34.46 -2.75
N GLU B 129 43.07 35.29 -3.11
CA GLU B 129 42.99 36.27 -4.23
C GLU B 129 43.97 35.82 -5.32
N PHE B 130 43.55 35.91 -6.59
CA PHE B 130 44.34 35.56 -7.80
C PHE B 130 44.31 36.72 -8.79
N ASP B 131 45.32 36.81 -9.64
CA ASP B 131 45.44 37.84 -10.70
C ASP B 131 44.53 37.41 -11.86
N PRO B 132 43.47 38.18 -12.19
CA PRO B 132 42.58 37.81 -13.30
C PRO B 132 43.25 37.61 -14.67
N LYS B 133 44.41 38.25 -14.90
CA LYS B 133 45.09 38.28 -16.22
C LYS B 133 46.05 37.09 -16.38
N ASN B 134 46.92 36.84 -15.40
CA ASN B 134 47.96 35.77 -15.44
C ASN B 134 47.50 34.55 -14.63
N HIS B 135 46.45 34.69 -13.82
CA HIS B 135 45.78 33.61 -13.05
C HIS B 135 46.63 33.15 -11.86
N GLN B 136 47.76 33.81 -11.59
CA GLN B 136 48.71 33.42 -10.51
C GLN B 136 48.19 33.94 -9.16
N PHE B 137 48.52 33.22 -8.08
CA PHE B 137 48.12 33.54 -6.69
C PHE B 137 48.79 34.86 -6.26
N LEU B 138 48.04 35.73 -5.58
CA LEU B 138 48.53 37.03 -5.06
C LEU B 138 48.66 36.95 -3.53
N ARG B 139 47.54 36.95 -2.80
CA ARG B 139 47.52 37.06 -1.31
C ARG B 139 46.33 36.28 -0.74
N SER B 140 46.21 36.25 0.58
CA SER B 140 45.11 35.58 1.33
C SER B 140 44.66 36.47 2.50
N LYS B 141 43.82 37.48 2.21
CA LYS B 141 43.21 38.38 3.24
C LYS B 141 42.28 37.55 4.11
N PRO B 142 42.21 37.81 5.45
CA PRO B 142 41.35 37.05 6.34
C PRO B 142 39.87 37.37 6.13
N ILE B 143 38.99 36.40 6.45
CA ILE B 143 37.51 36.50 6.29
C ILE B 143 36.94 37.34 7.44
N ASN B 144 36.37 38.50 7.13
CA ASN B 144 35.63 39.37 8.09
C ASN B 144 34.13 39.21 7.85
N PHE B 145 33.49 38.25 8.52
CA PHE B 145 32.05 37.93 8.40
C PHE B 145 31.22 39.14 8.83
N ASP B 146 30.61 39.84 7.87
CA ASP B 146 29.66 40.96 8.10
C ASP B 146 28.33 40.38 8.60
N THR B 147 28.01 40.56 9.88
CA THR B 147 26.76 40.08 10.53
C THR B 147 25.54 40.76 9.90
N GLY B 148 25.72 41.93 9.29
CA GLY B 148 24.66 42.70 8.60
C GLY B 148 24.24 42.06 7.28
N LEU B 149 25.09 41.22 6.69
CA LEU B 149 24.82 40.47 5.44
C LEU B 149 24.43 39.02 5.76
N SER B 150 23.73 38.37 4.82
CA SER B 150 23.36 36.93 4.84
C SER B 150 24.63 36.08 4.70
N PHE B 151 24.56 34.80 5.10
CA PHE B 151 25.68 33.84 5.03
C PHE B 151 26.19 33.72 3.59
N TRP B 152 25.26 33.58 2.63
CA TRP B 152 25.59 33.36 1.19
C TRP B 152 26.06 34.67 0.55
N GLU B 153 25.55 35.81 1.02
CA GLU B 153 26.05 37.15 0.62
C GLU B 153 27.50 37.29 1.14
N ASN B 154 27.74 36.88 2.38
CA ASN B 154 29.10 36.82 3.00
C ASN B 154 29.99 35.94 2.12
N TRP B 155 29.48 34.78 1.70
CA TRP B 155 30.27 33.78 0.91
C TRP B 155 30.77 34.38 -0.40
N LEU B 156 29.97 35.25 -1.04
CA LEU B 156 30.29 35.85 -2.36
C LEU B 156 31.19 37.08 -2.22
N HIS B 157 31.09 37.81 -1.10
CA HIS B 157 31.70 39.16 -0.92
C HIS B 157 32.90 39.12 0.03
N THR B 158 32.79 38.43 1.17
CA THR B 158 33.83 38.40 2.23
C THR B 158 34.72 37.16 2.11
N VAL B 159 34.18 36.02 1.63
CA VAL B 159 34.88 34.71 1.58
C VAL B 159 35.53 34.50 0.20
N THR B 160 34.91 34.99 -0.87
CA THR B 160 35.29 34.69 -2.28
C THR B 160 35.71 35.97 -2.99
N GLN B 161 36.76 35.90 -3.82
CA GLN B 161 37.25 37.01 -4.66
C GLN B 161 36.36 37.10 -5.91
N SER B 162 35.79 38.28 -6.16
CA SER B 162 35.00 38.58 -7.38
C SER B 162 35.85 38.31 -8.63
N GLY B 163 35.29 37.59 -9.60
CA GLY B 163 35.90 37.38 -10.94
C GLY B 163 36.95 36.28 -10.96
N SER B 164 37.24 35.64 -9.81
CA SER B 164 38.26 34.58 -9.68
C SER B 164 37.81 33.34 -10.46
N LYS B 165 38.64 32.88 -11.40
CA LYS B 165 38.44 31.67 -12.23
C LYS B 165 39.44 30.60 -11.81
N GLY B 166 39.04 29.32 -11.83
CA GLY B 166 39.91 28.19 -11.47
C GLY B 166 39.25 26.86 -11.74
N ILE B 167 40.06 25.83 -12.00
CA ILE B 167 39.63 24.42 -12.22
C ILE B 167 39.30 23.83 -10.85
N VAL B 168 38.16 23.14 -10.72
CA VAL B 168 37.70 22.49 -9.46
C VAL B 168 37.48 21.00 -9.75
N ILE B 169 37.97 20.13 -8.87
CA ILE B 169 37.78 18.65 -8.94
C ILE B 169 37.30 18.17 -7.57
N SER B 170 36.20 17.41 -7.53
CA SER B 170 35.75 16.65 -6.35
C SER B 170 36.47 15.30 -6.34
N ALA B 171 37.25 15.03 -5.29
CA ALA B 171 38.13 13.84 -5.19
C ALA B 171 38.17 13.34 -3.75
N SER B 172 37.95 12.03 -3.59
CA SER B 172 38.33 11.23 -2.40
C SER B 172 39.61 10.46 -2.76
N ASP B 173 40.09 9.58 -1.89
CA ASP B 173 41.26 8.71 -2.16
C ASP B 173 40.97 7.84 -3.39
N VAL B 174 39.71 7.46 -3.60
CA VAL B 174 39.25 6.62 -4.74
C VAL B 174 39.65 7.30 -6.07
N GLN B 175 39.56 8.64 -6.14
CA GLN B 175 39.74 9.41 -7.40
C GLN B 175 41.21 9.81 -7.62
N LEU B 176 42.12 9.35 -6.75
CA LEU B 176 43.57 9.72 -6.77
C LEU B 176 44.14 9.57 -8.19
N ASN B 177 44.15 8.34 -8.72
CA ASN B 177 44.80 8.00 -10.01
C ASN B 177 44.24 8.87 -11.14
N GLU B 178 42.91 8.92 -11.29
CA GLU B 178 42.22 9.69 -12.35
C GLU B 178 42.62 11.17 -12.25
N THR B 179 42.71 11.73 -11.04
CA THR B 179 43.10 13.13 -10.78
C THR B 179 44.55 13.38 -11.25
N ILE B 180 45.45 12.44 -10.97
CA ILE B 180 46.89 12.50 -11.39
C ILE B 180 46.93 12.63 -12.92
N ARG B 181 46.17 11.78 -13.61
CA ARG B 181 46.18 11.65 -15.08
C ARG B 181 45.63 12.94 -15.71
N LEU B 182 44.65 13.58 -15.06
CA LEU B 182 44.08 14.89 -15.49
C LEU B 182 45.17 15.96 -15.35
N LEU B 183 45.86 16.01 -14.20
CA LEU B 183 46.96 16.96 -13.94
C LEU B 183 48.01 16.88 -15.06
N LYS B 184 48.47 15.66 -15.38
CA LYS B 184 49.47 15.41 -16.44
C LYS B 184 49.02 16.06 -17.75
N VAL B 185 47.76 15.88 -18.14
CA VAL B 185 47.18 16.44 -19.40
C VAL B 185 47.14 17.97 -19.31
N LEU B 186 46.73 18.51 -18.15
CA LEU B 186 46.67 19.97 -17.92
C LEU B 186 48.08 20.57 -18.10
N ARG B 187 49.10 19.89 -17.57
CA ARG B 187 50.53 20.29 -17.70
C ARG B 187 50.97 20.18 -19.16
N PHE B 188 50.61 19.09 -19.83
CA PHE B 188 50.98 18.82 -21.25
C PHE B 188 50.44 19.95 -22.16
N ILE B 189 49.24 20.48 -21.87
CA ILE B 189 48.58 21.54 -22.68
C ILE B 189 48.94 22.92 -22.10
N LYS B 190 49.80 22.97 -21.08
CA LYS B 190 50.40 24.20 -20.51
C LYS B 190 49.30 25.05 -19.87
N ASN B 191 48.51 24.46 -18.98
CA ASN B 191 47.44 25.16 -18.22
C ASN B 191 48.09 26.18 -17.28
N ASP B 192 47.56 27.40 -17.23
CA ASP B 192 48.01 28.52 -16.35
C ASP B 192 46.97 28.77 -15.25
N TYR B 193 45.74 28.27 -15.41
CA TYR B 193 44.63 28.46 -14.44
C TYR B 193 44.92 27.66 -13.17
N PRO B 194 44.61 28.18 -11.96
CA PRO B 194 44.81 27.43 -10.73
C PRO B 194 43.86 26.23 -10.68
N ILE B 195 44.25 25.20 -9.94
CA ILE B 195 43.45 23.96 -9.73
C ILE B 195 43.21 23.82 -8.23
N GLN B 196 41.98 23.52 -7.82
CA GLN B 196 41.61 23.24 -6.41
C GLN B 196 40.95 21.88 -6.34
N ILE B 197 41.51 20.97 -5.55
CA ILE B 197 40.95 19.62 -5.29
C ILE B 197 40.18 19.70 -3.96
N VAL B 198 38.85 19.62 -4.04
CA VAL B 198 37.94 19.73 -2.86
C VAL B 198 37.62 18.32 -2.37
N HIS B 199 37.70 18.11 -1.05
CA HIS B 199 37.39 16.83 -0.37
C HIS B 199 36.64 17.12 0.94
N ASN B 200 35.98 16.11 1.50
CA ASN B 200 35.20 16.21 2.77
C ASN B 200 35.91 15.36 3.83
N ALA B 201 37.17 15.70 4.13
CA ALA B 201 38.05 14.99 5.09
C ALA B 201 38.13 13.50 4.71
N ASP B 202 38.24 13.21 3.41
CA ASP B 202 38.33 11.82 2.86
C ASP B 202 39.42 11.76 1.78
N LEU B 203 40.41 12.66 1.87
CA LEU B 203 41.65 12.64 1.03
C LEU B 203 42.87 12.60 1.96
N SER B 204 43.65 11.52 1.88
CA SER B 204 44.80 11.22 2.77
C SER B 204 45.96 12.16 2.46
N GLN B 205 46.88 12.32 3.41
CA GLN B 205 48.12 13.14 3.25
C GLN B 205 48.98 12.51 2.15
N ASP B 206 49.05 11.18 2.10
CA ASP B 206 49.77 10.40 1.04
C ASP B 206 49.26 10.81 -0.35
N SER B 207 47.94 10.86 -0.52
CA SER B 207 47.26 11.22 -1.79
C SER B 207 47.62 12.66 -2.18
N MET B 208 47.53 13.60 -1.24
CA MET B 208 47.84 15.03 -1.46
C MET B 208 49.31 15.16 -1.87
N LYS B 209 50.23 14.49 -1.17
CA LYS B 209 51.68 14.48 -1.45
C LYS B 209 51.93 14.02 -2.89
N SER B 210 51.29 12.91 -3.30
CA SER B 210 51.41 12.30 -4.64
C SER B 210 50.87 13.27 -5.71
N ILE B 211 49.75 13.93 -5.44
CA ILE B 211 49.12 14.95 -6.33
C ILE B 211 50.10 16.12 -6.51
N ILE B 212 50.65 16.65 -5.41
CA ILE B 212 51.61 17.79 -5.41
C ILE B 212 52.85 17.41 -6.25
N LYS B 213 53.33 16.17 -6.10
CA LYS B 213 54.50 15.63 -6.84
C LYS B 213 54.26 15.79 -8.35
N TYR B 214 53.18 15.20 -8.87
CA TYR B 214 52.84 15.18 -10.32
C TYR B 214 52.42 16.58 -10.79
N ALA B 215 51.99 17.44 -9.87
CA ALA B 215 51.57 18.83 -10.14
C ALA B 215 52.79 19.74 -10.33
N ARG B 216 53.87 19.51 -9.58
CA ARG B 216 55.01 20.47 -9.44
C ARG B 216 56.29 19.93 -10.11
N SER B 217 56.63 18.65 -9.93
CA SER B 217 57.91 18.02 -10.37
C SER B 217 58.17 18.30 -11.85
N LEU B 218 59.45 18.43 -12.23
CA LEU B 218 59.96 18.62 -13.61
C LEU B 218 59.31 19.86 -14.25
N ASP B 219 59.32 20.99 -13.54
CA ASP B 219 58.77 22.29 -14.00
C ASP B 219 59.57 22.77 -15.21
N THR B 220 58.88 23.09 -16.31
CA THR B 220 59.46 23.57 -17.61
C THR B 220 58.41 24.41 -18.34
N ALA B 221 58.81 25.13 -19.38
CA ALA B 221 57.92 25.97 -20.23
C ALA B 221 56.96 25.08 -21.02
N GLU B 222 57.37 23.85 -21.36
CA GLU B 222 56.60 22.88 -22.16
C GLU B 222 55.67 22.06 -21.26
N TYR B 223 56.05 21.87 -19.98
CA TYR B 223 55.32 21.07 -18.96
C TYR B 223 55.31 21.84 -17.65
N PRO B 224 54.66 23.03 -17.61
CA PRO B 224 54.71 23.91 -16.44
C PRO B 224 54.00 23.32 -15.21
N ALA B 225 54.51 23.63 -14.02
CA ALA B 225 53.92 23.26 -12.72
C ALA B 225 52.57 23.97 -12.58
N GLN B 226 51.64 23.35 -11.86
CA GLN B 226 50.23 23.83 -11.70
C GLN B 226 50.08 24.48 -10.33
N GLU B 227 49.41 25.64 -10.28
CA GLU B 227 49.04 26.33 -9.02
C GLU B 227 47.92 25.51 -8.36
N LEU B 228 48.27 24.39 -7.75
CA LEU B 228 47.29 23.42 -7.16
C LEU B 228 46.99 23.82 -5.71
N TRP B 229 45.73 23.68 -5.29
CA TRP B 229 45.27 23.88 -3.90
C TRP B 229 44.44 22.67 -3.45
N PHE B 230 44.32 22.47 -2.15
CA PHE B 230 43.40 21.50 -1.51
C PHE B 230 42.42 22.29 -0.63
N LEU B 231 41.17 21.81 -0.52
CA LEU B 231 40.11 22.45 0.27
C LEU B 231 39.33 21.36 1.01
N ASN B 232 39.27 21.47 2.35
CA ASN B 232 38.44 20.59 3.22
C ASN B 232 37.23 21.39 3.69
N VAL B 233 36.03 20.91 3.39
CA VAL B 233 34.74 21.61 3.66
C VAL B 233 34.10 21.03 4.93
N HIS B 234 34.67 19.96 5.50
CA HIS B 234 34.08 19.15 6.60
C HIS B 234 33.62 20.04 7.76
N SER B 235 34.41 21.07 8.08
CA SER B 235 34.14 22.03 9.18
C SER B 235 32.84 22.81 8.91
N LEU B 236 32.59 23.18 7.64
CA LEU B 236 31.41 23.99 7.20
C LEU B 236 30.12 23.17 7.36
N LEU B 237 30.21 21.85 7.17
CA LEU B 237 29.03 20.94 7.12
C LEU B 237 28.62 20.55 8.54
N ASN B 238 27.32 20.63 8.84
CA ASN B 238 26.73 20.20 10.13
C ASN B 238 26.78 18.68 10.20
N PRO B 239 27.36 18.08 11.27
CA PRO B 239 27.59 16.63 11.35
C PRO B 239 26.45 15.68 10.91
N LYS B 240 25.20 16.10 11.06
CA LYS B 240 24.00 15.33 10.63
C LYS B 240 24.04 15.11 9.11
N TYR B 241 24.29 16.18 8.34
CA TYR B 241 24.22 16.21 6.85
C TYR B 241 25.60 15.93 6.23
N SER B 242 26.69 16.01 7.01
CA SER B 242 28.10 15.94 6.53
C SER B 242 28.34 14.62 5.78
N LYS B 243 27.67 13.54 6.17
CA LYS B 243 27.85 12.18 5.61
C LYS B 243 26.83 11.89 4.50
N LYS B 244 25.79 12.74 4.37
CA LYS B 244 24.68 12.55 3.40
C LYS B 244 25.17 12.90 1.97
N PHE B 245 26.13 13.81 1.83
CA PHE B 245 26.78 14.13 0.52
C PHE B 245 27.67 12.96 0.14
N THR B 246 27.19 12.10 -0.76
CA THR B 246 27.83 10.81 -1.15
C THR B 246 27.96 10.71 -2.67
N THR B 247 29.02 10.06 -3.14
CA THR B 247 29.36 9.84 -4.57
C THR B 247 29.31 11.18 -5.31
N TYR B 248 28.36 11.35 -6.23
CA TYR B 248 28.28 12.48 -7.19
C TYR B 248 27.86 13.76 -6.44
N SER B 249 27.14 13.61 -5.33
CA SER B 249 26.69 14.74 -4.46
C SER B 249 27.90 15.57 -4.01
N ASN B 250 29.07 14.94 -3.86
CA ASN B 250 30.33 15.62 -3.44
C ASN B 250 30.64 16.78 -4.39
N LYS B 251 30.24 16.66 -5.66
CA LYS B 251 30.48 17.71 -6.69
C LYS B 251 29.80 19.03 -6.30
N TRP B 252 28.70 18.98 -5.53
CA TRP B 252 28.02 20.19 -5.03
C TRP B 252 28.91 20.88 -3.99
N LEU B 253 29.56 20.11 -3.12
CA LEU B 253 30.51 20.63 -2.10
C LEU B 253 31.71 21.26 -2.83
N ALA B 254 32.25 20.56 -3.83
CA ALA B 254 33.38 21.03 -4.66
C ALA B 254 33.02 22.37 -5.31
N LEU B 255 31.89 22.42 -6.03
CA LEU B 255 31.45 23.59 -6.81
C LEU B 255 31.13 24.76 -5.88
N THR B 256 30.24 24.53 -4.90
CA THR B 256 29.68 25.58 -4.00
C THR B 256 30.81 26.26 -3.23
N PHE B 257 31.68 25.47 -2.57
CA PHE B 257 32.62 25.96 -1.54
C PHE B 257 33.99 26.28 -2.15
N SER B 258 34.22 25.98 -3.44
CA SER B 258 35.49 26.28 -4.15
C SER B 258 35.84 27.75 -3.95
N SER B 259 37.14 28.07 -3.95
CA SER B 259 37.71 29.42 -3.66
C SER B 259 37.52 30.36 -4.86
N PHE B 260 36.96 29.89 -5.98
CA PHE B 260 36.72 30.68 -7.21
C PHE B 260 35.24 31.07 -7.28
N GLU B 261 34.95 32.30 -7.71
CA GLU B 261 33.57 32.79 -7.96
C GLU B 261 33.04 32.10 -9.23
N ILE B 262 33.92 31.88 -10.22
CA ILE B 262 33.57 31.35 -11.57
C ILE B 262 34.35 30.06 -11.79
N PRO B 263 34.09 28.99 -11.00
CA PRO B 263 34.82 27.73 -11.15
C PRO B 263 34.46 27.02 -12.46
N ILE B 264 35.42 26.29 -13.04
CA ILE B 264 35.19 25.29 -14.12
C ILE B 264 35.35 23.91 -13.48
N LEU B 265 34.23 23.29 -13.10
CA LEU B 265 34.19 21.94 -12.45
C LEU B 265 34.51 20.88 -13.50
N MET B 266 35.36 19.91 -13.14
CA MET B 266 35.76 18.79 -14.02
C MET B 266 35.66 17.48 -13.23
N ASP B 267 35.17 16.43 -13.88
CA ASP B 267 35.33 15.02 -13.42
C ASP B 267 36.83 14.71 -13.38
N SER B 268 37.25 13.81 -12.49
CA SER B 268 38.61 13.24 -12.48
C SER B 268 38.84 12.47 -13.79
N ASP B 269 37.79 11.86 -14.35
CA ASP B 269 37.82 11.08 -15.62
C ASP B 269 37.66 12.00 -16.84
N THR B 270 37.46 13.31 -16.64
CA THR B 270 37.33 14.31 -17.74
C THR B 270 38.72 14.60 -18.33
N VAL B 271 38.77 14.86 -19.64
CA VAL B 271 40.01 15.22 -20.40
C VAL B 271 39.70 16.40 -21.30
N PRO B 272 40.27 17.60 -21.03
CA PRO B 272 40.15 18.74 -21.94
C PRO B 272 41.23 18.70 -23.03
N PHE B 273 40.84 18.99 -24.28
CA PHE B 273 41.73 18.98 -25.47
C PHE B 273 41.96 20.40 -26.00
N VAL B 274 41.48 21.42 -25.27
CA VAL B 274 41.67 22.86 -25.59
C VAL B 274 42.08 23.57 -24.29
N SER B 275 42.69 24.75 -24.40
CA SER B 275 43.05 25.62 -23.25
C SER B 275 41.78 25.98 -22.48
N ILE B 276 41.85 26.02 -21.15
CA ILE B 276 40.71 26.31 -20.24
C ILE B 276 40.03 27.62 -20.66
N LYS B 277 40.81 28.61 -21.10
CA LYS B 277 40.29 29.96 -21.49
C LYS B 277 39.27 29.81 -22.63
N LYS B 278 39.43 28.82 -23.51
CA LYS B 278 38.54 28.58 -24.67
C LYS B 278 37.13 28.22 -24.18
N PHE B 279 37.01 27.51 -23.05
CA PHE B 279 35.70 27.14 -22.43
C PHE B 279 35.01 28.41 -21.94
N TYR B 280 35.71 29.26 -21.20
CA TYR B 280 35.24 30.56 -20.67
C TYR B 280 34.85 31.48 -21.84
N GLU B 281 35.53 31.37 -22.98
CA GLU B 281 35.31 32.22 -24.18
C GLU B 281 34.03 31.81 -24.91
N LEU B 282 33.51 30.59 -24.68
CA LEU B 282 32.28 30.08 -25.35
C LEU B 282 31.12 31.05 -25.09
N GLU B 283 30.35 31.37 -26.13
CA GLU B 283 29.31 32.42 -26.12
C GLU B 283 28.21 32.06 -25.09
N GLU B 284 27.90 30.78 -24.94
CA GLU B 284 26.83 30.29 -24.01
C GLU B 284 27.16 30.77 -22.59
N PHE B 285 28.40 30.59 -22.13
CA PHE B 285 28.83 31.04 -20.79
C PHE B 285 28.82 32.58 -20.72
N GLN B 286 29.34 33.25 -21.75
CA GLN B 286 29.44 34.74 -21.80
C GLN B 286 28.06 35.36 -21.57
N LYS B 287 27.02 34.79 -22.19
CA LYS B 287 25.66 35.38 -22.27
C LYS B 287 24.80 34.98 -21.06
N THR B 288 25.03 33.82 -20.45
CA THR B 288 24.16 33.21 -19.41
C THR B 288 24.89 33.08 -18.07
N GLY B 289 26.21 32.83 -18.09
CA GLY B 289 27.02 32.61 -16.87
C GLY B 289 27.01 31.16 -16.43
N VAL B 290 26.53 30.25 -17.27
CA VAL B 290 26.68 28.77 -17.09
C VAL B 290 27.12 28.17 -18.43
N LEU B 291 28.03 27.19 -18.37
CA LEU B 291 28.38 26.31 -19.51
C LEU B 291 27.92 24.89 -19.18
N PHE B 292 26.82 24.48 -19.82
CA PHE B 292 26.20 23.13 -19.69
C PHE B 292 26.32 22.41 -21.04
N PHE B 293 26.76 21.14 -21.02
CA PHE B 293 26.86 20.28 -22.22
C PHE B 293 25.76 19.22 -22.19
N LYS B 294 25.30 18.79 -23.37
CA LYS B 294 24.22 17.79 -23.56
C LYS B 294 24.81 16.39 -23.35
N ASP B 295 23.98 15.46 -22.87
CA ASP B 295 24.36 14.06 -22.56
C ASP B 295 24.01 13.17 -23.76
N ARG B 296 24.38 11.89 -23.71
CA ARG B 296 23.84 10.84 -24.61
C ARG B 296 22.31 10.89 -24.57
N VAL B 297 21.66 10.61 -25.70
CA VAL B 297 20.19 10.32 -25.76
C VAL B 297 20.02 8.81 -25.50
N ILE B 298 19.43 8.44 -24.36
CA ILE B 298 19.13 7.03 -23.97
C ILE B 298 17.63 6.79 -24.12
N SER B 299 17.23 6.09 -25.19
CA SER B 299 15.83 5.77 -25.53
C SER B 299 15.39 4.46 -24.87
N ASP B 300 16.30 3.78 -24.17
CA ASP B 300 16.04 2.54 -23.39
C ASP B 300 15.29 2.88 -22.10
N ASP B 301 15.77 3.89 -21.37
CA ASP B 301 15.41 4.21 -19.97
C ASP B 301 14.48 5.43 -19.96
N LEU B 302 13.16 5.19 -19.96
CA LEU B 302 12.11 6.22 -20.11
C LEU B 302 11.37 6.41 -18.78
N PHE B 303 10.87 7.63 -18.54
CA PHE B 303 10.04 7.99 -17.37
C PHE B 303 8.68 7.30 -17.48
N GLU B 304 8.14 6.85 -16.34
CA GLU B 304 6.73 6.39 -16.21
C GLU B 304 5.82 7.63 -16.28
N SER B 305 4.56 7.45 -16.69
CA SER B 305 3.54 8.52 -16.78
C SER B 305 3.35 9.16 -15.40
N SER B 306 3.40 8.36 -14.33
CA SER B 306 3.26 8.81 -12.91
C SER B 306 4.41 9.76 -12.55
N GLU B 307 5.62 9.46 -13.02
CA GLU B 307 6.84 10.27 -12.78
C GLU B 307 6.72 11.61 -13.51
N LEU B 308 6.33 11.59 -14.79
CA LEU B 308 6.16 12.80 -15.63
C LEU B 308 5.07 13.71 -15.05
N LYS B 309 3.97 13.11 -14.56
CA LYS B 309 2.84 13.85 -13.91
C LYS B 309 3.39 14.69 -12.76
N ILE B 310 4.24 14.09 -11.92
CA ILE B 310 4.85 14.73 -10.72
C ILE B 310 5.80 15.85 -11.19
N LEU B 311 6.62 15.60 -12.22
CA LEU B 311 7.57 16.60 -12.79
C LEU B 311 6.79 17.78 -13.39
N ARG B 312 5.67 17.50 -14.09
CA ARG B 312 4.81 18.54 -14.72
C ARG B 312 4.22 19.45 -13.64
N GLU B 313 3.79 18.88 -12.51
CA GLU B 313 3.19 19.63 -11.37
C GLU B 313 4.27 20.53 -10.74
N ILE B 314 5.49 20.02 -10.58
CA ILE B 314 6.64 20.76 -9.99
C ILE B 314 6.96 21.96 -10.87
N VAL B 315 7.05 21.76 -12.18
CA VAL B 315 7.43 22.80 -13.17
C VAL B 315 6.35 23.90 -13.15
N TYR B 316 5.07 23.51 -13.24
CA TYR B 316 3.92 24.45 -13.21
C TYR B 316 3.88 25.17 -11.86
N GLY B 317 4.07 24.42 -10.76
CA GLY B 317 4.06 24.96 -9.39
C GLY B 317 5.17 25.98 -9.16
N CYS B 318 6.29 25.85 -9.87
CA CYS B 318 7.52 26.66 -9.66
C CYS B 318 7.53 27.89 -10.57
N ILE B 319 7.24 27.72 -11.85
CA ILE B 319 7.40 28.80 -12.88
C ILE B 319 6.16 28.94 -13.77
N GLY B 320 5.03 28.31 -13.40
CA GLY B 320 3.73 28.43 -14.10
C GLY B 320 3.80 28.00 -15.56
N LEU B 321 4.69 27.06 -15.89
CA LEU B 321 4.88 26.53 -17.27
C LEU B 321 4.04 25.25 -17.41
N ASP B 322 3.16 25.21 -18.42
CA ASP B 322 2.24 24.06 -18.68
C ASP B 322 2.83 23.22 -19.81
N LEU B 323 3.12 21.94 -19.53
CA LEU B 323 3.81 21.00 -20.45
C LEU B 323 2.83 19.89 -20.89
N GLU B 324 1.58 20.28 -21.17
CA GLU B 324 0.47 19.34 -21.48
C GLU B 324 0.66 18.74 -22.88
N ASP B 325 0.89 19.59 -23.90
CA ASP B 325 1.07 19.17 -25.31
C ASP B 325 2.37 19.76 -25.87
N GLU B 326 3.00 19.03 -26.81
CA GLU B 326 4.30 19.37 -27.44
C GLU B 326 4.24 20.76 -28.10
N SER B 327 3.10 21.10 -28.70
CA SER B 327 2.92 22.34 -29.51
C SER B 327 3.19 23.59 -28.65
N LYS B 328 2.77 23.59 -27.38
CA LYS B 328 2.80 24.79 -26.49
C LYS B 328 4.10 24.86 -25.69
N ILE B 329 5.00 23.87 -25.82
CA ILE B 329 6.34 23.86 -25.19
C ILE B 329 7.22 24.88 -25.93
N HIS B 330 7.35 24.73 -27.25
CA HIS B 330 8.11 25.64 -28.15
C HIS B 330 7.66 27.10 -27.93
N GLU B 331 6.37 27.31 -27.63
CA GLU B 331 5.77 28.66 -27.44
C GLU B 331 6.30 29.31 -26.15
N GLN B 332 6.29 28.56 -25.03
CA GLN B 332 6.51 29.11 -23.67
C GLN B 332 8.01 29.17 -23.31
N VAL B 333 8.88 28.58 -24.13
CA VAL B 333 10.36 28.53 -23.89
C VAL B 333 11.06 29.23 -25.06
N GLU B 334 11.66 30.39 -24.79
CA GLU B 334 12.21 31.32 -25.82
C GLU B 334 13.47 30.73 -26.46
N ASP B 335 14.26 29.96 -25.71
CA ASP B 335 15.52 29.33 -26.18
C ASP B 335 15.21 27.94 -26.74
N PRO B 336 15.29 27.76 -28.08
CA PRO B 336 14.98 26.47 -28.71
C PRO B 336 15.85 25.31 -28.21
N VAL B 337 17.09 25.59 -27.82
CA VAL B 337 18.05 24.58 -27.27
C VAL B 337 17.46 24.02 -25.97
N VAL B 338 16.91 24.90 -25.12
CA VAL B 338 16.28 24.52 -23.82
C VAL B 338 14.93 23.85 -24.10
N ALA B 339 14.19 24.36 -25.09
CA ALA B 339 12.87 23.82 -25.53
C ALA B 339 13.05 22.36 -25.97
N GLN B 340 14.09 22.09 -26.75
CA GLN B 340 14.43 20.73 -27.26
C GLN B 340 14.63 19.77 -26.07
N VAL B 341 15.30 20.24 -25.02
CA VAL B 341 15.60 19.43 -23.79
C VAL B 341 14.27 19.11 -23.09
N LEU B 342 13.37 20.09 -22.98
CA LEU B 342 12.04 19.93 -22.31
C LEU B 342 11.14 19.02 -23.18
N GLU B 343 11.19 19.17 -24.51
CA GLU B 343 10.49 18.28 -25.45
C GLU B 343 10.95 16.84 -25.21
N ASN B 344 12.27 16.62 -25.19
CA ASN B 344 12.89 15.29 -24.99
C ASN B 344 12.41 14.67 -23.66
N MET B 345 12.23 15.48 -22.62
CA MET B 345 11.91 15.00 -21.25
C MET B 345 10.42 14.63 -21.15
N PHE B 346 9.53 15.52 -21.61
CA PHE B 346 8.07 15.47 -21.30
C PHE B 346 7.26 14.84 -22.45
N ILE B 347 7.83 14.77 -23.66
CA ILE B 347 7.19 14.11 -24.84
C ILE B 347 7.82 12.73 -25.05
N LYS B 348 9.13 12.70 -25.25
CA LYS B 348 9.92 11.48 -25.59
C LYS B 348 10.27 10.72 -24.30
N LYS B 349 10.07 11.34 -23.14
CA LYS B 349 10.13 10.69 -21.79
C LYS B 349 11.57 10.33 -21.41
N TYR B 350 12.57 10.99 -22.01
CA TYR B 350 14.02 10.75 -21.76
C TYR B 350 14.40 11.30 -20.37
N LYS B 351 15.39 10.67 -19.72
CA LYS B 351 15.80 10.96 -18.32
C LYS B 351 17.15 11.69 -18.27
N HIS B 352 17.97 11.60 -19.32
CA HIS B 352 19.38 12.08 -19.34
C HIS B 352 19.54 13.23 -20.35
N HIS B 353 19.87 14.43 -19.88
CA HIS B 353 19.86 15.69 -20.66
C HIS B 353 21.20 16.44 -20.55
N LEU B 354 21.78 16.51 -19.35
CA LEU B 354 23.04 17.27 -19.09
C LEU B 354 24.16 16.28 -18.72
N GLU B 355 25.37 16.52 -19.22
CA GLU B 355 26.59 15.81 -18.75
C GLU B 355 27.46 16.80 -17.96
N SER B 356 27.64 16.54 -16.66
CA SER B 356 28.29 17.45 -15.69
C SER B 356 29.80 17.16 -15.59
N GLY B 357 30.39 16.52 -16.62
CA GLY B 357 31.82 16.19 -16.68
C GLY B 357 32.66 17.45 -16.73
N LEU B 358 32.17 18.48 -17.42
CA LEU B 358 32.76 19.84 -17.47
C LEU B 358 31.61 20.84 -17.34
N VAL B 359 31.66 21.67 -16.30
CA VAL B 359 30.61 22.68 -15.98
C VAL B 359 31.31 23.97 -15.56
N ILE B 360 30.94 25.09 -16.17
CA ILE B 360 31.28 26.47 -15.69
C ILE B 360 30.00 27.08 -15.12
N LEU B 361 30.08 27.65 -13.92
CA LEU B 361 28.95 28.30 -13.22
C LEU B 361 29.45 29.56 -12.50
N HIS B 362 28.97 30.74 -12.91
CA HIS B 362 29.28 32.05 -12.29
C HIS B 362 28.42 32.24 -11.04
N LYS B 363 28.99 32.01 -9.85
CA LYS B 363 28.27 32.03 -8.55
C LYS B 363 27.68 33.43 -8.28
N GLY B 364 28.28 34.48 -8.83
CA GLY B 364 27.76 35.86 -8.76
C GLY B 364 26.35 35.94 -9.32
N LYS B 365 26.04 35.13 -10.35
CA LYS B 365 24.76 35.17 -11.10
C LYS B 365 23.92 33.91 -10.85
N HIS B 366 24.48 32.86 -10.25
CA HIS B 366 23.87 31.50 -10.24
C HIS B 366 23.96 30.79 -8.89
N LEU B 367 24.35 31.46 -7.81
CA LEU B 367 24.49 30.81 -6.48
C LEU B 367 23.11 30.30 -6.02
N PHE B 368 22.08 31.14 -6.10
CA PHE B 368 20.69 30.83 -5.63
C PHE B 368 20.14 29.64 -6.42
N SER B 369 20.43 29.57 -7.71
CA SER B 369 20.07 28.43 -8.61
C SER B 369 20.77 27.15 -8.13
N MET B 370 22.08 27.26 -7.85
CA MET B 370 22.96 26.16 -7.38
C MET B 370 22.40 25.58 -6.07
N LEU B 371 21.99 26.45 -5.14
CA LEU B 371 21.46 26.05 -3.82
C LEU B 371 20.10 25.35 -3.99
N THR B 372 19.35 25.71 -5.04
CA THR B 372 18.10 25.01 -5.45
C THR B 372 18.46 23.61 -5.97
N SER B 373 19.49 23.53 -6.81
CA SER B 373 20.02 22.24 -7.36
C SER B 373 20.31 21.28 -6.20
N ILE B 374 20.95 21.78 -5.14
CA ILE B 374 21.32 20.99 -3.92
C ILE B 374 20.04 20.51 -3.23
N ALA B 375 19.05 21.40 -3.05
CA ALA B 375 17.73 21.08 -2.45
C ALA B 375 17.10 19.93 -3.24
N LEU B 376 17.07 20.04 -4.57
CA LEU B 376 16.49 19.03 -5.51
C LEU B 376 17.28 17.72 -5.43
N GLN B 377 18.61 17.79 -5.32
CA GLN B 377 19.53 16.63 -5.24
C GLN B 377 19.11 15.73 -4.07
N PHE B 378 18.63 16.33 -2.97
CA PHE B 378 18.21 15.61 -1.74
C PHE B 378 16.71 15.80 -1.53
N SER B 379 15.93 15.72 -2.61
CA SER B 379 14.46 15.86 -2.64
C SER B 379 13.83 14.51 -2.97
N PRO B 380 12.48 14.38 -2.88
CA PRO B 380 11.80 13.16 -3.32
C PRO B 380 12.07 12.73 -4.78
N ILE B 381 12.47 13.65 -5.66
CA ILE B 381 12.73 13.37 -7.11
C ILE B 381 14.22 13.08 -7.34
N ALA B 382 15.01 12.90 -6.27
CA ALA B 382 16.44 12.52 -6.33
C ALA B 382 16.60 11.20 -7.10
N GLU B 383 15.68 10.25 -6.87
CA GLU B 383 15.72 8.87 -7.41
C GLU B 383 15.34 8.85 -8.90
N TYR B 384 14.76 9.93 -9.42
CA TYR B 384 14.30 10.04 -10.83
C TYR B 384 15.49 10.16 -11.79
N PHE B 385 16.59 10.76 -11.32
CA PHE B 385 17.78 11.12 -12.14
C PHE B 385 19.02 10.44 -11.58
N HIS B 386 20.00 10.20 -12.45
CA HIS B 386 21.30 9.54 -12.12
C HIS B 386 22.30 10.61 -11.66
N GLY B 387 22.65 10.58 -10.37
CA GLY B 387 23.64 11.50 -9.74
C GLY B 387 23.21 12.95 -9.83
N ASP B 388 24.18 13.83 -10.07
CA ASP B 388 24.07 15.32 -9.94
C ASP B 388 23.64 15.97 -11.27
N LYS B 389 24.07 15.40 -12.39
CA LYS B 389 24.19 16.10 -13.70
C LYS B 389 22.91 16.89 -14.02
N ASP B 390 21.74 16.27 -13.91
CA ASP B 390 20.47 16.83 -14.44
C ASP B 390 19.88 17.86 -13.48
N PHE B 391 20.34 17.89 -12.22
CA PHE B 391 19.88 18.87 -11.20
C PHE B 391 20.52 20.24 -11.43
N PHE B 392 21.57 20.30 -12.25
CA PHE B 392 22.24 21.56 -12.65
C PHE B 392 21.23 22.46 -13.38
N TRP B 393 20.58 21.94 -14.42
CA TRP B 393 19.64 22.70 -15.29
C TRP B 393 18.24 22.77 -14.66
N LEU B 394 17.82 21.73 -13.92
CA LEU B 394 16.53 21.73 -13.20
C LEU B 394 16.52 22.83 -12.13
N GLY B 395 17.64 23.01 -11.43
CA GLY B 395 17.83 24.11 -10.46
C GLY B 395 17.65 25.47 -11.12
N GLU B 396 18.22 25.64 -12.31
CA GLU B 396 18.13 26.90 -13.10
C GLU B 396 16.67 27.10 -13.53
N LEU B 397 16.04 26.06 -14.08
CA LEU B 397 14.66 26.09 -14.63
C LEU B 397 13.67 26.47 -13.53
N LEU B 398 13.70 25.75 -12.40
CA LEU B 398 12.69 25.87 -11.31
C LEU B 398 12.94 27.15 -10.50
N SER B 399 14.16 27.67 -10.48
CA SER B 399 14.54 28.95 -9.80
C SER B 399 14.19 30.15 -10.69
N ASN B 400 13.85 29.89 -11.96
CA ASN B 400 13.50 30.91 -12.97
C ASN B 400 14.72 31.81 -13.24
N ASN B 401 15.91 31.22 -13.28
CA ASN B 401 17.18 31.91 -13.63
C ASN B 401 17.51 31.63 -15.09
N ARG B 402 18.07 32.61 -15.81
CA ARG B 402 18.47 32.47 -17.24
C ARG B 402 19.58 31.43 -17.34
N PHE B 403 19.43 30.46 -18.24
CA PHE B 403 20.44 29.42 -18.56
C PHE B 403 20.24 28.94 -19.99
N THR B 404 21.22 28.21 -20.52
CA THR B 404 21.12 27.48 -21.81
C THR B 404 22.14 26.33 -21.80
N PHE B 405 22.14 25.53 -22.87
CA PHE B 405 23.12 24.46 -23.13
C PHE B 405 23.97 24.86 -24.33
N HIS B 406 25.19 24.32 -24.42
CA HIS B 406 25.96 24.26 -25.67
C HIS B 406 25.14 23.40 -26.64
N PRO B 407 24.75 23.94 -27.82
CA PRO B 407 23.75 23.30 -28.67
C PRO B 407 24.19 22.00 -29.37
N VAL B 408 25.50 21.71 -29.39
CA VAL B 408 26.08 20.54 -30.12
C VAL B 408 25.78 19.26 -29.32
N ASP B 409 25.21 18.25 -30.00
CA ASP B 409 24.87 16.94 -29.41
C ASP B 409 26.17 16.23 -28.99
N ALA B 410 26.13 15.48 -27.88
CA ALA B 410 27.22 14.61 -27.41
C ALA B 410 27.59 13.62 -28.52
N SER B 411 28.84 13.17 -28.54
CA SER B 411 29.41 12.34 -29.62
C SER B 411 30.26 11.21 -29.04
N ASN B 412 30.48 10.17 -29.84
CA ASN B 412 31.35 9.00 -29.52
C ASN B 412 32.71 9.24 -30.20
N ILE B 413 33.80 8.76 -29.59
CA ILE B 413 35.20 9.00 -30.08
C ILE B 413 36.02 7.71 -29.92
N GLY B 414 36.76 7.34 -30.97
CA GLY B 414 37.63 6.17 -31.00
C GLY B 414 38.04 5.80 -32.41
N GLN B 415 38.10 4.50 -32.71
CA GLN B 415 38.48 3.94 -34.04
C GLN B 415 37.23 3.83 -34.90
N LEU B 416 37.32 4.26 -36.17
CA LEU B 416 36.21 4.19 -37.16
C LEU B 416 36.22 2.81 -37.82
N GLY B 417 35.65 1.81 -37.12
CA GLY B 417 35.48 0.44 -37.65
C GLY B 417 34.54 0.43 -38.85
N ASN B 418 34.91 -0.29 -39.91
CA ASN B 418 34.08 -0.45 -41.14
C ASN B 418 32.90 -1.38 -40.84
N VAL B 419 31.69 -0.96 -41.20
CA VAL B 419 30.42 -1.76 -41.11
C VAL B 419 30.17 -2.36 -42.51
N VAL B 420 30.04 -3.69 -42.58
CA VAL B 420 29.97 -4.45 -43.85
C VAL B 420 28.54 -4.32 -44.37
N SER B 421 28.37 -3.82 -45.59
CA SER B 421 27.05 -3.62 -46.25
C SER B 421 27.31 -3.37 -47.74
N LYS B 422 27.31 -4.45 -48.53
CA LYS B 422 27.39 -4.42 -50.02
C LYS B 422 26.21 -3.61 -50.58
N GLU B 423 25.04 -3.72 -49.95
CA GLU B 423 23.76 -3.06 -50.38
C GLU B 423 23.94 -1.54 -50.36
N SER B 424 24.61 -1.02 -49.32
CA SER B 424 24.98 0.42 -49.21
C SER B 424 26.17 0.67 -50.14
N THR B 425 26.33 1.91 -50.61
CA THR B 425 27.39 2.33 -51.57
C THR B 425 28.34 3.34 -50.91
N GLY B 426 27.87 4.10 -49.91
CA GLY B 426 28.67 5.10 -49.17
C GLY B 426 29.58 4.46 -48.14
N GLU B 427 30.14 5.30 -47.26
CA GLU B 427 31.03 4.91 -46.13
C GLU B 427 30.17 4.71 -44.87
N PHE B 428 30.20 3.49 -44.33
CA PHE B 428 29.50 3.05 -43.09
C PHE B 428 30.55 2.79 -42.00
N TYR B 429 30.53 3.61 -40.93
CA TYR B 429 31.49 3.54 -39.79
C TYR B 429 30.73 3.29 -38.48
N GLN B 430 31.44 2.74 -37.49
CA GLN B 430 30.94 2.45 -36.12
C GLN B 430 32.05 2.72 -35.11
N ILE B 431 31.73 3.42 -34.01
CA ILE B 431 32.61 3.58 -32.81
C ILE B 431 31.86 2.96 -31.63
N CYS B 432 32.51 2.07 -30.88
CA CYS B 432 32.02 1.51 -29.59
C CYS B 432 33.01 1.86 -28.48
N SER B 433 32.61 2.73 -27.55
CA SER B 433 33.51 3.23 -26.47
C SER B 433 32.70 3.62 -25.21
N VAL B 434 33.42 3.81 -24.12
CA VAL B 434 32.93 4.39 -22.82
C VAL B 434 33.12 5.90 -22.88
N GLN B 435 33.91 6.40 -23.83
CA GLN B 435 34.23 7.85 -23.97
C GLN B 435 33.02 8.58 -24.56
N LEU B 436 32.66 9.70 -23.94
CA LEU B 436 31.61 10.64 -24.40
C LEU B 436 32.29 11.97 -24.72
N SER B 437 32.38 12.32 -26.00
CA SER B 437 33.10 13.50 -26.52
C SER B 437 32.12 14.67 -26.72
N HIS B 438 32.66 15.90 -26.73
CA HIS B 438 31.92 17.16 -26.95
C HIS B 438 32.71 18.04 -27.92
N THR B 439 32.12 18.35 -29.08
CA THR B 439 32.75 19.14 -30.17
C THR B 439 32.13 20.54 -30.21
N ASP B 440 32.87 21.51 -30.76
CA ASP B 440 32.37 22.88 -31.07
C ASP B 440 31.57 22.81 -32.38
N ARG B 441 30.96 23.93 -32.78
CA ARG B 441 30.18 24.07 -34.04
C ARG B 441 31.08 23.75 -35.24
N ASP B 442 32.34 24.19 -35.22
CA ASP B 442 33.33 24.01 -36.32
C ASP B 442 33.74 22.52 -36.41
N GLY B 443 33.60 21.76 -35.32
CA GLY B 443 33.86 20.31 -35.27
C GLY B 443 35.14 19.94 -34.53
N SER B 444 35.78 20.91 -33.86
CA SER B 444 36.98 20.70 -33.01
C SER B 444 36.55 20.00 -31.71
N LEU B 445 37.38 19.08 -31.22
CA LEU B 445 37.17 18.35 -29.94
C LEU B 445 37.49 19.30 -28.78
N LEU B 446 36.52 19.53 -27.89
CA LEU B 446 36.66 20.39 -26.69
C LEU B 446 37.10 19.54 -25.50
N TRP B 447 36.39 18.44 -25.21
CA TRP B 447 36.66 17.55 -24.06
C TRP B 447 35.87 16.24 -24.18
N LEU B 448 36.22 15.25 -23.34
CA LEU B 448 35.44 14.00 -23.16
C LEU B 448 35.44 13.59 -21.68
N ASN B 449 34.47 12.75 -21.28
CA ASN B 449 34.45 12.02 -19.98
C ASN B 449 34.66 10.54 -20.30
N GLY B 450 35.21 9.78 -19.34
CA GLY B 450 35.40 8.32 -19.43
C GLY B 450 36.86 7.92 -19.46
N GLY B 451 37.78 8.87 -19.25
CA GLY B 451 39.24 8.63 -19.32
C GLY B 451 39.68 8.26 -20.73
N LEU B 452 40.89 7.71 -20.88
CA LEU B 452 41.49 7.39 -22.19
C LEU B 452 41.99 5.93 -22.23
N ASN B 453 41.44 5.07 -21.37
CA ASN B 453 41.58 3.59 -21.47
C ASN B 453 40.26 3.01 -21.99
N ILE B 454 40.27 1.76 -22.47
CA ILE B 454 39.10 1.09 -23.10
C ILE B 454 37.94 1.03 -22.09
N CYS B 455 38.22 0.66 -20.84
CA CYS B 455 37.21 0.43 -19.77
C CYS B 455 37.83 0.65 -18.39
N LYS B 456 37.27 1.57 -17.60
CA LYS B 456 37.73 1.93 -16.23
C LYS B 456 37.17 0.95 -15.19
N LYS B 457 36.10 0.22 -15.52
CA LYS B 457 35.37 -0.67 -14.58
C LYS B 457 36.12 -2.01 -14.45
N THR B 458 36.11 -2.60 -13.26
CA THR B 458 36.75 -3.91 -12.95
C THR B 458 35.73 -5.05 -13.18
N SER B 459 35.32 -5.23 -14.44
CA SER B 459 34.15 -6.08 -14.85
C SER B 459 34.57 -7.17 -15.85
N TRP B 460 35.88 -7.40 -16.02
CA TRP B 460 36.41 -8.33 -17.05
C TRP B 460 35.96 -9.77 -16.77
N GLU B 461 35.77 -10.13 -15.49
CA GLU B 461 35.34 -11.50 -15.08
C GLU B 461 33.92 -11.74 -15.59
N TYR B 462 32.99 -10.82 -15.30
CA TYR B 462 31.57 -10.88 -15.75
C TYR B 462 31.50 -10.74 -17.27
N ASP B 463 32.15 -9.72 -17.82
CA ASP B 463 32.05 -9.31 -19.24
C ASP B 463 32.54 -10.43 -20.16
N TYR B 464 33.62 -11.12 -19.78
CA TYR B 464 34.22 -12.23 -20.57
C TYR B 464 33.21 -13.39 -20.69
N GLU B 465 32.49 -13.70 -19.61
CA GLU B 465 31.57 -14.86 -19.53
C GLU B 465 30.25 -14.54 -20.27
N HIS B 466 29.84 -13.27 -20.32
CA HIS B 466 28.46 -12.84 -20.68
C HIS B 466 28.43 -12.12 -22.03
N ARG B 467 29.57 -11.63 -22.55
CA ARG B 467 29.65 -10.90 -23.85
C ARG B 467 30.34 -11.75 -24.90
N GLN B 468 29.64 -12.05 -26.01
CA GLN B 468 30.15 -12.90 -27.12
C GLN B 468 31.46 -12.32 -27.68
N ARG B 469 31.42 -11.08 -28.16
CA ARG B 469 32.58 -10.42 -28.84
C ARG B 469 33.84 -10.62 -27.99
N LEU B 470 33.74 -10.37 -26.68
CA LEU B 470 34.88 -10.44 -25.73
C LEU B 470 35.23 -11.91 -25.48
N ASN B 471 34.22 -12.77 -25.31
CA ASN B 471 34.38 -14.22 -25.04
C ASN B 471 35.15 -14.90 -26.19
N ASP B 472 34.76 -14.60 -27.43
CA ASP B 472 35.39 -15.15 -28.67
C ASP B 472 36.80 -14.57 -28.81
N MET B 473 36.92 -13.24 -28.74
CA MET B 473 38.14 -12.44 -29.05
C MET B 473 39.30 -12.83 -28.12
N PHE B 474 39.03 -13.20 -26.86
CA PHE B 474 40.06 -13.50 -25.83
C PHE B 474 39.92 -14.96 -25.35
N GLN B 475 40.96 -15.46 -24.70
CA GLN B 475 41.08 -16.88 -24.24
C GLN B 475 40.76 -16.97 -22.74
N ASN B 476 41.12 -15.94 -21.96
CA ASN B 476 40.82 -15.83 -20.51
C ASN B 476 40.15 -14.48 -20.23
N ALA B 477 39.60 -14.30 -19.03
CA ALA B 477 39.11 -13.02 -18.50
C ALA B 477 40.30 -12.07 -18.25
N ASP B 478 41.48 -12.64 -18.00
CA ASP B 478 42.74 -11.89 -17.71
C ASP B 478 43.19 -11.15 -18.97
N GLU B 479 43.01 -11.76 -20.15
CA GLU B 479 43.34 -11.11 -21.46
C GLU B 479 42.41 -9.91 -21.67
N LEU B 480 41.13 -10.04 -21.29
CA LEU B 480 40.12 -8.95 -21.37
C LEU B 480 40.51 -7.82 -20.41
N ARG B 481 41.01 -8.16 -19.22
CA ARG B 481 41.49 -7.18 -18.21
C ARG B 481 42.55 -6.28 -18.85
N GLU B 482 43.49 -6.87 -19.59
CA GLU B 482 44.62 -6.16 -20.25
C GLU B 482 44.08 -5.26 -21.36
N TYR B 483 43.09 -5.74 -22.13
CA TYR B 483 42.41 -4.98 -23.22
C TYR B 483 41.73 -3.75 -22.61
N TYR B 484 41.01 -3.94 -21.50
CA TYR B 484 40.28 -2.89 -20.76
C TYR B 484 41.25 -1.81 -20.26
N ALA B 485 42.45 -2.22 -19.82
CA ALA B 485 43.49 -1.33 -19.27
C ALA B 485 44.28 -0.66 -20.40
N SER B 486 44.21 -1.19 -21.63
CA SER B 486 44.98 -0.70 -22.81
C SER B 486 44.50 0.70 -23.18
N PRO B 487 45.38 1.55 -23.74
CA PRO B 487 44.99 2.91 -24.13
C PRO B 487 44.04 2.90 -25.33
N VAL B 488 43.16 3.91 -25.41
CA VAL B 488 42.19 4.11 -26.52
C VAL B 488 42.94 4.80 -27.65
N LYS B 489 42.42 4.72 -28.89
CA LYS B 489 43.02 5.33 -30.10
C LYS B 489 41.99 6.26 -30.75
N LEU B 490 42.21 7.58 -30.64
CA LEU B 490 41.28 8.64 -31.10
C LEU B 490 41.56 8.94 -32.58
N GLU B 491 40.76 8.36 -33.47
CA GLU B 491 40.94 8.45 -34.94
C GLU B 491 39.80 9.25 -35.57
N GLY B 492 38.61 9.25 -34.96
CA GLY B 492 37.43 9.96 -35.47
C GLY B 492 36.36 10.16 -34.41
N ILE B 493 35.33 10.94 -34.76
CA ILE B 493 34.15 11.26 -33.90
C ILE B 493 32.89 11.01 -34.72
N ILE B 494 31.88 10.36 -34.13
CA ILE B 494 30.52 10.22 -34.73
C ILE B 494 29.53 10.95 -33.82
N ILE B 495 28.77 11.90 -34.39
CA ILE B 495 27.60 12.55 -33.73
C ILE B 495 26.36 11.82 -34.22
N PRO B 496 25.83 10.83 -33.47
CA PRO B 496 24.74 10.00 -33.96
C PRO B 496 23.47 10.82 -34.22
N ASP B 497 22.67 10.40 -35.20
CA ASP B 497 21.29 10.91 -35.46
C ASP B 497 20.33 10.01 -34.68
N THR B 498 19.88 10.47 -33.52
CA THR B 498 19.14 9.67 -32.49
C THR B 498 17.74 9.30 -33.02
N SER B 499 17.23 10.04 -34.00
CA SER B 499 15.92 9.79 -34.68
C SER B 499 15.98 8.54 -35.56
N ILE B 500 17.17 8.18 -36.06
CA ILE B 500 17.38 7.06 -37.05
C ILE B 500 18.20 5.96 -36.38
N SER B 501 19.48 6.22 -36.07
CA SER B 501 20.41 5.30 -35.37
C SER B 501 21.11 6.04 -34.24
N GLY B 502 20.63 5.86 -33.01
CA GLY B 502 21.12 6.57 -31.81
C GLY B 502 22.19 5.78 -31.07
N TRP B 503 22.28 5.97 -29.76
CA TRP B 503 23.25 5.28 -28.86
C TRP B 503 22.71 3.88 -28.55
N ILE B 504 23.51 2.85 -28.82
CA ILE B 504 23.17 1.42 -28.56
C ILE B 504 24.20 0.87 -27.57
N ASN B 505 23.74 0.42 -26.40
CA ASN B 505 24.59 -0.20 -25.35
C ASN B 505 25.12 -1.52 -25.91
N SER B 506 26.45 -1.67 -25.97
CA SER B 506 27.14 -2.90 -26.45
C SER B 506 27.11 -3.97 -25.36
N GLY B 507 26.92 -3.56 -24.09
CA GLY B 507 26.97 -4.43 -22.92
C GLY B 507 28.38 -4.55 -22.35
N GLU B 508 29.38 -4.07 -23.09
CA GLU B 508 30.80 -4.15 -22.70
C GLU B 508 31.09 -3.08 -21.65
N CYS B 509 32.14 -3.27 -20.86
CA CYS B 509 32.51 -2.42 -19.71
C CYS B 509 31.31 -2.30 -18.76
N PHE B 510 30.63 -3.42 -18.48
CA PHE B 510 29.53 -3.53 -17.49
C PHE B 510 28.37 -2.60 -17.89
N LEU B 511 28.03 -2.62 -19.18
CA LEU B 511 26.93 -1.84 -19.81
C LEU B 511 27.25 -0.33 -19.78
N PHE B 512 28.53 0.05 -19.87
CA PHE B 512 28.98 1.46 -19.95
C PHE B 512 29.49 1.78 -21.37
N ASN B 513 29.77 0.75 -22.17
CA ASN B 513 30.22 0.87 -23.58
C ASN B 513 28.99 1.08 -24.48
N TYR B 514 29.02 2.10 -25.34
CA TYR B 514 27.94 2.46 -26.29
C TYR B 514 28.50 2.49 -27.71
N CYS B 515 27.70 2.05 -28.69
CA CYS B 515 28.03 2.04 -30.14
C CYS B 515 27.22 3.11 -30.88
N THR B 516 27.89 3.89 -31.73
CA THR B 516 27.28 4.94 -32.61
C THR B 516 27.61 4.60 -34.07
N LEU B 517 26.61 4.67 -34.95
CA LEU B 517 26.75 4.35 -36.40
C LEU B 517 26.64 5.63 -37.24
N PHE B 518 27.46 5.73 -38.28
CA PHE B 518 27.42 6.80 -39.32
C PHE B 518 27.39 6.15 -40.70
N LYS B 519 26.43 6.55 -41.54
CA LYS B 519 26.28 6.11 -42.96
C LYS B 519 26.12 7.35 -43.85
N GLU B 520 26.88 7.42 -44.95
CA GLU B 520 27.26 8.66 -45.70
C GLU B 520 26.09 9.62 -45.96
N GLY B 521 25.07 9.21 -46.71
CA GLY B 521 23.93 10.07 -47.10
C GLY B 521 22.66 9.74 -46.34
N GLU B 522 22.77 8.98 -45.24
CA GLU B 522 21.63 8.31 -44.56
C GLU B 522 21.41 8.92 -43.17
N PHE B 523 22.41 8.83 -42.28
CA PHE B 523 22.28 9.28 -40.85
C PHE B 523 23.65 9.58 -40.23
N GLY B 524 23.69 10.61 -39.39
CA GLY B 524 24.82 10.93 -38.49
C GLY B 524 25.78 11.92 -39.15
N LYS B 525 26.75 12.43 -38.36
CA LYS B 525 27.85 13.30 -38.83
C LYS B 525 29.18 12.66 -38.43
N LEU B 526 30.12 12.56 -39.37
CA LEU B 526 31.49 12.02 -39.15
C LEU B 526 32.47 13.18 -39.02
N ILE B 527 33.51 13.01 -38.21
CA ILE B 527 34.65 13.95 -38.05
C ILE B 527 35.93 13.11 -38.00
N LYS B 528 36.64 13.01 -39.13
CA LYS B 528 37.94 12.30 -39.24
C LYS B 528 39.06 13.28 -38.88
N PHE B 529 39.87 12.95 -37.87
CA PHE B 529 41.02 13.78 -37.41
C PHE B 529 42.12 13.73 -38.47
N LYS B 530 42.77 14.88 -38.71
CA LYS B 530 43.98 14.99 -39.58
C LYS B 530 45.18 14.41 -38.82
N GLU B 531 46.25 14.06 -39.56
CA GLU B 531 47.46 13.41 -39.01
C GLU B 531 48.08 14.31 -37.92
N ASP B 532 47.99 15.63 -38.09
CA ASP B 532 48.47 16.65 -37.11
C ASP B 532 47.69 16.48 -35.79
N GLU B 533 46.35 16.40 -35.89
CA GLU B 533 45.42 16.28 -34.74
C GLU B 533 45.61 14.90 -34.08
N LYS B 534 45.53 13.83 -34.88
CA LYS B 534 45.75 12.43 -34.43
C LYS B 534 47.03 12.32 -33.59
N LEU B 535 48.08 13.04 -34.01
CA LEU B 535 49.41 13.05 -33.33
C LEU B 535 49.29 13.74 -31.97
N ARG B 536 48.64 14.92 -31.90
CA ARG B 536 48.43 15.68 -30.64
C ARG B 536 47.62 14.80 -29.66
N LEU B 537 46.50 14.24 -30.14
CA LEU B 537 45.59 13.38 -29.34
C LEU B 537 46.36 12.15 -28.84
N SER B 538 47.10 11.47 -29.73
CA SER B 538 47.92 10.28 -29.41
C SER B 538 48.94 10.63 -28.31
N GLN B 539 49.48 11.85 -28.32
CA GLN B 539 50.44 12.34 -27.29
C GLN B 539 49.71 12.51 -25.95
N ILE B 540 48.46 12.99 -25.98
CA ILE B 540 47.62 13.24 -24.78
C ILE B 540 47.20 11.89 -24.16
N VAL B 541 46.77 10.92 -24.98
CA VAL B 541 46.40 9.56 -24.49
C VAL B 541 47.64 8.89 -23.90
N ASP B 542 48.81 9.11 -24.49
CA ASP B 542 50.12 8.53 -24.05
C ASP B 542 50.44 9.03 -22.63
N ILE B 543 50.39 10.36 -22.41
CA ILE B 543 50.72 11.00 -21.11
C ILE B 543 49.66 10.62 -20.06
N TRP B 544 48.40 10.44 -20.47
CA TRP B 544 47.28 10.04 -19.58
C TRP B 544 47.50 8.61 -19.08
N ASN B 545 47.90 7.69 -19.96
CA ASN B 545 47.94 6.22 -19.70
C ASN B 545 49.30 5.81 -19.09
N LYS B 546 50.19 6.76 -18.79
CA LYS B 546 51.53 6.50 -18.19
C LYS B 546 51.35 5.94 -16.78
N ASP B 547 52.13 4.92 -16.40
CA ASP B 547 52.01 4.17 -15.12
C ASP B 547 52.04 5.16 -13.95
N ILE B 548 51.12 5.00 -12.99
CA ILE B 548 50.91 5.87 -11.80
C ILE B 548 51.03 7.35 -12.21
N TRP C 35 -18.41 -37.39 -27.44
CA TRP C 35 -18.41 -37.91 -28.84
C TRP C 35 -17.53 -37.02 -29.73
N SER C 36 -17.05 -37.59 -30.85
CA SER C 36 -16.06 -37.02 -31.79
C SER C 36 -16.45 -35.59 -32.19
N TYR C 37 -17.75 -35.34 -32.42
CA TYR C 37 -18.29 -34.02 -32.82
C TYR C 37 -17.81 -32.95 -31.82
N TYR C 38 -18.05 -33.19 -30.52
CA TYR C 38 -17.79 -32.22 -29.41
C TYR C 38 -16.29 -32.05 -29.19
N GLU C 39 -15.50 -33.09 -29.49
CA GLU C 39 -14.01 -33.07 -29.44
C GLU C 39 -13.49 -32.26 -30.63
N GLY C 40 -14.25 -32.24 -31.75
CA GLY C 40 -13.94 -31.46 -32.96
C GLY C 40 -14.19 -29.97 -32.78
N LEU C 41 -15.10 -29.60 -31.88
CA LEU C 41 -15.45 -28.18 -31.57
C LEU C 41 -14.25 -27.50 -30.90
N THR C 42 -14.21 -26.17 -30.92
CA THR C 42 -13.18 -25.32 -30.25
C THR C 42 -13.22 -25.61 -28.75
N PRO C 43 -12.06 -25.76 -28.07
CA PRO C 43 -12.04 -26.15 -26.66
C PRO C 43 -12.93 -25.32 -25.73
N GLY C 44 -13.09 -24.02 -26.00
CA GLY C 44 -13.87 -23.08 -25.16
C GLY C 44 -15.32 -22.94 -25.59
N TRP C 45 -15.81 -23.83 -26.47
CA TRP C 45 -17.18 -23.77 -27.03
C TRP C 45 -18.21 -23.73 -25.90
N LEU C 46 -19.34 -23.05 -26.13
CA LEU C 46 -20.39 -22.76 -25.12
C LEU C 46 -21.68 -22.38 -25.84
N ASN C 47 -22.82 -22.92 -25.37
CA ASN C 47 -24.17 -22.44 -25.73
C ASN C 47 -24.51 -21.27 -24.79
N ASP C 48 -23.88 -20.11 -25.04
CA ASP C 48 -23.95 -18.92 -24.15
C ASP C 48 -25.19 -18.09 -24.51
N PHE C 49 -25.67 -17.28 -23.57
CA PHE C 49 -26.74 -16.28 -23.76
C PHE C 49 -26.12 -15.09 -24.50
N TYR C 50 -26.62 -14.81 -25.71
CA TYR C 50 -26.13 -13.71 -26.58
C TYR C 50 -26.25 -12.37 -25.85
N ASP C 51 -25.25 -11.52 -26.03
CA ASP C 51 -25.17 -10.12 -25.53
C ASP C 51 -24.84 -9.23 -26.73
N VAL C 52 -25.49 -8.07 -26.84
CA VAL C 52 -25.37 -7.15 -28.01
C VAL C 52 -23.91 -6.71 -28.20
N ASN C 53 -23.15 -6.58 -27.11
CA ASN C 53 -21.72 -6.16 -27.10
C ASN C 53 -20.86 -7.22 -27.78
N GLN C 54 -21.12 -8.51 -27.51
CA GLN C 54 -20.42 -9.66 -28.13
C GLN C 54 -20.31 -9.43 -29.65
N ILE C 55 -19.10 -9.55 -30.19
CA ILE C 55 -18.82 -9.44 -31.66
C ILE C 55 -19.37 -10.70 -32.32
N THR C 56 -20.30 -10.53 -33.28
CA THR C 56 -21.02 -11.62 -33.99
C THR C 56 -21.05 -11.31 -35.48
N PRO C 57 -19.96 -11.61 -36.22
CA PRO C 57 -19.94 -11.43 -37.68
C PRO C 57 -20.87 -12.41 -38.42
N ASN C 58 -21.05 -13.62 -37.86
CA ASN C 58 -21.82 -14.74 -38.46
C ASN C 58 -22.94 -15.14 -37.49
N PRO C 59 -24.05 -14.37 -37.42
CA PRO C 59 -25.18 -14.72 -36.53
C PRO C 59 -25.87 -16.02 -36.96
N ALA C 60 -26.12 -16.19 -38.25
CA ALA C 60 -26.79 -17.38 -38.84
C ALA C 60 -26.06 -18.66 -38.41
N LYS C 61 -24.73 -18.68 -38.53
CA LYS C 61 -23.87 -19.86 -38.23
C LYS C 61 -23.90 -20.11 -36.71
N ASP C 62 -23.86 -19.05 -35.90
CA ASP C 62 -23.89 -19.13 -34.41
C ASP C 62 -25.18 -19.82 -33.96
N VAL C 63 -26.33 -19.44 -34.54
CA VAL C 63 -27.66 -20.03 -34.21
C VAL C 63 -27.66 -21.50 -34.65
N ILE C 64 -27.17 -21.79 -35.86
CA ILE C 64 -27.10 -23.18 -36.43
C ILE C 64 -26.30 -24.07 -35.48
N GLU C 65 -25.20 -23.56 -34.93
CA GLU C 65 -24.34 -24.30 -33.96
C GLU C 65 -25.16 -24.61 -32.70
N LEU C 66 -25.79 -23.61 -32.09
CA LEU C 66 -26.62 -23.78 -30.87
C LEU C 66 -27.62 -24.92 -31.07
N VAL C 67 -28.34 -24.90 -32.19
CA VAL C 67 -29.41 -25.87 -32.54
C VAL C 67 -28.79 -27.25 -32.76
N THR C 68 -27.71 -27.32 -33.54
CA THR C 68 -27.03 -28.58 -33.96
C THR C 68 -26.44 -29.28 -32.73
N ARG C 69 -25.72 -28.55 -31.89
CA ARG C 69 -25.06 -29.10 -30.66
C ARG C 69 -26.11 -29.79 -29.79
N ILE C 70 -27.32 -29.22 -29.68
CA ILE C 70 -28.45 -29.78 -28.88
C ILE C 70 -29.04 -30.99 -29.62
N LYS C 71 -29.17 -30.93 -30.95
CA LYS C 71 -29.69 -32.05 -31.78
C LYS C 71 -28.76 -33.27 -31.64
N ILE C 72 -27.46 -33.07 -31.83
CA ILE C 72 -26.41 -34.13 -31.76
C ILE C 72 -26.49 -34.81 -30.39
N PHE C 73 -26.62 -34.01 -29.32
CA PHE C 73 -26.62 -34.46 -27.90
C PHE C 73 -27.75 -35.49 -27.69
N PHE C 74 -28.99 -35.13 -28.04
CA PHE C 74 -30.20 -35.96 -27.80
C PHE C 74 -30.29 -37.11 -28.81
N ASN C 75 -29.48 -37.08 -29.87
CA ASN C 75 -29.33 -38.20 -30.84
C ASN C 75 -28.29 -39.20 -30.31
N CYS C 76 -27.19 -38.71 -29.73
CA CYS C 76 -26.09 -39.52 -29.13
C CYS C 76 -26.56 -40.22 -27.85
N LEU C 77 -27.56 -39.67 -27.15
CA LEU C 77 -28.17 -40.27 -25.93
C LEU C 77 -28.97 -41.51 -26.30
N GLN C 78 -29.51 -41.55 -27.53
CA GLN C 78 -30.28 -42.71 -28.08
C GLN C 78 -29.31 -43.86 -28.37
N GLN C 79 -28.04 -43.53 -28.69
CA GLN C 79 -26.96 -44.52 -29.00
C GLN C 79 -26.37 -45.02 -27.67
N VAL C 80 -25.73 -46.19 -27.70
CA VAL C 80 -25.09 -46.85 -26.53
C VAL C 80 -24.12 -45.87 -25.87
N ASN C 84 -18.58 -42.71 -20.24
CA ASN C 84 -17.87 -41.65 -19.48
C ASN C 84 -18.89 -40.63 -18.96
N ILE C 85 -19.34 -40.82 -17.71
CA ILE C 85 -20.30 -39.94 -16.99
C ILE C 85 -19.75 -38.50 -16.97
N GLN C 86 -18.46 -38.33 -16.65
CA GLN C 86 -17.82 -37.00 -16.43
C GLN C 86 -17.72 -36.27 -17.77
N ARG C 87 -17.54 -36.99 -18.88
CA ARG C 87 -17.48 -36.41 -20.25
C ARG C 87 -18.86 -35.83 -20.59
N LEU C 88 -19.93 -36.59 -20.36
CA LEU C 88 -21.34 -36.18 -20.62
C LEU C 88 -21.62 -34.87 -19.88
N ARG C 89 -21.30 -34.83 -18.58
CA ARG C 89 -21.55 -33.66 -17.69
C ARG C 89 -20.79 -32.43 -18.22
N ASP C 90 -19.59 -32.63 -18.78
CA ASP C 90 -18.74 -31.54 -19.35
C ASP C 90 -19.43 -30.95 -20.58
N ILE C 91 -20.12 -31.78 -21.38
CA ILE C 91 -20.91 -31.35 -22.57
C ILE C 91 -22.16 -30.59 -22.07
N GLU C 92 -22.84 -31.15 -21.07
CA GLU C 92 -24.06 -30.56 -20.43
C GLU C 92 -23.74 -29.16 -19.90
N LYS C 93 -22.56 -28.97 -19.30
CA LYS C 93 -22.11 -27.69 -18.69
C LYS C 93 -21.88 -26.63 -19.77
N LYS C 94 -21.58 -27.07 -21.00
CA LYS C 94 -21.31 -26.19 -22.18
C LYS C 94 -22.58 -26.03 -23.02
N LEU C 95 -23.49 -27.02 -22.99
CA LEU C 95 -24.78 -26.99 -23.71
C LEU C 95 -25.81 -26.18 -22.91
N PHE C 96 -25.85 -26.34 -21.59
CA PHE C 96 -26.90 -25.80 -20.69
C PHE C 96 -26.26 -25.09 -19.51
N PRO C 97 -25.43 -24.05 -19.75
CA PRO C 97 -24.69 -23.40 -18.67
C PRO C 97 -25.59 -22.71 -17.64
N TYR C 98 -26.86 -22.47 -17.99
CA TYR C 98 -27.88 -21.83 -17.11
C TYR C 98 -28.26 -22.77 -15.97
N ILE C 99 -28.00 -24.08 -16.11
CA ILE C 99 -28.18 -25.09 -15.03
C ILE C 99 -26.97 -25.01 -14.08
N ASN C 100 -27.23 -25.00 -12.77
CA ASN C 100 -26.19 -24.90 -11.71
C ASN C 100 -25.66 -26.31 -11.42
N PHE C 101 -24.91 -26.90 -12.36
CA PHE C 101 -24.32 -28.26 -12.26
C PHE C 101 -23.33 -28.33 -11.09
N GLU C 102 -22.67 -27.21 -10.78
CA GLU C 102 -21.68 -27.09 -9.67
C GLU C 102 -22.38 -27.46 -8.35
N LYS C 103 -23.57 -26.91 -8.11
CA LYS C 103 -24.38 -27.13 -6.87
C LYS C 103 -24.96 -28.56 -6.89
N LEU C 104 -25.30 -29.09 -8.05
CA LEU C 104 -25.82 -30.49 -8.21
C LEU C 104 -24.72 -31.47 -7.74
N GLU C 105 -23.48 -31.19 -8.12
CA GLU C 105 -22.28 -32.04 -7.82
C GLU C 105 -21.88 -31.88 -6.35
N THR C 106 -21.96 -30.65 -5.81
CA THR C 106 -21.56 -30.29 -4.43
C THR C 106 -22.75 -29.67 -3.68
N ASP C 107 -23.31 -30.38 -2.69
CA ASP C 107 -24.46 -29.93 -1.88
C ASP C 107 -25.73 -30.06 -2.73
N GLU C 108 -26.00 -31.28 -3.20
CA GLU C 108 -27.13 -31.64 -4.10
C GLU C 108 -28.45 -31.09 -3.54
N SER C 109 -28.64 -31.15 -2.21
CA SER C 109 -29.86 -30.71 -1.50
C SER C 109 -30.11 -29.21 -1.69
N ALA C 110 -29.04 -28.42 -1.84
CA ALA C 110 -29.11 -26.95 -2.06
C ALA C 110 -29.50 -26.65 -3.51
N PHE C 111 -29.11 -27.52 -4.45
CA PHE C 111 -29.36 -27.38 -5.91
C PHE C 111 -30.85 -27.56 -6.21
N TRP C 112 -31.44 -28.68 -5.77
CA TRP C 112 -32.83 -29.07 -6.13
C TRP C 112 -33.80 -27.94 -5.78
N HIS C 113 -34.83 -27.78 -6.62
CA HIS C 113 -35.96 -26.82 -6.46
C HIS C 113 -36.79 -27.20 -5.23
N THR C 114 -37.60 -26.27 -4.73
CA THR C 114 -38.53 -26.44 -3.58
C THR C 114 -39.95 -26.14 -4.03
N THR C 115 -40.86 -27.11 -3.93
CA THR C 115 -42.32 -26.92 -4.13
C THR C 115 -42.96 -26.66 -2.76
N THR C 116 -43.98 -25.80 -2.72
CA THR C 116 -44.76 -25.44 -1.51
C THR C 116 -46.25 -25.57 -1.81
N ARG C 117 -46.95 -26.43 -1.08
CA ARG C 117 -48.40 -26.70 -1.26
C ARG C 117 -49.20 -25.60 -0.54
N TRP C 118 -50.45 -25.39 -0.96
CA TRP C 118 -51.40 -24.38 -0.40
C TRP C 118 -51.53 -24.54 1.11
N ASN C 119 -51.53 -25.79 1.60
CA ASN C 119 -51.71 -26.13 3.04
C ASN C 119 -50.51 -25.61 3.87
N GLY C 120 -49.38 -25.33 3.22
CA GLY C 120 -48.18 -24.73 3.85
C GLY C 120 -47.01 -25.70 3.89
N GLU C 121 -47.26 -26.98 3.59
CA GLU C 121 -46.22 -28.06 3.56
C GLU C 121 -45.18 -27.71 2.50
N VAL C 122 -43.91 -28.01 2.80
CA VAL C 122 -42.72 -27.70 1.94
C VAL C 122 -42.04 -29.02 1.58
N TYR C 123 -41.64 -29.19 0.31
CA TYR C 123 -41.01 -30.41 -0.24
C TYR C 123 -39.69 -30.06 -0.92
N HIS C 124 -38.57 -30.57 -0.39
CA HIS C 124 -37.20 -30.43 -0.96
C HIS C 124 -36.85 -31.71 -1.73
N ALA C 125 -36.11 -31.57 -2.83
CA ALA C 125 -35.60 -32.67 -3.69
C ALA C 125 -36.63 -33.80 -3.78
N SER C 126 -37.89 -33.45 -4.12
CA SER C 126 -39.05 -34.38 -4.14
C SER C 126 -39.77 -34.31 -5.49
N MET C 127 -40.37 -35.45 -5.90
CA MET C 127 -41.18 -35.59 -7.14
C MET C 127 -42.67 -35.68 -6.75
N LEU C 128 -43.46 -34.69 -7.13
CA LEU C 128 -44.92 -34.65 -6.84
C LEU C 128 -45.64 -35.62 -7.77
N GLU C 129 -46.49 -36.48 -7.21
CA GLU C 129 -47.35 -37.45 -7.96
C GLU C 129 -48.82 -37.02 -7.81
N PHE C 130 -49.58 -37.10 -8.90
CA PHE C 130 -51.04 -36.76 -8.96
C PHE C 130 -51.78 -37.93 -9.62
N ASP C 131 -53.08 -38.06 -9.30
CA ASP C 131 -53.99 -39.07 -9.88
C ASP C 131 -54.38 -38.60 -11.27
N PRO C 132 -54.01 -39.34 -12.35
CA PRO C 132 -54.36 -38.94 -13.71
C PRO C 132 -55.86 -38.73 -13.99
N LYS C 133 -56.74 -39.39 -13.22
CA LYS C 133 -58.21 -39.42 -13.47
C LYS C 133 -58.92 -38.27 -12.75
N ASN C 134 -58.65 -38.07 -11.45
CA ASN C 134 -59.32 -37.04 -10.61
C ASN C 134 -58.41 -35.81 -10.45
N HIS C 135 -57.12 -35.93 -10.81
CA HIS C 135 -56.11 -34.83 -10.87
C HIS C 135 -55.68 -34.41 -9.46
N GLN C 136 -56.12 -35.12 -8.41
CA GLN C 136 -55.84 -34.76 -6.99
C GLN C 136 -54.44 -35.26 -6.61
N PHE C 137 -53.77 -34.56 -5.69
CA PHE C 137 -52.40 -34.88 -5.20
C PHE C 137 -52.44 -36.22 -4.45
N LEU C 138 -51.42 -37.07 -4.68
CA LEU C 138 -51.29 -38.39 -4.02
C LEU C 138 -50.13 -38.33 -3.00
N ARG C 139 -48.88 -38.29 -3.47
CA ARG C 139 -47.67 -38.43 -2.62
C ARG C 139 -46.52 -37.60 -3.20
N SER C 140 -45.38 -37.57 -2.51
CA SER C 140 -44.14 -36.88 -2.94
C SER C 140 -42.93 -37.77 -2.64
N LYS C 141 -42.64 -38.72 -3.53
CA LYS C 141 -41.46 -39.62 -3.46
C LYS C 141 -40.21 -38.76 -3.64
N PRO C 142 -39.10 -39.04 -2.91
CA PRO C 142 -37.87 -38.25 -3.03
C PRO C 142 -37.15 -38.51 -4.36
N ILE C 143 -36.38 -37.52 -4.83
CA ILE C 143 -35.63 -37.56 -6.13
C ILE C 143 -34.35 -38.38 -5.91
N ASN C 144 -34.23 -39.53 -6.59
CA ASN C 144 -33.02 -40.38 -6.63
C ASN C 144 -32.33 -40.19 -7.98
N PHE C 145 -31.42 -39.21 -8.07
CA PHE C 145 -30.68 -38.85 -9.30
C PHE C 145 -29.83 -40.04 -9.75
N ASP C 146 -30.24 -40.71 -10.83
CA ASP C 146 -29.50 -41.81 -11.49
C ASP C 146 -28.32 -41.20 -12.25
N THR C 147 -27.09 -41.42 -11.74
CA THR C 147 -25.82 -40.94 -12.32
C THR C 147 -25.60 -41.55 -13.72
N GLY C 148 -26.20 -42.71 -13.98
CA GLY C 148 -26.11 -43.43 -15.27
C GLY C 148 -26.90 -42.74 -16.38
N LEU C 149 -27.90 -41.92 -16.01
CA LEU C 149 -28.75 -41.15 -16.95
C LEU C 149 -28.27 -39.69 -17.03
N SER C 150 -28.59 -39.01 -18.13
CA SER C 150 -28.36 -37.56 -18.38
C SER C 150 -29.23 -36.73 -17.42
N PHE C 151 -28.88 -35.46 -17.20
CA PHE C 151 -29.62 -34.52 -16.31
C PHE C 151 -31.08 -34.42 -16.78
N TRP C 152 -31.31 -34.25 -18.08
CA TRP C 152 -32.65 -34.02 -18.67
C TRP C 152 -33.45 -35.33 -18.71
N GLU C 153 -32.75 -36.47 -18.87
CA GLU C 153 -33.35 -37.83 -18.73
C GLU C 153 -33.79 -38.01 -17.27
N ASN C 154 -32.94 -37.61 -16.33
CA ASN C 154 -33.26 -37.61 -14.87
C ASN C 154 -34.51 -36.74 -14.65
N TRP C 155 -34.56 -35.56 -15.27
CA TRP C 155 -35.67 -34.58 -15.08
C TRP C 155 -37.02 -35.21 -15.49
N LEU C 156 -37.04 -36.05 -16.53
CA LEU C 156 -38.29 -36.63 -17.08
C LEU C 156 -38.69 -37.90 -16.31
N HIS C 157 -37.72 -38.64 -15.74
CA HIS C 157 -37.92 -40.00 -15.19
C HIS C 157 -37.88 -40.01 -13.65
N THR C 158 -36.90 -39.32 -13.04
CA THR C 158 -36.67 -39.33 -11.57
C THR C 158 -37.32 -38.12 -10.89
N VAL C 159 -37.40 -36.97 -11.58
CA VAL C 159 -37.87 -35.66 -11.01
C VAL C 159 -39.37 -35.46 -11.30
N THR C 160 -39.86 -35.93 -12.45
CA THR C 160 -41.22 -35.64 -12.98
C THR C 160 -42.03 -36.94 -13.10
N GLN C 161 -43.30 -36.88 -12.73
CA GLN C 161 -44.26 -38.01 -12.86
C GLN C 161 -44.74 -38.08 -14.31
N SER C 162 -44.59 -39.24 -14.96
CA SER C 162 -45.08 -39.50 -16.33
C SER C 162 -46.60 -39.25 -16.39
N GLY C 163 -47.07 -38.52 -17.40
CA GLY C 163 -48.49 -38.32 -17.70
C GLY C 163 -49.16 -37.26 -16.84
N SER C 164 -48.42 -36.63 -15.90
CA SER C 164 -48.94 -35.61 -14.97
C SER C 164 -49.32 -34.35 -15.76
N LYS C 165 -50.58 -33.92 -15.64
CA LYS C 165 -51.14 -32.69 -16.26
C LYS C 165 -51.43 -31.66 -15.17
N GLY C 166 -51.21 -30.37 -15.47
CA GLY C 166 -51.46 -29.28 -14.52
C GLY C 166 -51.31 -27.91 -15.17
N ILE C 167 -52.01 -26.91 -14.64
CA ILE C 167 -51.95 -25.49 -15.09
C ILE C 167 -50.67 -24.89 -14.51
N VAL C 168 -49.90 -24.18 -15.35
CA VAL C 168 -48.62 -23.51 -14.95
C VAL C 168 -48.74 -22.02 -15.27
N ILE C 169 -48.34 -21.17 -14.33
CA ILE C 169 -48.30 -19.68 -14.48
C ILE C 169 -46.92 -19.19 -14.03
N SER C 170 -46.25 -18.40 -14.88
CA SER C 170 -45.03 -17.63 -14.51
C SER C 170 -45.49 -16.31 -13.88
N ALA C 171 -45.10 -16.07 -12.62
CA ALA C 171 -45.55 -14.90 -11.83
C ALA C 171 -44.42 -14.41 -10.93
N SER C 172 -44.17 -13.10 -10.96
CA SER C 172 -43.47 -12.32 -9.91
C SER C 172 -44.54 -11.61 -9.07
N ASP C 173 -44.13 -10.73 -8.14
CA ASP C 173 -45.07 -9.90 -7.33
C ASP C 173 -45.89 -9.02 -8.26
N VAL C 174 -45.29 -8.59 -9.39
CA VAL C 174 -45.96 -7.73 -10.41
C VAL C 174 -47.24 -8.40 -10.91
N GLN C 175 -47.24 -9.74 -11.06
CA GLN C 175 -48.34 -10.51 -11.70
C GLN C 175 -49.37 -10.97 -10.65
N LEU C 176 -49.24 -10.54 -9.39
CA LEU C 176 -50.10 -10.97 -8.24
C LEU C 176 -51.58 -10.82 -8.62
N ASN C 177 -52.03 -9.59 -8.89
CA ASN C 177 -53.46 -9.25 -9.12
C ASN C 177 -54.02 -10.10 -10.27
N GLU C 178 -53.35 -10.10 -11.43
CA GLU C 178 -53.78 -10.85 -12.64
C GLU C 178 -53.94 -12.34 -12.31
N THR C 179 -53.00 -12.90 -11.53
CA THR C 179 -53.00 -14.33 -11.11
C THR C 179 -54.23 -14.61 -10.23
N ILE C 180 -54.56 -13.71 -9.28
CA ILE C 180 -55.74 -13.82 -8.39
C ILE C 180 -57.00 -13.94 -9.26
N ARG C 181 -57.11 -13.05 -10.26
CA ARG C 181 -58.31 -12.91 -11.12
C ARG C 181 -58.47 -14.18 -11.98
N LEU C 182 -57.36 -14.79 -12.40
CA LEU C 182 -57.35 -16.07 -13.16
C LEU C 182 -57.87 -17.19 -12.23
N LEU C 183 -57.35 -17.27 -11.01
CA LEU C 183 -57.78 -18.26 -9.98
C LEU C 183 -59.30 -18.21 -9.81
N LYS C 184 -59.85 -17.00 -9.59
CA LYS C 184 -61.31 -16.78 -9.40
C LYS C 184 -62.08 -17.41 -10.56
N VAL C 185 -61.65 -17.18 -11.80
CA VAL C 185 -62.31 -17.70 -13.03
C VAL C 185 -62.19 -19.24 -13.05
N LEU C 186 -61.01 -19.77 -12.72
CA LEU C 186 -60.77 -21.24 -12.67
C LEU C 186 -61.74 -21.88 -11.66
N ARG C 187 -61.93 -21.24 -10.50
CA ARG C 187 -62.87 -21.69 -9.45
C ARG C 187 -64.31 -21.58 -9.96
N PHE C 188 -64.66 -20.47 -10.61
CA PHE C 188 -66.03 -20.23 -11.15
C PHE C 188 -66.41 -21.32 -12.16
N ILE C 189 -65.46 -21.81 -12.96
CA ILE C 189 -65.71 -22.85 -14.01
C ILE C 189 -65.43 -24.24 -13.42
N LYS C 190 -65.12 -24.31 -12.13
CA LYS C 190 -65.01 -25.57 -11.34
C LYS C 190 -63.83 -26.40 -11.86
N ASN C 191 -62.65 -25.78 -11.94
CA ASN C 191 -61.40 -26.45 -12.38
C ASN C 191 -61.01 -27.49 -11.32
N ASP C 192 -60.64 -28.70 -11.76
CA ASP C 192 -60.18 -29.82 -10.90
C ASP C 192 -58.67 -30.05 -11.09
N TYR C 193 -58.08 -29.52 -12.17
CA TYR C 193 -56.63 -29.67 -12.50
C TYR C 193 -55.80 -28.89 -11.50
N PRO C 194 -54.64 -29.41 -11.04
CA PRO C 194 -53.78 -28.68 -10.12
C PRO C 194 -53.19 -27.45 -10.82
N ILE C 195 -52.85 -26.42 -10.02
CA ILE C 195 -52.21 -25.15 -10.50
C ILE C 195 -50.87 -25.03 -9.80
N GLN C 196 -49.82 -24.69 -10.55
CA GLN C 196 -48.47 -24.41 -10.01
C GLN C 196 -48.06 -23.00 -10.46
N ILE C 197 -47.76 -22.13 -9.50
CA ILE C 197 -47.23 -20.76 -9.76
C ILE C 197 -45.71 -20.84 -9.61
N VAL C 198 -44.98 -20.72 -10.73
CA VAL C 198 -43.49 -20.81 -10.77
C VAL C 198 -42.93 -19.40 -10.70
N HIS C 199 -41.92 -19.19 -9.85
CA HIS C 199 -41.22 -17.90 -9.64
C HIS C 199 -39.72 -18.19 -9.47
N ASN C 200 -38.89 -17.16 -9.63
CA ASN C 200 -37.40 -17.23 -9.50
C ASN C 200 -36.98 -16.42 -8.27
N ALA C 201 -37.48 -16.81 -7.10
CA ALA C 201 -37.25 -16.13 -5.80
C ALA C 201 -37.63 -14.65 -5.91
N ASP C 202 -38.74 -14.35 -6.59
CA ASP C 202 -39.25 -12.96 -6.79
C ASP C 202 -40.77 -12.94 -6.56
N LEU C 203 -41.28 -13.86 -5.73
CA LEU C 203 -42.69 -13.88 -5.24
C LEU C 203 -42.67 -13.88 -3.71
N SER C 204 -43.20 -12.82 -3.10
CA SER C 204 -43.15 -12.56 -1.63
C SER C 204 -44.09 -13.53 -0.89
N GLN C 205 -43.85 -13.71 0.42
CA GLN C 205 -44.70 -14.53 1.32
C GLN C 205 -46.12 -13.94 1.35
N ASP C 206 -46.22 -12.60 1.39
CA ASP C 206 -47.50 -11.85 1.37
C ASP C 206 -48.31 -12.24 0.13
N SER C 207 -47.67 -12.25 -1.04
CA SER C 207 -48.28 -12.59 -2.35
C SER C 207 -48.80 -14.03 -2.33
N MET C 208 -47.97 -14.97 -1.86
CA MET C 208 -48.31 -16.42 -1.78
C MET C 208 -49.52 -16.59 -0.85
N LYS C 209 -49.49 -15.94 0.32
CA LYS C 209 -50.60 -15.98 1.33
C LYS C 209 -51.91 -15.51 0.69
N SER C 210 -51.87 -14.40 -0.04
CA SER C 210 -53.03 -13.77 -0.73
C SER C 210 -53.55 -14.72 -1.82
N ILE C 211 -52.65 -15.36 -2.58
CA ILE C 211 -52.99 -16.35 -3.65
C ILE C 211 -53.70 -17.55 -3.00
N ILE C 212 -53.13 -18.10 -1.92
CA ILE C 212 -53.69 -19.27 -1.18
C ILE C 212 -55.10 -18.92 -0.68
N LYS C 213 -55.29 -17.70 -0.17
CA LYS C 213 -56.59 -17.20 0.35
C LYS C 213 -57.66 -17.35 -0.75
N TYR C 214 -57.44 -16.72 -1.91
CA TYR C 214 -58.40 -16.68 -3.05
C TYR C 214 -58.51 -18.06 -3.70
N ALA C 215 -57.49 -18.92 -3.52
CA ALA C 215 -57.43 -20.30 -4.06
C ALA C 215 -58.30 -21.25 -3.22
N ARG C 216 -58.34 -21.06 -1.89
CA ARG C 216 -58.90 -22.04 -0.93
C ARG C 216 -60.21 -21.54 -0.29
N SER C 217 -60.29 -20.27 0.11
CA SER C 217 -61.43 -19.69 0.89
C SER C 217 -62.78 -19.98 0.21
N LEU C 218 -63.84 -20.14 1.01
CA LEU C 218 -65.25 -20.35 0.57
C LEU C 218 -65.35 -21.58 -0.34
N ASP C 219 -64.75 -22.71 0.07
CA ASP C 219 -64.77 -24.00 -0.68
C ASP C 219 -66.20 -24.50 -0.78
N THR C 220 -66.68 -24.80 -1.99
CA THR C 220 -68.04 -25.31 -2.29
C THR C 220 -68.00 -26.08 -3.63
N ALA C 221 -69.05 -26.84 -3.94
CA ALA C 221 -69.18 -27.63 -5.20
C ALA C 221 -69.27 -26.70 -6.41
N GLU C 222 -69.82 -25.50 -6.23
CA GLU C 222 -70.03 -24.47 -7.29
C GLU C 222 -68.75 -23.64 -7.48
N TYR C 223 -67.95 -23.46 -6.43
CA TYR C 223 -66.72 -22.63 -6.37
C TYR C 223 -65.64 -23.41 -5.62
N PRO C 224 -65.20 -24.57 -6.16
CA PRO C 224 -64.28 -25.46 -5.45
C PRO C 224 -62.88 -24.85 -5.26
N ALA C 225 -62.22 -25.18 -4.14
CA ALA C 225 -60.83 -24.79 -3.85
C ALA C 225 -59.90 -25.45 -4.86
N GLN C 226 -58.78 -24.80 -5.17
CA GLN C 226 -57.82 -25.23 -6.22
C GLN C 226 -56.61 -25.89 -5.54
N GLU C 227 -56.16 -27.03 -6.07
CA GLU C 227 -54.91 -27.71 -5.65
C GLU C 227 -53.73 -26.86 -6.14
N LEU C 228 -53.46 -25.75 -5.46
CA LEU C 228 -52.43 -24.76 -5.88
C LEU C 228 -51.08 -25.15 -5.26
N TRP C 229 -50.00 -24.98 -6.03
CA TRP C 229 -48.59 -25.17 -5.57
C TRP C 229 -47.77 -23.94 -5.95
N PHE C 230 -46.65 -23.73 -5.26
CA PHE C 230 -45.61 -22.74 -5.61
C PHE C 230 -44.31 -23.50 -5.89
N LEU C 231 -43.50 -22.99 -6.82
CA LEU C 231 -42.22 -23.62 -7.24
C LEU C 231 -41.17 -22.51 -7.39
N ASN C 232 -40.06 -22.62 -6.65
CA ASN C 232 -38.89 -21.72 -6.76
C ASN C 232 -37.78 -22.48 -7.49
N VAL C 233 -37.33 -21.96 -8.63
CA VAL C 233 -36.33 -22.61 -9.53
C VAL C 233 -34.94 -22.01 -9.28
N HIS C 234 -34.84 -20.97 -8.44
CA HIS C 234 -33.62 -20.14 -8.25
C HIS C 234 -32.41 -21.02 -7.94
N SER C 235 -32.60 -22.08 -7.14
CA SER C 235 -31.54 -23.04 -6.74
C SER C 235 -30.97 -23.77 -7.97
N LEU C 236 -31.84 -24.13 -8.93
CA LEU C 236 -31.47 -24.90 -10.15
C LEU C 236 -30.61 -24.04 -11.07
N LEU C 237 -30.85 -22.73 -11.10
CA LEU C 237 -30.20 -21.78 -12.04
C LEU C 237 -28.83 -21.36 -11.51
N ASN C 238 -27.80 -21.39 -12.37
CA ASN C 238 -26.42 -20.93 -12.06
C ASN C 238 -26.45 -19.41 -11.94
N PRO C 239 -25.96 -18.84 -10.81
CA PRO C 239 -26.10 -17.40 -10.54
C PRO C 239 -25.78 -16.41 -11.68
N LYS C 240 -24.89 -16.78 -12.61
CA LYS C 240 -24.53 -15.96 -13.79
C LYS C 240 -25.77 -15.75 -14.68
N TYR C 241 -26.50 -16.83 -14.98
CA TYR C 241 -27.64 -16.86 -15.93
C TYR C 241 -28.97 -16.63 -15.20
N SER C 242 -29.01 -16.77 -13.87
CA SER C 242 -30.26 -16.74 -13.04
C SER C 242 -31.02 -15.43 -13.26
N LYS C 243 -30.30 -14.32 -13.50
CA LYS C 243 -30.90 -12.96 -13.65
C LYS C 243 -31.14 -12.62 -15.13
N LYS C 244 -30.61 -13.43 -16.06
CA LYS C 244 -30.75 -13.19 -17.53
C LYS C 244 -32.15 -13.56 -18.00
N PHE C 245 -32.83 -14.52 -17.34
CA PHE C 245 -34.26 -14.86 -17.59
C PHE C 245 -35.12 -13.71 -17.05
N THR C 246 -35.58 -12.84 -17.95
CA THR C 246 -36.30 -11.58 -17.61
C THR C 246 -37.59 -11.48 -18.43
N THR C 247 -38.61 -10.86 -17.83
CA THR C 247 -39.98 -10.65 -18.40
C THR C 247 -40.51 -11.98 -18.93
N TYR C 248 -40.68 -12.10 -20.24
CA TYR C 248 -41.37 -13.23 -20.91
C TYR C 248 -40.51 -14.50 -20.83
N SER C 249 -39.18 -14.34 -20.75
CA SER C 249 -38.20 -15.44 -20.63
C SER C 249 -38.53 -16.32 -19.41
N ASN C 250 -39.12 -15.73 -18.37
CA ASN C 250 -39.50 -16.45 -17.12
C ASN C 250 -40.43 -17.62 -17.47
N LYS C 251 -41.23 -17.49 -18.54
CA LYS C 251 -42.19 -18.53 -18.99
C LYS C 251 -41.45 -19.82 -19.34
N TRP C 252 -40.19 -19.74 -19.78
CA TRP C 252 -39.35 -20.94 -20.07
C TRP C 252 -39.03 -21.66 -18.76
N LEU C 253 -38.72 -20.91 -17.69
CA LEU C 253 -38.46 -21.47 -16.34
C LEU C 253 -39.75 -22.14 -15.83
N ALA C 254 -40.88 -21.46 -15.96
CA ALA C 254 -42.22 -21.96 -15.55
C ALA C 254 -42.51 -23.28 -16.26
N LEU C 255 -42.42 -23.28 -17.60
CA LEU C 255 -42.76 -24.45 -18.45
C LEU C 255 -41.79 -25.60 -18.19
N THR C 256 -40.49 -25.36 -18.33
CA THR C 256 -39.41 -26.39 -18.26
C THR C 256 -39.44 -27.10 -16.91
N PHE C 257 -39.45 -26.35 -15.81
CA PHE C 257 -39.18 -26.87 -14.44
C PHE C 257 -40.48 -27.22 -13.70
N SER C 258 -41.65 -26.91 -14.28
CA SER C 258 -42.97 -27.26 -13.69
C SER C 258 -43.00 -28.74 -13.33
N SER C 259 -43.77 -29.09 -12.29
CA SER C 259 -43.85 -30.46 -11.70
C SER C 259 -44.69 -31.39 -12.59
N PHE C 260 -45.26 -30.90 -13.68
CA PHE C 260 -46.10 -31.67 -14.64
C PHE C 260 -45.27 -32.01 -15.87
N GLU C 261 -45.43 -33.23 -16.40
CA GLU C 261 -44.80 -33.67 -17.68
C GLU C 261 -45.51 -32.97 -18.83
N ILE C 262 -46.83 -32.78 -18.72
CA ILE C 262 -47.72 -32.23 -19.78
C ILE C 262 -48.39 -30.96 -19.25
N PRO C 263 -47.62 -29.89 -18.96
CA PRO C 263 -48.19 -28.65 -18.43
C PRO C 263 -49.04 -27.92 -19.48
N ILE C 264 -50.09 -27.23 -19.02
CA ILE C 264 -50.83 -26.21 -19.83
C ILE C 264 -50.43 -24.84 -19.27
N LEU C 265 -49.47 -24.19 -19.93
CA LEU C 265 -48.93 -22.86 -19.54
C LEU C 265 -49.98 -21.79 -19.88
N MET C 266 -50.21 -20.86 -18.96
CA MET C 266 -51.17 -19.73 -19.12
C MET C 266 -50.49 -18.42 -18.69
N ASP C 267 -50.73 -17.34 -19.44
CA ASP C 267 -50.48 -15.96 -18.99
C ASP C 267 -51.34 -15.69 -17.76
N SER C 268 -50.89 -14.81 -16.86
CA SER C 268 -51.70 -14.29 -15.74
C SER C 268 -52.89 -13.50 -16.31
N ASP C 269 -52.71 -12.87 -17.48
CA ASP C 269 -53.76 -12.07 -18.19
C ASP C 269 -54.63 -12.98 -19.08
N THR C 270 -54.34 -14.29 -19.15
CA THR C 270 -55.14 -15.28 -19.92
C THR C 270 -56.44 -15.59 -19.17
N VAL C 271 -57.52 -15.86 -19.91
CA VAL C 271 -58.86 -16.24 -19.37
C VAL C 271 -59.38 -17.41 -20.20
N PRO C 272 -59.49 -18.62 -19.60
CA PRO C 272 -60.14 -19.76 -20.26
C PRO C 272 -61.66 -19.74 -20.06
N PHE C 273 -62.42 -20.02 -21.12
CA PHE C 273 -63.91 -20.02 -21.11
C PHE C 273 -64.45 -21.46 -21.28
N VAL C 274 -63.56 -22.45 -21.26
CA VAL C 274 -63.92 -23.91 -21.34
C VAL C 274 -63.12 -24.64 -20.26
N SER C 275 -63.56 -25.83 -19.87
CA SER C 275 -62.85 -26.71 -18.90
C SER C 275 -61.48 -27.08 -19.50
N ILE C 276 -60.45 -27.13 -18.65
CA ILE C 276 -59.03 -27.37 -19.05
C ILE C 276 -58.95 -28.66 -19.87
N LYS C 277 -59.74 -29.68 -19.55
CA LYS C 277 -59.71 -31.00 -20.24
C LYS C 277 -60.04 -30.82 -21.73
N LYS C 278 -60.87 -29.83 -22.09
CA LYS C 278 -61.27 -29.54 -23.49
C LYS C 278 -60.03 -29.14 -24.32
N PHE C 279 -59.07 -28.43 -23.72
CA PHE C 279 -57.80 -28.02 -24.39
C PHE C 279 -56.97 -29.26 -24.71
N TYR C 280 -56.77 -30.13 -23.72
CA TYR C 280 -56.05 -31.43 -23.82
C TYR C 280 -56.73 -32.32 -24.87
N GLU C 281 -58.06 -32.23 -25.00
CA GLU C 281 -58.87 -33.07 -25.92
C GLU C 281 -58.71 -32.61 -27.37
N LEU C 282 -58.25 -31.37 -27.61
CA LEU C 282 -58.06 -30.81 -28.97
C LEU C 282 -57.13 -31.73 -29.77
N GLU C 283 -57.50 -32.02 -31.03
CA GLU C 283 -56.88 -33.07 -31.88
C GLU C 283 -55.42 -32.70 -32.15
N GLU C 284 -55.12 -31.40 -32.31
CA GLU C 284 -53.74 -30.91 -32.59
C GLU C 284 -52.79 -31.39 -31.49
N PHE C 285 -53.15 -31.24 -30.22
CA PHE C 285 -52.33 -31.72 -29.07
C PHE C 285 -52.25 -33.25 -29.07
N GLN C 286 -53.38 -33.93 -29.27
CA GLN C 286 -53.47 -35.41 -29.26
C GLN C 286 -52.46 -36.01 -30.26
N LYS C 287 -52.34 -35.40 -31.44
CA LYS C 287 -51.59 -35.97 -32.60
C LYS C 287 -50.12 -35.56 -32.56
N THR C 288 -49.78 -34.40 -31.99
CA THR C 288 -48.42 -33.79 -32.06
C THR C 288 -47.78 -33.67 -30.67
N GLY C 289 -48.58 -33.47 -29.61
CA GLY C 289 -48.08 -33.27 -28.24
C GLY C 289 -47.73 -31.82 -27.95
N VAL C 290 -48.13 -30.88 -28.82
CA VAL C 290 -48.09 -29.42 -28.55
C VAL C 290 -49.45 -28.81 -28.96
N LEU C 291 -49.96 -27.87 -28.17
CA LEU C 291 -51.09 -27.00 -28.54
C LEU C 291 -50.57 -25.57 -28.69
N PHE C 292 -50.43 -25.11 -29.94
CA PHE C 292 -49.98 -23.75 -30.31
C PHE C 292 -51.12 -23.02 -31.01
N PHE C 293 -51.40 -21.77 -30.60
CA PHE C 293 -52.44 -20.91 -31.20
C PHE C 293 -51.79 -19.80 -32.04
N LYS C 294 -52.49 -19.36 -33.09
CA LYS C 294 -52.01 -18.33 -34.04
C LYS C 294 -52.19 -16.95 -33.41
N ASP C 295 -51.33 -15.99 -33.78
CA ASP C 295 -51.32 -14.61 -33.24
C ASP C 295 -52.09 -13.70 -34.22
N ARG C 296 -52.29 -12.44 -33.85
CA ARG C 296 -52.72 -11.36 -34.80
C ARG C 296 -51.78 -11.37 -36.01
N VAL C 297 -52.30 -11.08 -37.20
CA VAL C 297 -51.47 -10.75 -38.40
C VAL C 297 -51.21 -9.24 -38.36
N ILE C 298 -49.94 -8.85 -38.14
CA ILE C 298 -49.48 -7.44 -38.13
C ILE C 298 -48.70 -7.17 -39.43
N SER C 299 -49.32 -6.47 -40.38
CA SER C 299 -48.75 -6.12 -41.72
C SER C 299 -47.97 -4.80 -41.65
N ASP C 300 -47.98 -4.13 -40.49
CA ASP C 300 -47.24 -2.88 -40.21
C ASP C 300 -45.75 -3.20 -40.01
N ASP C 301 -45.44 -4.22 -39.20
CA ASP C 301 -44.09 -4.53 -38.67
C ASP C 301 -43.52 -5.73 -39.44
N LEU C 302 -42.73 -5.45 -40.48
CA LEU C 302 -42.20 -6.47 -41.44
C LEU C 302 -40.69 -6.62 -41.26
N PHE C 303 -40.17 -7.83 -41.54
CA PHE C 303 -38.72 -8.14 -41.52
C PHE C 303 -38.02 -7.41 -42.66
N GLU C 304 -36.79 -6.93 -42.39
CA GLU C 304 -35.85 -6.42 -43.42
C GLU C 304 -35.34 -7.62 -44.24
N SER C 305 -34.92 -7.39 -45.48
CA SER C 305 -34.34 -8.42 -46.39
C SER C 305 -33.11 -9.07 -45.74
N SER C 306 -32.30 -8.28 -45.03
CA SER C 306 -31.08 -8.71 -44.31
C SER C 306 -31.45 -9.72 -43.21
N GLU C 307 -32.57 -9.46 -42.51
CA GLU C 307 -33.09 -10.31 -41.40
C GLU C 307 -33.56 -11.65 -41.99
N LEU C 308 -34.34 -11.61 -43.07
CA LEU C 308 -34.90 -12.82 -43.73
C LEU C 308 -33.76 -13.67 -44.30
N LYS C 309 -32.72 -13.05 -44.86
CA LYS C 309 -31.52 -13.75 -45.40
C LYS C 309 -30.91 -14.61 -44.30
N ILE C 310 -30.75 -14.04 -43.10
CA ILE C 310 -30.15 -14.71 -41.91
C ILE C 310 -31.07 -15.86 -41.47
N LEU C 311 -32.38 -15.63 -41.42
CA LEU C 311 -33.38 -16.67 -41.03
C LEU C 311 -33.38 -17.81 -42.05
N ARG C 312 -33.27 -17.51 -43.35
CA ARG C 312 -33.25 -18.52 -44.45
C ARG C 312 -32.01 -19.42 -44.30
N GLU C 313 -30.86 -18.84 -43.95
CA GLU C 313 -29.58 -19.57 -43.75
C GLU C 313 -29.70 -20.49 -42.54
N ILE C 314 -30.32 -20.01 -41.46
CA ILE C 314 -30.53 -20.79 -40.19
C ILE C 314 -31.40 -22.01 -40.50
N VAL C 315 -32.51 -21.81 -41.22
CA VAL C 315 -33.50 -22.88 -41.53
C VAL C 315 -32.80 -23.94 -42.40
N TYR C 316 -32.11 -23.52 -43.46
CA TYR C 316 -31.38 -24.42 -44.38
C TYR C 316 -30.25 -25.13 -43.62
N GLY C 317 -29.52 -24.39 -42.79
CA GLY C 317 -28.41 -24.93 -41.99
C GLY C 317 -28.87 -25.98 -40.99
N CYS C 318 -30.12 -25.88 -40.50
CA CYS C 318 -30.66 -26.72 -39.40
C CYS C 318 -31.38 -27.96 -39.97
N ILE C 319 -32.24 -27.78 -40.97
CA ILE C 319 -33.14 -28.87 -41.48
C ILE C 319 -33.08 -28.98 -43.00
N GLY C 320 -32.11 -28.32 -43.67
CA GLY C 320 -31.87 -28.42 -45.12
C GLY C 320 -33.07 -28.01 -45.95
N LEU C 321 -33.90 -27.10 -45.42
CA LEU C 321 -35.12 -26.57 -46.07
C LEU C 321 -34.75 -25.27 -46.80
N ASP C 322 -34.99 -25.23 -48.12
CA ASP C 322 -34.63 -24.10 -49.01
C ASP C 322 -35.88 -23.26 -49.23
N LEU C 323 -35.83 -21.97 -48.82
CA LEU C 323 -36.97 -21.02 -48.83
C LEU C 323 -36.67 -19.91 -49.85
N GLU C 324 -35.91 -20.20 -50.90
CA GLU C 324 -35.49 -19.23 -51.95
C GLU C 324 -36.70 -18.92 -52.84
N ASP C 325 -37.41 -19.94 -53.31
CA ASP C 325 -38.62 -19.81 -54.16
C ASP C 325 -39.87 -20.18 -53.33
N GLU C 326 -40.88 -19.30 -53.35
CA GLU C 326 -42.15 -19.43 -52.59
C GLU C 326 -42.87 -20.74 -52.96
N SER C 327 -42.80 -21.14 -54.23
CA SER C 327 -43.54 -22.29 -54.80
C SER C 327 -43.15 -23.59 -54.08
N LYS C 328 -41.87 -23.75 -53.74
CA LYS C 328 -41.30 -25.02 -53.21
C LYS C 328 -41.32 -25.03 -51.67
N ILE C 329 -41.87 -24.01 -51.01
CA ILE C 329 -42.07 -23.99 -49.53
C ILE C 329 -43.19 -24.97 -49.17
N HIS C 330 -44.37 -24.80 -49.79
CA HIS C 330 -45.56 -25.68 -49.62
C HIS C 330 -45.18 -27.15 -49.88
N GLU C 331 -44.24 -27.39 -50.80
CA GLU C 331 -43.78 -28.75 -51.21
C GLU C 331 -42.99 -29.42 -50.08
N GLN C 332 -42.04 -28.71 -49.47
CA GLN C 332 -41.04 -29.28 -48.52
C GLN C 332 -41.57 -29.33 -47.07
N VAL C 333 -42.75 -28.75 -46.80
CA VAL C 333 -43.41 -28.74 -45.47
C VAL C 333 -44.72 -29.53 -45.55
N GLU C 334 -44.78 -30.67 -44.85
CA GLU C 334 -45.85 -31.70 -44.96
C GLU C 334 -47.17 -31.16 -44.38
N ASP C 335 -47.12 -30.33 -43.34
CA ASP C 335 -48.33 -29.74 -42.70
C ASP C 335 -48.63 -28.39 -43.34
N PRO C 336 -49.71 -28.26 -44.13
CA PRO C 336 -50.09 -26.98 -44.76
C PRO C 336 -50.30 -25.81 -43.78
N VAL C 337 -50.76 -26.10 -42.56
CA VAL C 337 -50.96 -25.09 -41.48
C VAL C 337 -49.60 -24.47 -41.15
N VAL C 338 -48.56 -25.29 -41.04
CA VAL C 338 -47.17 -24.86 -40.73
C VAL C 338 -46.58 -24.19 -41.97
N ALA C 339 -46.86 -24.72 -43.17
CA ALA C 339 -46.43 -24.15 -44.47
C ALA C 339 -46.94 -22.72 -44.60
N GLN C 340 -48.21 -22.48 -44.26
CA GLN C 340 -48.86 -21.15 -44.30
C GLN C 340 -48.08 -20.17 -43.39
N VAL C 341 -47.65 -20.64 -42.21
CA VAL C 341 -46.89 -19.81 -41.22
C VAL C 341 -45.53 -19.43 -41.82
N LEU C 342 -44.85 -20.38 -42.49
CA LEU C 342 -43.54 -20.14 -43.13
C LEU C 342 -43.71 -19.23 -44.36
N GLU C 343 -44.79 -19.42 -45.13
CA GLU C 343 -45.15 -18.51 -46.26
C GLU C 343 -45.29 -17.09 -45.71
N ASN C 344 -46.07 -16.92 -44.65
CA ASN C 344 -46.33 -15.60 -44.00
C ASN C 344 -45.01 -14.94 -43.56
N MET C 345 -44.04 -15.73 -43.11
CA MET C 345 -42.77 -15.23 -42.53
C MET C 345 -41.80 -14.81 -43.64
N PHE C 346 -41.61 -15.65 -44.66
CA PHE C 346 -40.52 -15.54 -45.65
C PHE C 346 -40.98 -14.87 -46.96
N ILE C 347 -42.29 -14.85 -47.23
CA ILE C 347 -42.88 -14.18 -48.44
C ILE C 347 -43.48 -12.83 -48.01
N LYS C 348 -44.43 -12.85 -47.08
CA LYS C 348 -45.18 -11.65 -46.60
C LYS C 348 -44.37 -10.90 -45.53
N LYS C 349 -43.29 -11.51 -45.02
CA LYS C 349 -42.27 -10.87 -44.16
C LYS C 349 -42.84 -10.56 -42.76
N TYR C 350 -43.89 -11.26 -42.34
CA TYR C 350 -44.56 -11.07 -41.02
C TYR C 350 -43.66 -11.62 -39.91
N LYS C 351 -43.75 -11.02 -38.71
CA LYS C 351 -42.87 -11.32 -37.55
C LYS C 351 -43.62 -12.07 -36.45
N HIS C 352 -44.96 -12.01 -36.42
CA HIS C 352 -45.80 -12.54 -35.32
C HIS C 352 -46.68 -13.68 -35.82
N HIS C 353 -46.49 -14.89 -35.30
CA HIS C 353 -47.08 -16.16 -35.80
C HIS C 353 -47.79 -16.92 -34.68
N LEU C 354 -47.19 -17.01 -33.49
CA LEU C 354 -47.72 -17.80 -32.34
C LEU C 354 -48.09 -16.86 -31.20
N GLU C 355 -49.21 -17.13 -30.52
CA GLU C 355 -49.57 -16.45 -29.25
C GLU C 355 -49.44 -17.47 -28.10
N SER C 356 -48.50 -17.22 -27.18
CA SER C 356 -48.10 -18.16 -26.10
C SER C 356 -48.92 -17.91 -24.82
N GLY C 357 -50.09 -17.27 -24.93
CA GLY C 357 -50.99 -16.99 -23.80
C GLY C 357 -51.52 -18.27 -23.18
N LEU C 358 -51.77 -19.28 -24.02
CA LEU C 358 -52.15 -20.65 -23.61
C LEU C 358 -51.35 -21.62 -24.48
N VAL C 359 -50.53 -22.47 -23.86
CA VAL C 359 -49.65 -23.46 -24.54
C VAL C 359 -49.69 -24.77 -23.76
N ILE C 360 -49.95 -25.88 -24.46
CA ILE C 360 -49.75 -27.26 -23.93
C ILE C 360 -48.52 -27.83 -24.65
N LEU C 361 -47.60 -28.42 -23.88
CA LEU C 361 -46.36 -29.05 -24.40
C LEU C 361 -46.05 -30.32 -23.60
N HIS C 362 -46.07 -31.48 -24.26
CA HIS C 362 -45.74 -32.81 -23.69
C HIS C 362 -44.22 -32.96 -23.63
N LYS C 363 -43.61 -32.76 -22.47
CA LYS C 363 -42.14 -32.76 -22.26
C LYS C 363 -41.54 -34.13 -22.62
N GLY C 364 -42.31 -35.20 -22.48
CA GLY C 364 -41.93 -36.56 -22.91
C GLY C 364 -41.53 -36.60 -24.37
N LYS C 365 -42.19 -35.78 -25.20
CA LYS C 365 -42.04 -35.78 -26.68
C LYS C 365 -41.35 -34.49 -27.18
N HIS C 366 -41.22 -33.46 -26.33
CA HIS C 366 -40.87 -32.08 -26.79
C HIS C 366 -39.84 -31.38 -25.91
N LEU C 367 -39.20 -32.06 -24.96
CA LEU C 367 -38.22 -31.42 -24.04
C LEU C 367 -37.03 -30.88 -24.85
N PHE C 368 -36.46 -31.70 -25.73
CA PHE C 368 -35.26 -31.35 -26.55
C PHE C 368 -35.57 -30.13 -27.44
N SER C 369 -36.78 -30.06 -27.99
CA SER C 369 -37.30 -28.91 -28.78
C SER C 369 -37.37 -27.66 -27.89
N MET C 370 -37.92 -27.81 -26.68
CA MET C 370 -38.10 -26.74 -25.67
C MET C 370 -36.72 -26.14 -25.32
N LEU C 371 -35.71 -26.99 -25.12
CA LEU C 371 -34.34 -26.57 -24.74
C LEU C 371 -33.68 -25.83 -25.91
N THR C 372 -34.06 -26.17 -27.15
CA THR C 372 -33.65 -25.43 -28.38
C THR C 372 -34.32 -24.06 -28.38
N SER C 373 -35.62 -23.99 -28.04
CA SER C 373 -36.39 -22.73 -27.91
C SER C 373 -35.65 -21.77 -26.97
N ILE C 374 -35.18 -22.30 -25.83
CA ILE C 374 -34.43 -21.52 -24.80
C ILE C 374 -33.12 -21.00 -25.40
N ALA C 375 -32.38 -21.85 -26.11
CA ALA C 375 -31.12 -21.48 -26.80
C ALA C 375 -31.39 -20.32 -27.75
N LEU C 376 -32.44 -20.42 -28.58
CA LEU C 376 -32.86 -19.41 -29.57
C LEU C 376 -33.30 -18.11 -28.86
N GLN C 377 -34.00 -18.23 -27.73
CA GLN C 377 -34.51 -17.10 -26.92
C GLN C 377 -33.35 -16.18 -26.53
N PHE C 378 -32.16 -16.76 -26.28
CA PHE C 378 -30.94 -16.03 -25.86
C PHE C 378 -29.87 -16.17 -26.95
N SER C 379 -30.28 -16.07 -28.22
CA SER C 379 -29.42 -16.17 -29.43
C SER C 379 -29.33 -14.80 -30.10
N PRO C 380 -28.46 -14.64 -31.13
CA PRO C 380 -28.43 -13.42 -31.93
C PRO C 380 -29.77 -12.98 -32.54
N ILE C 381 -30.71 -13.91 -32.76
CA ILE C 381 -32.03 -13.62 -33.39
C ILE C 381 -33.10 -13.37 -32.32
N ALA C 382 -32.71 -13.22 -31.05
CA ALA C 382 -33.61 -12.88 -29.93
C ALA C 382 -34.35 -11.57 -30.22
N GLU C 383 -33.64 -10.60 -30.78
CA GLU C 383 -34.11 -9.21 -31.04
C GLU C 383 -35.08 -9.17 -32.23
N TYR C 384 -35.15 -10.23 -33.04
CA TYR C 384 -36.00 -10.31 -34.26
C TYR C 384 -37.48 -10.48 -33.87
N PHE C 385 -37.75 -11.12 -32.73
CA PHE C 385 -39.11 -11.52 -32.27
C PHE C 385 -39.42 -10.88 -30.92
N HIS C 386 -40.71 -10.66 -30.65
CA HIS C 386 -41.23 -10.06 -29.39
C HIS C 386 -41.43 -11.17 -28.34
N GLY C 387 -40.61 -11.15 -27.29
CA GLY C 387 -40.68 -12.09 -26.15
C GLY C 387 -40.45 -13.52 -26.58
N ASP C 388 -41.20 -14.45 -25.97
CA ASP C 388 -41.01 -15.93 -26.02
C ASP C 388 -41.81 -16.57 -27.15
N LYS C 389 -42.98 -16.00 -27.48
CA LYS C 389 -44.08 -16.70 -28.18
C LYS C 389 -43.56 -17.45 -29.41
N ASP C 390 -42.78 -16.79 -30.27
CA ASP C 390 -42.45 -17.31 -31.62
C ASP C 390 -41.29 -18.32 -31.55
N PHE C 391 -40.57 -18.38 -30.43
CA PHE C 391 -39.45 -19.33 -30.22
C PHE C 391 -39.99 -20.72 -29.88
N PHE C 392 -41.27 -20.82 -29.51
CA PHE C 392 -41.98 -22.10 -29.26
C PHE C 392 -41.95 -22.96 -30.52
N TRP C 393 -42.40 -22.42 -31.65
CA TRP C 393 -42.52 -23.14 -32.94
C TRP C 393 -41.17 -23.17 -33.69
N LEU C 394 -40.34 -22.12 -33.56
CA LEU C 394 -38.99 -22.08 -34.18
C LEU C 394 -38.11 -23.18 -33.57
N GLY C 395 -38.21 -23.40 -32.25
CA GLY C 395 -37.53 -24.50 -31.56
C GLY C 395 -37.93 -25.85 -32.12
N GLU C 396 -39.23 -26.05 -32.37
CA GLU C 396 -39.78 -27.29 -32.96
C GLU C 396 -39.26 -27.45 -34.39
N LEU C 397 -39.33 -26.39 -35.20
CA LEU C 397 -38.96 -26.39 -36.63
C LEU C 397 -37.47 -26.73 -36.79
N LEU C 398 -36.60 -26.02 -36.07
CA LEU C 398 -35.12 -26.10 -36.24
C LEU C 398 -34.58 -27.39 -35.59
N SER C 399 -35.29 -27.95 -34.60
CA SER C 399 -34.94 -29.24 -33.92
C SER C 399 -35.43 -30.43 -34.76
N ASN C 400 -36.26 -30.15 -35.78
CA ASN C 400 -36.83 -31.16 -36.71
C ASN C 400 -37.76 -32.10 -35.92
N ASN C 401 -38.52 -31.54 -34.98
CA ASN C 401 -39.55 -32.28 -34.18
C ASN C 401 -40.93 -32.00 -34.79
N ARG C 402 -41.81 -33.01 -34.81
CA ARG C 402 -43.20 -32.90 -35.33
C ARG C 402 -43.97 -31.89 -34.47
N PHE C 403 -44.62 -30.91 -35.09
CA PHE C 403 -45.49 -29.92 -34.40
C PHE C 403 -46.53 -29.40 -35.39
N THR C 404 -47.55 -28.71 -34.89
CA THR C 404 -48.54 -27.98 -35.73
C THR C 404 -49.16 -26.83 -34.92
N PHE C 405 -50.01 -26.04 -35.55
CA PHE C 405 -50.83 -24.98 -34.90
C PHE C 405 -52.29 -25.41 -34.94
N HIS C 406 -53.09 -24.92 -33.99
CA HIS C 406 -54.56 -24.85 -34.11
C HIS C 406 -54.85 -23.95 -35.31
N PRO C 407 -55.56 -24.47 -36.34
CA PRO C 407 -55.64 -23.78 -37.62
C PRO C 407 -56.51 -22.51 -37.65
N VAL C 408 -57.31 -22.27 -36.59
CA VAL C 408 -58.25 -21.11 -36.52
C VAL C 408 -57.45 -19.82 -36.25
N ASP C 409 -57.68 -18.79 -37.07
CA ASP C 409 -57.05 -17.45 -36.97
C ASP C 409 -57.50 -16.80 -35.66
N ALA C 410 -56.61 -16.04 -35.01
CA ALA C 410 -56.90 -15.23 -33.81
C ALA C 410 -58.01 -14.24 -34.16
N SER C 411 -58.78 -13.83 -33.15
CA SER C 411 -60.01 -13.01 -33.30
C SER C 411 -60.05 -11.91 -32.25
N ASN C 412 -60.85 -10.86 -32.52
CA ASN C 412 -61.11 -9.74 -31.60
C ASN C 412 -62.46 -10.00 -30.92
N ILE C 413 -62.63 -9.56 -29.67
CA ILE C 413 -63.85 -9.83 -28.84
C ILE C 413 -64.22 -8.57 -28.04
N GLY C 414 -65.50 -8.22 -28.07
CA GLY C 414 -66.07 -7.06 -27.33
C GLY C 414 -67.45 -6.70 -27.84
N GLN C 415 -67.75 -5.41 -27.93
CA GLN C 415 -69.04 -4.86 -28.40
C GLN C 415 -69.00 -4.70 -29.93
N LEU C 416 -70.07 -5.11 -30.60
CA LEU C 416 -70.22 -5.01 -32.08
C LEU C 416 -70.76 -3.62 -32.43
N GLY C 417 -69.90 -2.61 -32.44
CA GLY C 417 -70.23 -1.24 -32.87
C GLY C 417 -70.64 -1.20 -34.34
N ASN C 418 -71.72 -0.49 -34.66
CA ASN C 418 -72.23 -0.32 -36.05
C ASN C 418 -71.33 0.64 -36.82
N VAL C 419 -70.89 0.23 -38.02
CA VAL C 419 -70.10 1.07 -38.97
C VAL C 419 -71.07 1.63 -40.02
N VAL C 420 -71.04 2.94 -40.25
CA VAL C 420 -71.82 3.66 -41.30
C VAL C 420 -71.29 3.28 -42.69
N SER C 421 -72.18 2.79 -43.56
CA SER C 421 -71.87 2.35 -44.94
C SER C 421 -72.55 3.26 -45.99
N LYS C 422 -72.22 3.05 -47.27
CA LYS C 422 -72.56 3.94 -48.42
C LYS C 422 -73.90 3.49 -49.02
N GLU C 423 -74.90 3.25 -48.17
CA GLU C 423 -76.22 2.66 -48.52
C GLU C 423 -76.04 1.18 -48.91
N SER C 424 -74.87 0.60 -48.59
CA SER C 424 -74.57 -0.85 -48.75
C SER C 424 -75.46 -1.65 -47.79
N THR C 425 -75.73 -1.06 -46.61
CA THR C 425 -76.54 -1.65 -45.50
C THR C 425 -75.88 -2.97 -45.10
N GLY C 426 -76.52 -4.12 -45.38
CA GLY C 426 -76.11 -5.43 -44.83
C GLY C 426 -75.88 -5.32 -43.33
N GLU C 427 -74.81 -5.94 -42.83
CA GLU C 427 -74.30 -5.76 -41.44
C GLU C 427 -72.81 -5.42 -41.52
N PHE C 428 -72.43 -4.19 -41.13
CA PHE C 428 -71.03 -3.72 -40.97
C PHE C 428 -70.77 -3.50 -39.47
N TYR C 429 -69.89 -4.31 -38.86
CA TYR C 429 -69.53 -4.25 -37.42
C TYR C 429 -68.04 -3.98 -37.25
N GLN C 430 -67.68 -3.44 -36.08
CA GLN C 430 -66.28 -3.14 -35.66
C GLN C 430 -66.12 -3.45 -34.17
N ILE C 431 -65.04 -4.15 -33.80
CA ILE C 431 -64.59 -4.34 -32.40
C ILE C 431 -63.20 -3.69 -32.27
N CYS C 432 -63.01 -2.84 -31.27
CA CYS C 432 -61.69 -2.26 -30.88
C CYS C 432 -61.39 -2.66 -29.44
N SER C 433 -60.38 -3.51 -29.23
CA SER C 433 -60.03 -4.05 -27.89
C SER C 433 -58.55 -4.42 -27.81
N VAL C 434 -58.08 -4.61 -26.57
CA VAL C 434 -56.76 -5.18 -26.21
C VAL C 434 -56.88 -6.71 -26.15
N GLN C 435 -58.11 -7.23 -26.07
CA GLN C 435 -58.39 -8.67 -25.93
C GLN C 435 -58.14 -9.37 -27.27
N LEU C 436 -57.41 -10.48 -27.24
CA LEU C 436 -57.14 -11.38 -28.38
C LEU C 436 -57.78 -12.75 -28.07
N SER C 437 -58.86 -13.08 -28.77
CA SER C 437 -59.69 -14.29 -28.53
C SER C 437 -59.24 -15.43 -29.46
N HIS C 438 -59.57 -16.67 -29.07
CA HIS C 438 -59.28 -17.91 -29.83
C HIS C 438 -60.51 -18.81 -29.79
N THR C 439 -61.07 -19.10 -30.97
CA THR C 439 -62.30 -19.92 -31.14
C THR C 439 -61.93 -21.29 -31.69
N ASP C 440 -62.79 -22.28 -31.45
CA ASP C 440 -62.72 -23.63 -32.08
C ASP C 440 -63.30 -23.54 -33.49
N ARG C 441 -63.23 -24.62 -34.26
CA ARG C 441 -63.76 -24.71 -35.64
C ARG C 441 -65.28 -24.45 -35.62
N ASP C 442 -65.99 -24.96 -34.60
CA ASP C 442 -67.46 -24.82 -34.45
C ASP C 442 -67.82 -23.36 -34.13
N GLY C 443 -66.88 -22.58 -33.58
CA GLY C 443 -67.03 -21.13 -33.31
C GLY C 443 -67.20 -20.81 -31.83
N SER C 444 -67.03 -21.80 -30.95
CA SER C 444 -67.06 -21.61 -29.47
C SER C 444 -65.78 -20.88 -29.02
N LEU C 445 -65.91 -19.98 -28.04
CA LEU C 445 -64.78 -19.25 -27.42
C LEU C 445 -64.02 -20.21 -26.50
N LEU C 446 -62.72 -20.41 -26.75
CA LEU C 446 -61.84 -21.29 -25.95
C LEU C 446 -61.17 -20.44 -24.85
N TRP C 447 -60.52 -19.33 -25.23
CA TRP C 447 -59.75 -18.46 -24.30
C TRP C 447 -59.41 -17.12 -24.97
N LEU C 448 -58.96 -16.14 -24.18
CA LEU C 448 -58.37 -14.87 -24.66
C LEU C 448 -57.19 -14.47 -23.77
N ASN C 449 -56.31 -13.60 -24.29
CA ASN C 449 -55.27 -12.88 -23.52
C ASN C 449 -55.67 -11.40 -23.49
N GLY C 450 -55.23 -10.67 -22.46
CA GLY C 450 -55.44 -9.21 -22.31
C GLY C 450 -56.32 -8.86 -21.12
N GLY C 451 -56.68 -9.84 -20.29
CA GLY C 451 -57.60 -9.65 -19.15
C GLY C 451 -59.00 -9.27 -19.62
N LEU C 452 -59.84 -8.77 -18.71
CA LEU C 452 -61.27 -8.44 -19.01
C LEU C 452 -61.60 -7.01 -18.58
N ASN C 453 -60.60 -6.13 -18.49
CA ASN C 453 -60.78 -4.66 -18.37
C ASN C 453 -60.41 -4.04 -19.72
N ILE C 454 -60.81 -2.78 -19.95
CA ILE C 454 -60.64 -2.05 -21.25
C ILE C 454 -59.15 -1.97 -21.58
N CYS C 455 -58.31 -1.62 -20.59
CA CYS C 455 -56.86 -1.37 -20.78
C CYS C 455 -56.10 -1.61 -19.46
N LYS C 456 -55.13 -2.52 -19.48
CA LYS C 456 -54.29 -2.91 -18.31
C LYS C 456 -53.12 -1.92 -18.14
N LYS C 457 -52.77 -1.15 -19.18
CA LYS C 457 -51.60 -0.24 -19.19
C LYS C 457 -51.95 1.07 -18.47
N THR C 458 -50.98 1.66 -17.77
CA THR C 458 -51.11 2.94 -17.03
C THR C 458 -50.72 4.10 -17.96
N SER C 459 -51.50 4.31 -19.03
CA SER C 459 -51.15 5.19 -20.18
C SER C 459 -52.22 6.27 -20.40
N TRP C 460 -53.12 6.48 -19.43
CA TRP C 460 -54.28 7.40 -19.56
C TRP C 460 -53.80 8.84 -19.73
N GLU C 461 -52.67 9.20 -19.12
CA GLU C 461 -52.08 10.56 -19.20
C GLU C 461 -51.67 10.86 -20.65
N TYR C 462 -50.89 9.96 -21.26
CA TYR C 462 -50.41 10.07 -22.66
C TYR C 462 -51.61 9.96 -23.62
N ASP C 463 -52.42 8.91 -23.44
CA ASP C 463 -53.51 8.52 -24.37
C ASP C 463 -54.55 9.64 -24.47
N TYR C 464 -54.87 10.29 -23.34
CA TYR C 464 -55.88 11.39 -23.29
C TYR C 464 -55.41 12.57 -24.13
N GLU C 465 -54.12 12.90 -24.09
CA GLU C 465 -53.52 14.08 -24.76
C GLU C 465 -53.37 13.82 -26.26
N HIS C 466 -53.14 12.56 -26.66
CA HIS C 466 -52.64 12.17 -28.01
C HIS C 466 -53.72 11.48 -28.85
N ARG C 467 -54.79 10.94 -28.24
CA ARG C 467 -55.88 10.21 -28.96
C ARG C 467 -57.15 11.06 -28.98
N GLN C 468 -57.65 11.40 -30.19
CA GLN C 468 -58.85 12.25 -30.39
C GLN C 468 -60.05 11.64 -29.68
N ARG C 469 -60.43 10.40 -30.02
CA ARG C 469 -61.64 9.72 -29.50
C ARG C 469 -61.69 9.87 -27.98
N LEU C 470 -60.57 9.60 -27.30
CA LEU C 470 -60.47 9.64 -25.81
C LEU C 470 -60.47 11.10 -25.34
N ASN C 471 -59.76 11.98 -26.04
CA ASN C 471 -59.64 13.43 -25.71
C ASN C 471 -61.01 14.09 -25.73
N ASP C 472 -61.80 13.82 -26.78
CA ASP C 472 -63.17 14.37 -26.97
C ASP C 472 -64.12 13.74 -25.93
N MET C 473 -64.11 12.41 -25.85
CA MET C 473 -65.06 11.58 -25.05
C MET C 473 -65.00 11.93 -23.55
N PHE C 474 -63.82 12.29 -23.03
CA PHE C 474 -63.59 12.55 -21.58
C PHE C 474 -63.11 13.99 -21.37
N GLN C 475 -63.20 14.46 -20.12
CA GLN C 475 -62.90 15.86 -19.72
C GLN C 475 -61.51 15.95 -19.10
N ASN C 476 -61.07 14.91 -18.37
CA ASN C 476 -59.70 14.80 -17.79
C ASN C 476 -59.10 13.46 -18.22
N ALA C 477 -57.79 13.27 -17.97
CA ALA C 477 -57.07 11.98 -18.09
C ALA C 477 -57.57 11.02 -17.01
N ASP C 478 -58.05 11.54 -15.88
CA ASP C 478 -58.56 10.76 -14.73
C ASP C 478 -59.83 10.02 -15.13
N GLU C 479 -60.70 10.63 -15.94
CA GLU C 479 -61.93 10.00 -16.46
C GLU C 479 -61.55 8.83 -17.37
N LEU C 480 -60.49 8.99 -18.18
CA LEU C 480 -59.96 7.93 -19.08
C LEU C 480 -59.40 6.77 -18.24
N ARG C 481 -58.73 7.08 -17.13
CA ARG C 481 -58.19 6.08 -16.16
C ARG C 481 -59.33 5.16 -15.72
N GLU C 482 -60.48 5.74 -15.37
CA GLU C 482 -61.68 4.99 -14.87
C GLU C 482 -62.25 4.13 -16.00
N TYR C 483 -62.30 4.65 -17.23
CA TYR C 483 -62.76 3.91 -18.44
C TYR C 483 -61.86 2.69 -18.67
N TYR C 484 -60.54 2.91 -18.59
CA TYR C 484 -59.50 1.86 -18.78
C TYR C 484 -59.67 0.75 -17.74
N ALA C 485 -60.03 1.12 -16.50
CA ALA C 485 -60.20 0.18 -15.36
C ALA C 485 -61.57 -0.50 -15.41
N SER C 486 -62.51 0.05 -16.18
CA SER C 486 -63.91 -0.46 -16.28
C SER C 486 -63.91 -1.83 -16.95
N PRO C 487 -64.87 -2.72 -16.60
CA PRO C 487 -64.95 -4.05 -17.21
C PRO C 487 -65.35 -4.00 -18.68
N VAL C 488 -64.87 -4.97 -19.46
CA VAL C 488 -65.19 -5.15 -20.91
C VAL C 488 -66.54 -5.87 -21.00
N LYS C 489 -67.23 -5.76 -22.15
CA LYS C 489 -68.56 -6.37 -22.42
C LYS C 489 -68.46 -7.26 -23.66
N LEU C 490 -68.49 -8.59 -23.46
CA LEU C 490 -68.27 -9.61 -24.50
C LEU C 490 -69.62 -9.93 -25.17
N GLU C 491 -69.88 -9.34 -26.34
CA GLU C 491 -71.17 -9.44 -27.07
C GLU C 491 -70.98 -10.21 -28.39
N GLY C 492 -69.78 -10.17 -28.97
CA GLY C 492 -69.48 -10.85 -30.25
C GLY C 492 -68.00 -11.02 -30.50
N ILE C 493 -67.65 -11.77 -31.53
CA ILE C 493 -66.26 -12.06 -31.99
C ILE C 493 -66.18 -11.77 -33.50
N ILE C 494 -65.12 -11.10 -33.94
CA ILE C 494 -64.80 -10.92 -35.39
C ILE C 494 -63.47 -11.61 -35.66
N ILE C 495 -63.45 -12.54 -36.64
CA ILE C 495 -62.22 -13.15 -37.21
C ILE C 495 -61.90 -12.38 -38.48
N PRO C 496 -61.00 -11.38 -38.42
CA PRO C 496 -60.77 -10.51 -39.58
C PRO C 496 -60.19 -11.29 -40.77
N ASP C 497 -60.51 -10.85 -41.99
CA ASP C 497 -59.88 -11.32 -43.26
C ASP C 497 -58.71 -10.38 -43.55
N THR C 498 -57.48 -10.81 -43.23
CA THR C 498 -56.25 -10.00 -43.18
C THR C 498 -55.85 -9.57 -44.60
N SER C 499 -56.32 -10.29 -45.63
CA SER C 499 -56.07 -10.00 -47.08
C SER C 499 -56.86 -8.76 -47.53
N ILE C 500 -57.98 -8.44 -46.87
CA ILE C 500 -58.91 -7.34 -47.25
C ILE C 500 -58.89 -6.25 -46.16
N SER C 501 -59.39 -6.56 -44.96
CA SER C 501 -59.40 -5.67 -43.77
C SER C 501 -58.88 -6.43 -42.55
N GLY C 502 -57.61 -6.22 -42.20
CA GLY C 502 -56.92 -6.94 -41.11
C GLY C 502 -56.97 -6.18 -39.80
N TRP C 503 -55.96 -6.38 -38.95
CA TRP C 503 -55.84 -5.73 -37.62
C TRP C 503 -55.29 -4.31 -37.80
N ILE C 504 -56.00 -3.31 -37.29
CA ILE C 504 -55.61 -1.87 -37.38
C ILE C 504 -55.45 -1.35 -35.95
N ASN C 505 -54.26 -0.87 -35.61
CA ASN C 505 -53.93 -0.29 -34.28
C ASN C 505 -54.72 1.02 -34.13
N SER C 506 -55.56 1.11 -33.10
CA SER C 506 -56.38 2.31 -32.77
C SER C 506 -55.50 3.37 -32.10
N GLY C 507 -54.36 2.96 -31.53
CA GLY C 507 -53.45 3.84 -30.77
C GLY C 507 -53.83 3.89 -29.30
N GLU C 508 -55.01 3.37 -28.94
CA GLU C 508 -55.53 3.39 -27.56
C GLU C 508 -54.83 2.31 -26.74
N CYS C 509 -54.81 2.47 -25.41
CA CYS C 509 -54.08 1.62 -24.46
C CYS C 509 -52.61 1.52 -24.89
N PHE C 510 -52.00 2.65 -25.24
CA PHE C 510 -50.56 2.80 -25.53
C PHE C 510 -50.19 1.92 -26.74
N LEU C 511 -51.03 1.96 -27.77
CA LEU C 511 -50.89 1.23 -29.07
C LEU C 511 -51.01 -0.29 -28.84
N PHE C 512 -51.82 -0.72 -27.87
CA PHE C 512 -52.14 -2.15 -27.61
C PHE C 512 -53.57 -2.49 -28.06
N ASN C 513 -54.40 -1.45 -28.27
CA ASN C 513 -55.81 -1.59 -28.75
C ASN C 513 -55.80 -1.75 -30.27
N TYR C 514 -56.49 -2.77 -30.79
CA TYR C 514 -56.61 -3.08 -32.24
C TYR C 514 -58.09 -3.12 -32.63
N CYS C 515 -58.41 -2.65 -33.85
CA CYS C 515 -59.77 -2.65 -34.44
C CYS C 515 -59.87 -3.68 -35.57
N THR C 516 -60.93 -4.49 -35.56
CA THR C 516 -61.24 -5.51 -36.59
C THR C 516 -62.62 -5.20 -37.19
N LEU C 517 -62.74 -5.25 -38.51
CA LEU C 517 -63.99 -4.91 -39.26
C LEU C 517 -64.57 -6.19 -39.88
N PHE C 518 -65.90 -6.32 -39.82
CA PHE C 518 -66.70 -7.38 -40.51
C PHE C 518 -67.80 -6.73 -41.34
N LYS C 519 -67.89 -7.10 -42.62
CA LYS C 519 -68.98 -6.69 -43.56
C LYS C 519 -69.55 -7.95 -44.23
N GLU C 520 -70.87 -8.12 -44.17
CA GLU C 520 -71.61 -9.32 -44.65
C GLU C 520 -71.29 -9.57 -46.13
N GLY C 521 -70.82 -10.77 -46.45
CA GLY C 521 -70.55 -11.23 -47.83
C GLY C 521 -69.37 -10.52 -48.49
N GLU C 522 -68.64 -9.67 -47.74
CA GLU C 522 -67.53 -8.85 -48.27
C GLU C 522 -66.20 -9.35 -47.66
N PHE C 523 -66.05 -9.29 -46.34
CA PHE C 523 -64.81 -9.71 -45.62
C PHE C 523 -65.12 -10.05 -44.15
N GLY C 524 -64.45 -11.08 -43.64
CA GLY C 524 -64.42 -11.46 -42.22
C GLY C 524 -65.51 -12.47 -41.86
N LYS C 525 -65.44 -13.01 -40.64
CA LYS C 525 -66.46 -13.91 -40.05
C LYS C 525 -66.94 -13.30 -38.73
N LEU C 526 -68.26 -13.23 -38.53
CA LEU C 526 -68.89 -12.73 -37.28
C LEU C 526 -69.36 -13.93 -36.43
N ILE C 527 -69.31 -13.79 -35.11
CA ILE C 527 -69.85 -14.78 -34.12
C ILE C 527 -70.57 -13.98 -33.04
N LYS C 528 -71.90 -13.91 -33.12
CA LYS C 528 -72.79 -13.25 -32.12
C LYS C 528 -73.11 -14.26 -31.01
N PHE C 529 -72.80 -13.93 -29.76
CA PHE C 529 -73.10 -14.78 -28.58
C PHE C 529 -74.61 -14.79 -28.34
N LYS C 530 -75.15 -15.96 -27.98
CA LYS C 530 -76.57 -16.13 -27.54
C LYS C 530 -76.70 -15.58 -26.12
N GLU C 531 -77.93 -15.27 -25.69
CA GLU C 531 -78.22 -14.65 -24.37
C GLU C 531 -77.72 -15.56 -23.24
N ASP C 532 -77.78 -16.88 -23.44
CA ASP C 532 -77.24 -17.91 -22.51
C ASP C 532 -75.73 -17.72 -22.34
N GLU C 533 -75.01 -17.60 -23.47
CA GLU C 533 -73.54 -17.43 -23.53
C GLU C 533 -73.16 -16.07 -22.95
N LYS C 534 -73.77 -14.99 -23.46
CA LYS C 534 -73.57 -13.59 -22.99
C LYS C 534 -73.66 -13.54 -21.46
N LEU C 535 -74.61 -14.28 -20.88
CA LEU C 535 -74.86 -14.34 -19.41
C LEU C 535 -73.67 -15.03 -18.71
N ARG C 536 -73.21 -16.17 -19.22
CA ARG C 536 -72.06 -16.93 -18.66
C ARG C 536 -70.81 -16.03 -18.71
N LEU C 537 -70.54 -15.43 -19.87
CA LEU C 537 -69.36 -14.54 -20.11
C LEU C 537 -69.46 -13.33 -19.16
N SER C 538 -70.62 -12.69 -19.08
CA SER C 538 -70.87 -11.51 -18.19
C SER C 538 -70.59 -11.90 -16.73
N GLN C 539 -70.88 -13.15 -16.33
CA GLN C 539 -70.61 -13.67 -14.97
C GLN C 539 -69.11 -13.82 -14.76
N ILE C 540 -68.38 -14.25 -15.80
CA ILE C 540 -66.91 -14.48 -15.78
C ILE C 540 -66.18 -13.13 -15.72
N VAL C 541 -66.61 -12.13 -16.50
CA VAL C 541 -66.02 -10.77 -16.49
C VAL C 541 -66.29 -10.13 -15.11
N ASP C 542 -67.46 -10.40 -14.53
CA ASP C 542 -67.88 -9.86 -13.20
C ASP C 542 -66.93 -10.37 -12.12
N ILE C 543 -66.71 -11.70 -12.06
CA ILE C 543 -65.84 -12.36 -11.04
C ILE C 543 -64.37 -11.96 -11.26
N TRP C 544 -63.96 -11.73 -12.51
CA TRP C 544 -62.59 -11.30 -12.87
C TRP C 544 -62.33 -9.88 -12.36
N ASN C 545 -63.30 -8.97 -12.54
CA ASN C 545 -63.13 -7.50 -12.29
C ASN C 545 -63.46 -7.14 -10.85
N LYS C 546 -63.73 -8.13 -9.97
CA LYS C 546 -64.06 -7.91 -8.53
C LYS C 546 -62.82 -7.32 -7.82
N ASP C 547 -63.02 -6.33 -6.96
CA ASP C 547 -61.91 -5.57 -6.29
C ASP C 547 -61.01 -6.56 -5.55
N ILE C 548 -59.68 -6.37 -5.69
CA ILE C 548 -58.61 -7.24 -5.13
C ILE C 548 -58.98 -8.72 -5.32
N CYS D 34 -0.07 2.16 15.72
CA CYS D 34 -0.26 3.47 16.42
C CYS D 34 0.91 4.43 16.17
N TRP D 35 2.11 3.94 15.76
CA TRP D 35 3.26 4.75 15.28
C TRP D 35 2.78 5.73 14.20
N SER D 36 1.76 5.32 13.43
CA SER D 36 1.12 6.04 12.30
C SER D 36 0.81 7.49 12.69
N TYR D 37 0.34 7.74 13.92
CA TYR D 37 0.01 9.10 14.44
C TYR D 37 1.22 10.03 14.23
N TYR D 38 2.40 9.62 14.71
CA TYR D 38 3.66 10.42 14.73
C TYR D 38 4.21 10.57 13.30
N GLU D 39 3.95 9.59 12.44
CA GLU D 39 4.31 9.62 10.99
C GLU D 39 3.35 10.60 10.26
N GLY D 40 2.14 10.77 10.78
CA GLY D 40 1.12 11.72 10.27
C GLY D 40 1.45 13.16 10.61
N LEU D 41 2.18 13.40 11.71
CA LEU D 41 2.60 14.75 12.16
C LEU D 41 3.61 15.34 11.16
N THR D 42 3.77 16.67 11.16
CA THR D 42 4.77 17.41 10.34
C THR D 42 6.17 16.89 10.66
N PRO D 43 7.05 16.66 9.66
CA PRO D 43 8.37 16.07 9.90
C PRO D 43 9.20 16.76 11.01
N GLY D 44 9.08 18.08 11.15
CA GLY D 44 9.86 18.88 12.12
C GLY D 44 9.15 19.06 13.46
N TRP D 45 8.07 18.30 13.73
CA TRP D 45 7.24 18.43 14.95
C TRP D 45 8.13 18.29 16.20
N LEU D 46 7.76 18.99 17.27
CA LEU D 46 8.56 19.12 18.51
C LEU D 46 7.64 19.57 19.65
N ASN D 47 7.78 18.96 20.83
CA ASN D 47 7.21 19.49 22.10
C ASN D 47 8.23 20.49 22.66
N ASP D 48 8.29 21.67 22.04
CA ASP D 48 9.29 22.73 22.33
C ASP D 48 8.79 23.59 23.50
N PHE D 49 9.71 24.25 24.19
CA PHE D 49 9.42 25.26 25.23
C PHE D 49 9.00 26.54 24.52
N TYR D 50 7.76 26.99 24.75
CA TYR D 50 7.16 28.21 24.16
C TYR D 50 8.03 29.42 24.54
N ASP D 51 8.19 30.34 23.58
CA ASP D 51 8.89 31.63 23.81
C ASP D 51 7.91 32.78 23.58
N VAL D 52 7.86 33.70 24.53
CA VAL D 52 6.79 34.74 24.60
C VAL D 52 6.97 35.67 23.39
N ASN D 53 8.19 35.82 22.89
CA ASN D 53 8.53 36.67 21.70
C ASN D 53 7.87 36.10 20.44
N GLN D 54 7.89 34.78 20.26
CA GLN D 54 7.26 34.07 19.12
C GLN D 54 5.81 33.75 19.53
N ILE D 55 4.90 34.73 19.41
CA ILE D 55 3.47 34.55 19.79
C ILE D 55 2.80 33.65 18.73
N THR D 56 2.22 32.53 19.17
CA THR D 56 1.51 31.57 18.29
C THR D 56 0.12 32.13 17.99
N PRO D 57 -0.32 32.07 16.72
CA PRO D 57 -1.69 32.44 16.35
C PRO D 57 -2.76 31.49 16.90
N ASN D 58 -2.42 30.21 17.10
CA ASN D 58 -3.36 29.14 17.56
C ASN D 58 -2.85 28.51 18.86
N PRO D 59 -2.95 29.21 20.01
CA PRO D 59 -2.44 28.69 21.28
C PRO D 59 -3.17 27.43 21.77
N ALA D 60 -4.51 27.43 21.69
CA ALA D 60 -5.38 26.34 22.16
C ALA D 60 -4.98 25.03 21.46
N LYS D 61 -4.79 25.08 20.14
CA LYS D 61 -4.47 23.89 19.30
C LYS D 61 -3.05 23.40 19.64
N ASP D 62 -2.11 24.34 19.83
CA ASP D 62 -0.70 24.05 20.18
C ASP D 62 -0.64 23.26 21.50
N VAL D 63 -1.39 23.70 22.51
CA VAL D 63 -1.44 23.03 23.85
C VAL D 63 -2.07 21.64 23.69
N ILE D 64 -3.16 21.53 22.94
CA ILE D 64 -3.89 20.24 22.69
C ILE D 64 -2.92 19.24 22.07
N GLU D 65 -2.08 19.69 21.12
CA GLU D 65 -1.05 18.84 20.46
C GLU D 65 -0.06 18.33 21.52
N LEU D 66 0.53 19.22 22.31
CA LEU D 66 1.53 18.88 23.36
C LEU D 66 0.96 17.77 24.25
N VAL D 67 -0.28 17.93 24.72
CA VAL D 67 -0.97 17.01 25.67
C VAL D 67 -1.24 15.67 24.96
N THR D 68 -1.78 15.74 23.74
CA THR D 68 -2.22 14.55 22.95
C THR D 68 -0.99 13.68 22.61
N ARG D 69 0.08 14.30 22.09
CA ARG D 69 1.33 13.59 21.69
C ARG D 69 1.86 12.76 22.87
N ILE D 70 1.78 13.30 24.10
CA ILE D 70 2.24 12.63 25.34
C ILE D 70 1.23 11.52 25.73
N LYS D 71 -0.07 11.78 25.57
CA LYS D 71 -1.14 10.78 25.86
C LYS D 71 -0.99 9.57 24.95
N ILE D 72 -0.87 9.80 23.64
CA ILE D 72 -0.72 8.74 22.60
C ILE D 72 0.50 7.87 22.94
N PHE D 73 1.61 8.50 23.31
CA PHE D 73 2.91 7.85 23.61
C PHE D 73 2.74 6.80 24.72
N PHE D 74 2.18 7.19 25.86
CA PHE D 74 2.05 6.34 27.08
C PHE D 74 0.87 5.36 26.91
N ASN D 75 0.02 5.54 25.90
CA ASN D 75 -1.05 4.58 25.52
C ASN D 75 -0.47 3.51 24.59
N CYS D 76 0.40 3.91 23.65
CA CYS D 76 1.09 3.00 22.68
C CYS D 76 2.11 2.11 23.39
N LEU D 77 2.67 2.58 24.52
CA LEU D 77 3.60 1.79 25.38
C LEU D 77 2.74 0.79 26.18
N ASN D 84 12.59 -1.66 16.47
CA ASN D 84 11.93 -0.33 16.40
C ASN D 84 12.34 0.56 17.60
N ILE D 85 13.42 0.19 18.29
CA ILE D 85 14.04 0.96 19.41
C ILE D 85 14.39 2.37 18.94
N GLN D 86 14.98 2.51 17.75
CA GLN D 86 15.51 3.79 17.21
C GLN D 86 14.34 4.72 16.87
N ARG D 87 13.19 4.16 16.44
CA ARG D 87 11.96 4.93 16.14
C ARG D 87 11.42 5.55 17.44
N LEU D 88 11.33 4.74 18.51
CA LEU D 88 10.85 5.18 19.85
C LEU D 88 11.69 6.36 20.32
N ARG D 89 13.02 6.22 20.28
CA ARG D 89 14.00 7.25 20.74
C ARG D 89 13.81 8.54 19.94
N ASP D 90 13.49 8.45 18.64
CA ASP D 90 13.25 9.61 17.75
C ASP D 90 11.99 10.36 18.19
N ILE D 91 10.98 9.65 18.67
CA ILE D 91 9.71 10.25 19.23
C ILE D 91 10.05 10.90 20.57
N GLU D 92 10.80 10.20 21.43
CA GLU D 92 11.24 10.68 22.77
C GLU D 92 12.01 12.00 22.63
N LYS D 93 12.88 12.10 21.60
CA LYS D 93 13.73 13.29 21.34
C LYS D 93 12.88 14.50 20.93
N LYS D 94 11.69 14.25 20.37
CA LYS D 94 10.74 15.28 19.90
C LYS D 94 9.67 15.54 20.97
N LEU D 95 9.38 14.55 21.82
CA LEU D 95 8.40 14.68 22.95
C LEU D 95 9.07 15.37 24.15
N PHE D 96 10.33 15.01 24.44
CA PHE D 96 11.06 15.40 25.68
C PHE D 96 12.44 15.94 25.31
N PRO D 97 12.54 17.01 24.49
CA PRO D 97 13.83 17.50 24.01
C PRO D 97 14.72 18.03 25.15
N TYR D 98 14.14 18.31 26.31
CA TYR D 98 14.86 18.82 27.52
C TYR D 98 15.75 17.71 28.11
N ILE D 99 15.49 16.45 27.77
CA ILE D 99 16.36 15.29 28.13
C ILE D 99 17.54 15.24 27.15
N ASN D 100 18.76 15.07 27.67
CA ASN D 100 20.02 15.01 26.89
C ASN D 100 20.22 13.58 26.38
N PHE D 101 19.39 13.15 25.42
CA PHE D 101 19.42 11.78 24.82
C PHE D 101 20.75 11.55 24.10
N GLU D 102 21.35 12.62 23.56
CA GLU D 102 22.65 12.58 22.84
C GLU D 102 23.73 12.03 23.78
N LYS D 103 23.79 12.53 25.02
CA LYS D 103 24.77 12.12 26.06
C LYS D 103 24.44 10.71 26.57
N LEU D 104 23.16 10.34 26.64
CA LEU D 104 22.71 8.98 27.05
C LEU D 104 23.26 7.96 26.05
N GLU D 105 23.21 8.30 24.76
CA GLU D 105 23.65 7.44 23.63
C GLU D 105 25.18 7.39 23.56
N THR D 106 25.84 8.53 23.80
CA THR D 106 27.32 8.71 23.71
C THR D 106 27.87 9.19 25.06
N ASP D 107 28.59 8.33 25.78
CA ASP D 107 29.19 8.63 27.11
C ASP D 107 28.07 8.61 28.16
N GLU D 108 27.38 7.48 28.26
CA GLU D 108 26.21 7.24 29.16
C GLU D 108 26.55 7.68 30.59
N SER D 109 27.78 7.41 31.06
CA SER D 109 28.26 7.72 32.43
C SER D 109 28.25 9.23 32.70
N ALA D 110 28.46 10.05 31.66
CA ALA D 110 28.45 11.54 31.75
C ALA D 110 27.01 12.05 31.82
N PHE D 111 26.05 11.34 31.19
CA PHE D 111 24.61 11.69 31.13
C PHE D 111 23.97 11.54 32.51
N TRP D 112 24.10 10.38 33.13
CA TRP D 112 23.40 10.03 34.40
C TRP D 112 23.69 11.10 35.47
N HIS D 113 22.68 11.37 36.30
CA HIS D 113 22.74 12.28 37.47
C HIS D 113 23.68 11.71 38.54
N THR D 114 24.13 12.56 39.46
CA THR D 114 25.01 12.20 40.61
C THR D 114 24.31 12.56 41.92
N THR D 115 24.08 11.59 42.80
CA THR D 115 23.59 11.79 44.19
C THR D 115 24.81 11.85 45.12
N THR D 116 24.74 12.68 46.16
CA THR D 116 25.81 12.86 47.19
C THR D 116 25.17 12.77 48.58
N ARG D 117 25.60 11.81 49.40
CA ARG D 117 25.08 11.57 50.76
C ARG D 117 25.75 12.56 51.73
N TRP D 118 25.10 12.81 52.87
CA TRP D 118 25.58 13.73 53.96
C TRP D 118 26.99 13.34 54.40
N ASN D 119 27.29 12.04 54.46
CA ASN D 119 28.58 11.48 54.93
C ASN D 119 29.72 11.88 53.96
N GLY D 120 29.38 12.26 52.73
CA GLY D 120 30.33 12.76 51.71
C GLY D 120 30.50 11.79 50.55
N GLU D 121 29.97 10.56 50.68
CA GLU D 121 30.00 9.52 49.63
C GLU D 121 29.26 10.02 48.39
N VAL D 122 29.78 9.71 47.20
CA VAL D 122 29.25 10.14 45.88
C VAL D 122 28.87 8.89 45.07
N TYR D 123 27.71 8.92 44.40
CA TYR D 123 27.14 7.79 43.62
C TYR D 123 26.83 8.24 42.20
N HIS D 124 27.51 7.67 41.19
CA HIS D 124 27.28 7.91 39.75
C HIS D 124 26.43 6.77 39.17
N ALA D 125 25.55 7.08 38.22
CA ALA D 125 24.67 6.12 37.49
C ALA D 125 24.20 5.01 38.44
N SER D 126 23.65 5.38 39.61
CA SER D 126 23.26 4.46 40.70
C SER D 126 21.80 4.70 41.12
N MET D 127 21.12 3.65 41.57
CA MET D 127 19.73 3.67 42.10
C MET D 127 19.78 3.51 43.63
N LEU D 128 19.37 4.55 44.37
CA LEU D 128 19.34 4.55 45.86
C LEU D 128 18.15 3.70 46.33
N GLU D 129 18.38 2.77 47.25
CA GLU D 129 17.34 1.92 47.89
C GLU D 129 17.22 2.30 49.37
N PHE D 130 15.99 2.36 49.89
CA PHE D 130 15.67 2.71 51.30
C PHE D 130 14.71 1.66 51.86
N ASP D 131 14.73 1.48 53.18
CA ASP D 131 13.84 0.55 53.92
C ASP D 131 12.47 1.20 54.03
N PRO D 132 11.40 0.63 53.42
CA PRO D 132 10.06 1.21 53.51
C PRO D 132 9.51 1.43 54.93
N LYS D 133 9.99 0.67 55.92
CA LYS D 133 9.44 0.65 57.30
C LYS D 133 10.14 1.69 58.18
N ASN D 134 11.47 1.72 58.19
CA ASN D 134 12.29 2.61 59.06
C ASN D 134 12.79 3.83 58.25
N HIS D 135 12.69 3.76 56.92
CA HIS D 135 13.01 4.87 55.96
C HIS D 135 14.52 5.09 55.84
N GLN D 136 15.35 4.23 56.46
CA GLN D 136 16.82 4.38 56.48
C GLN D 136 17.41 3.83 55.18
N PHE D 137 18.54 4.40 54.75
CA PHE D 137 19.28 4.01 53.52
C PHE D 137 19.80 2.58 53.65
N LEU D 138 19.68 1.78 52.58
CA LEU D 138 20.16 0.38 52.53
C LEU D 138 21.39 0.29 51.62
N ARG D 139 21.21 0.41 50.30
CA ARG D 139 22.29 0.18 49.30
C ARG D 139 22.09 1.09 48.08
N SER D 140 23.01 1.03 47.12
CA SER D 140 22.97 1.78 45.85
C SER D 140 23.40 0.88 44.68
N LYS D 141 22.49 0.04 44.18
CA LYS D 141 22.71 -0.84 43.00
C LYS D 141 22.91 0.05 41.77
N PRO D 142 23.81 -0.31 40.83
CA PRO D 142 24.05 0.49 39.63
C PRO D 142 22.88 0.43 38.63
N ILE D 143 22.72 1.48 37.83
CA ILE D 143 21.63 1.63 36.81
C ILE D 143 21.99 0.79 35.58
N ASN D 144 21.20 -0.23 35.29
CA ASN D 144 21.31 -1.07 34.06
C ASN D 144 20.19 -0.67 33.10
N PHE D 145 20.44 0.32 32.22
CA PHE D 145 19.46 0.85 31.24
C PHE D 145 19.05 -0.26 30.28
N ASP D 146 17.82 -0.77 30.43
CA ASP D 146 17.19 -1.76 29.51
C ASP D 146 16.80 -1.04 28.21
N THR D 147 17.51 -1.29 27.12
CA THR D 147 17.29 -0.68 25.77
C THR D 147 15.92 -1.11 25.24
N GLY D 148 15.38 -2.24 25.71
CA GLY D 148 14.06 -2.77 25.32
C GLY D 148 12.91 -1.96 25.90
N LEU D 149 13.15 -1.21 26.98
CA LEU D 149 12.16 -0.33 27.67
C LEU D 149 12.38 1.13 27.24
N SER D 150 11.33 1.96 27.36
CA SER D 150 11.36 3.43 27.15
C SER D 150 12.21 4.10 28.22
N PHE D 151 12.66 5.34 27.97
CA PHE D 151 13.49 6.12 28.92
C PHE D 151 12.76 6.29 30.26
N TRP D 152 11.47 6.64 30.21
CA TRP D 152 10.64 6.93 31.41
C TRP D 152 10.26 5.63 32.12
N GLU D 153 10.09 4.53 31.37
CA GLU D 153 9.92 3.17 31.93
C GLU D 153 11.21 2.77 32.66
N ASN D 154 12.36 3.03 32.04
CA ASN D 154 13.70 2.84 32.65
C ASN D 154 13.77 3.66 33.96
N TRP D 155 13.30 4.91 33.93
CA TRP D 155 13.38 5.84 35.09
C TRP D 155 12.62 5.27 36.29
N LEU D 156 11.50 4.58 36.07
CA LEU D 156 10.61 4.07 37.14
C LEU D 156 11.11 2.70 37.65
N HIS D 157 11.76 1.91 36.81
CA HIS D 157 12.07 0.47 37.06
C HIS D 157 13.56 0.26 37.35
N THR D 158 14.45 0.86 36.55
CA THR D 158 15.92 0.64 36.62
C THR D 158 16.61 1.75 37.44
N VAL D 159 16.08 2.97 37.43
CA VAL D 159 16.70 4.18 38.06
C VAL D 159 16.12 4.41 39.46
N THR D 160 14.84 4.09 39.68
CA THR D 160 14.09 4.45 40.91
C THR D 160 13.62 3.18 41.63
N GLN D 161 13.70 3.18 42.96
CA GLN D 161 13.22 2.07 43.83
C GLN D 161 11.70 2.21 43.99
N SER D 162 10.94 1.16 43.65
CA SER D 162 9.47 1.07 43.85
C SER D 162 9.14 1.33 45.33
N GLY D 163 8.18 2.21 45.60
CA GLY D 163 7.60 2.44 46.94
C GLY D 163 8.46 3.37 47.81
N SER D 164 9.59 3.84 47.30
CA SER D 164 10.53 4.74 48.04
C SER D 164 9.86 6.09 48.29
N LYS D 165 9.76 6.49 49.57
CA LYS D 165 9.20 7.78 50.03
C LYS D 165 10.34 8.65 50.56
N GLY D 166 10.27 9.96 50.34
CA GLY D 166 11.29 10.92 50.82
C GLY D 166 10.86 12.36 50.59
N ILE D 167 11.38 13.27 51.42
CA ILE D 167 11.16 14.75 51.31
C ILE D 167 12.06 15.26 50.20
N VAL D 168 11.52 16.09 49.30
CA VAL D 168 12.28 16.70 48.17
C VAL D 168 12.16 18.22 48.27
N ILE D 169 13.28 18.92 48.09
CA ILE D 169 13.36 20.42 48.09
C ILE D 169 14.14 20.85 46.86
N SER D 170 13.59 21.76 46.05
CA SER D 170 14.31 22.47 44.98
C SER D 170 15.02 23.69 45.59
N ALA D 171 16.35 23.73 45.50
CA ALA D 171 17.19 24.77 46.13
C ALA D 171 18.36 25.13 45.21
N SER D 172 18.58 26.43 45.01
CA SER D 172 19.85 27.05 44.56
C SER D 172 20.53 27.63 45.81
N ASP D 173 21.64 28.36 45.65
CA ASP D 173 22.34 29.06 46.76
C ASP D 173 21.37 30.07 47.39
N VAL D 174 20.48 30.66 46.59
CA VAL D 174 19.47 31.66 47.04
C VAL D 174 18.61 31.05 48.17
N GLN D 175 18.27 29.76 48.08
CA GLN D 175 17.32 29.08 49.00
C GLN D 175 18.04 28.47 50.21
N LEU D 176 19.35 28.71 50.36
CA LEU D 176 20.20 28.12 51.43
C LEU D 176 19.54 28.32 52.80
N ASN D 177 19.37 29.58 53.22
CA ASN D 177 18.87 29.95 54.57
C ASN D 177 17.52 29.28 54.84
N GLU D 178 16.55 29.45 53.94
CA GLU D 178 15.17 28.89 54.08
C GLU D 178 15.24 27.36 54.24
N THR D 179 16.12 26.69 53.49
CA THR D 179 16.33 25.22 53.53
C THR D 179 16.87 24.81 54.91
N ILE D 180 17.83 25.58 55.47
CA ILE D 180 18.42 25.34 56.82
C ILE D 180 17.28 25.36 57.84
N ARG D 181 16.42 26.37 57.76
CA ARG D 181 15.33 26.63 58.74
C ARG D 181 14.30 25.49 58.68
N LEU D 182 14.05 24.95 57.49
CA LEU D 182 13.15 23.79 57.28
C LEU D 182 13.78 22.55 57.96
N LEU D 183 15.07 22.29 57.71
CA LEU D 183 15.82 21.17 58.31
C LEU D 183 15.66 21.21 59.84
N LYS D 184 15.92 22.36 60.45
CA LYS D 184 15.83 22.55 61.93
C LYS D 184 14.45 22.11 62.42
N VAL D 185 13.38 22.50 61.72
CA VAL D 185 11.97 22.17 62.10
C VAL D 185 11.77 20.66 61.94
N LEU D 186 12.25 20.07 60.84
CA LEU D 186 12.16 18.61 60.58
C LEU D 186 12.83 17.84 61.72
N ARG D 187 14.00 18.30 62.17
CA ARG D 187 14.76 17.71 63.30
C ARG D 187 13.97 17.90 64.60
N PHE D 188 13.41 19.08 64.84
CA PHE D 188 12.63 19.41 66.06
C PHE D 188 11.42 18.47 66.19
N ILE D 189 10.77 18.11 65.08
CA ILE D 189 9.57 17.23 65.06
C ILE D 189 10.00 15.77 64.88
N LYS D 190 11.32 15.50 64.84
CA LYS D 190 11.92 14.14 64.86
C LYS D 190 11.54 13.40 63.58
N ASN D 191 11.80 14.01 62.42
CA ASN D 191 11.57 13.41 61.08
C ASN D 191 12.54 12.22 60.91
N ASP D 192 12.02 11.09 60.41
CA ASP D 192 12.79 9.85 60.11
C ASP D 192 12.91 9.64 58.59
N TYR D 193 12.08 10.33 57.80
CA TYR D 193 12.06 10.21 56.31
C TYR D 193 13.33 10.85 55.75
N PRO D 194 13.94 10.28 54.69
CA PRO D 194 15.11 10.87 54.06
C PRO D 194 14.73 12.20 53.37
N ILE D 195 15.70 13.11 53.24
CA ILE D 195 15.55 14.43 52.57
C ILE D 195 16.54 14.46 51.41
N GLN D 196 16.09 14.90 50.23
CA GLN D 196 16.97 15.11 49.05
C GLN D 196 16.81 16.54 48.58
N ILE D 197 17.92 17.29 48.52
CA ILE D 197 17.98 18.68 47.99
C ILE D 197 18.44 18.59 46.54
N VAL D 198 17.54 18.87 45.59
CA VAL D 198 17.81 18.80 44.13
C VAL D 198 18.20 20.19 43.63
N HIS D 199 19.27 20.27 42.85
CA HIS D 199 19.80 21.53 42.25
C HIS D 199 20.26 21.22 40.81
N ASN D 200 20.43 22.27 40.00
CA ASN D 200 20.85 22.18 38.58
C ASN D 200 22.25 22.81 38.44
N ALA D 201 23.22 22.25 39.18
CA ALA D 201 24.63 22.73 39.25
C ALA D 201 24.65 24.21 39.65
N ASP D 202 23.80 24.61 40.60
CA ASP D 202 23.68 26.01 41.09
C ASP D 202 23.59 25.99 42.63
N LEU D 203 24.15 24.96 43.27
CA LEU D 203 24.32 24.86 44.74
C LEU D 203 25.80 24.64 45.04
N SER D 204 26.43 25.58 45.75
CA SER D 204 27.89 25.62 46.03
C SER D 204 28.25 24.54 47.06
N GLN D 205 29.53 24.15 47.11
CA GLN D 205 30.08 23.19 48.11
C GLN D 205 29.91 23.77 49.51
N ASP D 206 30.14 25.09 49.67
CA ASP D 206 29.95 25.84 50.94
C ASP D 206 28.52 25.64 51.46
N SER D 207 27.53 25.82 50.58
CA SER D 207 26.08 25.69 50.89
C SER D 207 25.78 24.26 51.34
N MET D 208 26.26 23.25 50.60
CA MET D 208 26.06 21.81 50.91
C MET D 208 26.66 21.49 52.28
N LYS D 209 27.89 21.96 52.53
CA LYS D 209 28.62 21.77 53.82
C LYS D 209 27.78 22.33 54.97
N SER D 210 27.26 23.55 54.81
CA SER D 210 26.43 24.26 55.82
C SER D 210 25.12 23.49 56.07
N ILE D 211 24.50 22.97 55.01
CA ILE D 211 23.25 22.15 55.08
C ILE D 211 23.54 20.87 55.87
N ILE D 212 24.64 20.17 55.53
CA ILE D 212 25.06 18.90 56.18
C ILE D 212 25.30 19.16 57.68
N LYS D 213 25.92 20.29 58.02
CA LYS D 213 26.21 20.71 59.41
C LYS D 213 24.90 20.73 60.21
N TYR D 214 23.92 21.52 59.78
CA TYR D 214 22.62 21.73 60.47
C TYR D 214 21.77 20.45 60.40
N ALA D 215 22.03 19.59 59.42
CA ALA D 215 21.33 18.30 59.21
C ALA D 215 21.82 17.24 60.20
N ARG D 216 23.11 17.24 60.54
CA ARG D 216 23.79 16.12 61.25
C ARG D 216 24.20 16.52 62.68
N SER D 217 24.76 17.72 62.88
CA SER D 217 25.34 18.18 64.17
C SER D 217 24.36 18.01 65.33
N LEU D 218 24.88 17.73 66.54
CA LEU D 218 24.13 17.60 67.82
C LEU D 218 23.04 16.52 67.68
N ASP D 219 23.40 15.34 67.17
CA ASP D 219 22.48 14.18 66.98
C ASP D 219 22.01 13.70 68.35
N THR D 220 20.69 13.59 68.54
CA THR D 220 20.03 13.13 69.80
C THR D 220 18.64 12.56 69.44
N ALA D 221 18.00 11.87 70.38
CA ALA D 221 16.66 11.26 70.22
C ALA D 221 15.60 12.36 70.06
N GLU D 222 15.80 13.52 70.67
CA GLU D 222 14.86 14.68 70.66
C GLU D 222 15.09 15.55 69.41
N TYR D 223 16.32 15.55 68.88
CA TYR D 223 16.76 16.36 67.71
C TYR D 223 17.61 15.47 66.79
N PRO D 224 17.02 14.40 66.21
CA PRO D 224 17.78 13.42 65.44
C PRO D 224 18.35 13.99 64.13
N ALA D 225 19.51 13.50 63.72
CA ALA D 225 20.17 13.83 62.43
C ALA D 225 19.29 13.31 61.28
N GLN D 226 19.33 14.00 60.15
CA GLN D 226 18.46 13.72 58.97
C GLN D 226 19.28 12.98 57.91
N GLU D 227 18.70 11.93 57.31
CA GLU D 227 19.28 11.19 56.17
C GLU D 227 19.19 12.11 54.93
N LEU D 228 20.07 13.12 54.85
CA LEU D 228 20.03 14.15 53.78
C LEU D 228 20.86 13.68 52.59
N TRP D 229 20.39 13.97 51.38
CA TRP D 229 21.10 13.72 50.10
C TRP D 229 21.09 14.99 49.25
N PHE D 230 22.02 15.10 48.30
CA PHE D 230 22.05 16.13 47.24
C PHE D 230 21.94 15.42 45.89
N LEU D 231 21.30 16.06 44.91
CA LEU D 231 21.10 15.52 43.54
C LEU D 231 21.33 16.64 42.53
N ASN D 232 22.27 16.43 41.60
CA ASN D 232 22.54 17.34 40.46
C ASN D 232 21.97 16.70 39.20
N VAL D 233 21.05 17.39 38.53
CA VAL D 233 20.30 16.88 37.34
C VAL D 233 20.92 17.46 36.06
N HIS D 234 21.90 18.37 36.18
CA HIS D 234 22.47 19.16 35.06
C HIS D 234 22.89 18.25 33.89
N SER D 235 23.47 17.09 34.21
CA SER D 235 23.95 16.10 33.22
C SER D 235 22.78 15.54 32.39
N LEU D 236 21.61 15.33 33.02
CA LEU D 236 20.40 14.76 32.38
C LEU D 236 19.81 15.74 31.37
N LEU D 237 19.93 17.05 31.65
CA LEU D 237 19.27 18.12 30.86
C LEU D 237 20.15 18.47 29.65
N ASN D 238 19.52 18.57 28.47
CA ASN D 238 20.18 18.98 27.21
C ASN D 238 20.51 20.48 27.32
N PRO D 239 21.77 20.90 27.10
CA PRO D 239 22.21 22.27 27.34
C PRO D 239 21.32 23.41 26.84
N LYS D 240 20.56 23.19 25.76
CA LYS D 240 19.60 24.18 25.18
C LYS D 240 18.51 24.49 26.21
N TYR D 241 17.91 23.47 26.82
CA TYR D 241 16.74 23.56 27.74
C TYR D 241 17.19 23.68 29.20
N SER D 242 18.46 23.36 29.52
CA SER D 242 19.01 23.28 30.90
C SER D 242 18.84 24.62 31.63
N LYS D 243 18.87 25.73 30.90
CA LYS D 243 18.80 27.12 31.44
C LYS D 243 17.34 27.63 31.45
N LYS D 244 16.44 26.97 30.72
CA LYS D 244 15.03 27.39 30.55
C LYS D 244 14.22 27.09 31.83
N PHE D 245 14.60 26.05 32.59
CA PHE D 245 13.99 25.74 33.91
C PHE D 245 14.49 26.78 34.92
N THR D 246 13.64 27.77 35.21
CA THR D 246 13.98 28.97 36.03
C THR D 246 12.94 29.16 37.13
N THR D 247 13.39 29.68 38.28
CA THR D 247 12.57 29.96 39.50
C THR D 247 11.76 28.71 39.85
N TYR D 248 10.43 28.78 39.73
CA TYR D 248 9.48 27.74 40.22
C TYR D 248 9.57 26.50 39.34
N SER D 249 9.95 26.66 38.08
CA SER D 249 10.13 25.56 37.09
C SER D 249 11.13 24.51 37.64
N ASN D 250 12.09 24.95 38.46
CA ASN D 250 13.12 24.06 39.06
C ASN D 250 12.42 22.95 39.86
N LYS D 251 11.24 23.22 40.42
CA LYS D 251 10.47 22.25 41.23
C LYS D 251 10.10 21.02 40.38
N TRP D 252 9.94 21.19 39.06
CA TRP D 252 9.68 20.05 38.14
C TRP D 252 10.92 19.14 38.08
N LEU D 253 12.11 19.73 38.02
CA LEU D 253 13.41 18.99 38.04
C LEU D 253 13.54 18.24 39.36
N ALA D 254 13.27 18.93 40.48
CA ALA D 254 13.31 18.37 41.85
C ALA D 254 12.36 17.17 41.93
N LEU D 255 11.10 17.35 41.57
CA LEU D 255 10.04 16.32 41.69
C LEU D 255 10.34 15.14 40.76
N THR D 256 10.52 15.41 39.46
CA THR D 256 10.65 14.39 38.39
C THR D 256 11.86 13.49 38.66
N PHE D 257 13.03 14.08 38.92
CA PHE D 257 14.33 13.37 38.93
C PHE D 257 14.72 12.91 40.34
N SER D 258 13.96 13.28 41.38
CA SER D 258 14.19 12.85 42.78
C SER D 258 14.33 11.32 42.82
N SER D 259 15.13 10.81 43.78
CA SER D 259 15.48 9.37 43.93
C SER D 259 14.32 8.58 44.54
N PHE D 260 13.20 9.24 44.89
CA PHE D 260 12.00 8.59 45.48
C PHE D 260 10.93 8.44 44.39
N GLU D 261 10.22 7.31 44.39
CA GLU D 261 9.05 7.06 43.50
C GLU D 261 7.88 7.91 43.98
N ILE D 262 7.74 8.07 45.30
CA ILE D 262 6.60 8.77 45.95
C ILE D 262 7.14 9.94 46.77
N PRO D 263 7.74 10.98 46.11
CA PRO D 263 8.30 12.11 46.83
C PRO D 263 7.21 12.98 47.46
N ILE D 264 7.52 13.60 48.60
CA ILE D 264 6.72 14.71 49.20
C ILE D 264 7.53 15.99 48.98
N LEU D 265 7.19 16.75 47.93
CA LEU D 265 7.86 18.01 47.53
C LEU D 265 7.46 19.10 48.53
N MET D 266 8.44 19.88 48.99
CA MET D 266 8.22 21.02 49.92
C MET D 266 8.96 22.24 49.40
N ASP D 267 8.32 23.42 49.50
CA ASP D 267 9.00 24.73 49.38
C ASP D 267 10.05 24.84 50.49
N SER D 268 11.13 25.58 50.25
CA SER D 268 12.11 25.93 51.30
C SER D 268 11.42 26.80 52.36
N ASP D 269 10.40 27.59 51.97
CA ASP D 269 9.61 28.47 52.86
C ASP D 269 8.44 27.69 53.50
N THR D 270 8.26 26.40 53.17
CA THR D 270 7.19 25.54 53.76
C THR D 270 7.60 25.12 55.17
N VAL D 271 6.62 24.98 56.06
CA VAL D 271 6.80 24.52 57.48
C VAL D 271 5.74 23.46 57.79
N PRO D 272 6.13 22.18 57.97
CA PRO D 272 5.21 21.14 58.42
C PRO D 272 5.11 21.12 59.96
N PHE D 273 3.89 20.99 60.49
CA PHE D 273 3.59 20.98 61.95
C PHE D 273 3.11 19.58 62.38
N VAL D 274 3.17 18.60 61.49
CA VAL D 274 2.83 17.17 61.77
C VAL D 274 3.93 16.29 61.18
N SER D 275 4.06 15.05 61.65
CA SER D 275 5.01 14.05 61.12
C SER D 275 4.66 13.78 59.65
N ILE D 276 5.69 13.59 58.82
CA ILE D 276 5.56 13.42 57.33
C ILE D 276 4.60 12.26 57.03
N LYS D 277 4.61 11.21 57.85
CA LYS D 277 3.76 10.00 57.63
C LYS D 277 2.27 10.39 57.65
N LYS D 278 1.89 11.42 58.41
CA LYS D 278 0.48 11.90 58.51
C LYS D 278 -0.01 12.41 57.14
N PHE D 279 0.87 13.03 56.36
CA PHE D 279 0.56 13.54 54.99
C PHE D 279 0.26 12.36 54.07
N TYR D 280 1.15 11.35 54.06
CA TYR D 280 1.01 10.10 53.28
C TYR D 280 -0.26 9.35 53.70
N GLU D 281 -0.65 9.45 54.97
CA GLU D 281 -1.83 8.74 55.56
C GLU D 281 -3.13 9.40 55.09
N LEU D 282 -3.10 10.65 54.63
CA LEU D 282 -4.31 11.39 54.18
C LEU D 282 -5.01 10.58 53.08
N GLU D 283 -6.33 10.47 53.17
CA GLU D 283 -7.16 9.55 52.33
C GLU D 283 -7.07 9.97 50.87
N GLU D 284 -6.97 11.27 50.59
CA GLU D 284 -6.88 11.83 49.22
C GLU D 284 -5.69 11.19 48.49
N PHE D 285 -4.51 11.16 49.12
CA PHE D 285 -3.30 10.53 48.53
C PHE D 285 -3.49 9.01 48.40
N GLN D 286 -4.02 8.36 49.43
CA GLN D 286 -4.23 6.90 49.47
C GLN D 286 -5.05 6.45 48.25
N LYS D 287 -6.10 7.22 47.90
CA LYS D 287 -7.12 6.83 46.90
C LYS D 287 -6.71 7.24 45.48
N THR D 288 -5.93 8.31 45.32
CA THR D 288 -5.62 8.94 44.01
C THR D 288 -4.13 8.88 43.67
N GLY D 289 -3.25 8.93 44.68
CA GLY D 289 -1.79 8.93 44.50
C GLY D 289 -1.24 10.33 44.28
N VAL D 290 -2.05 11.37 44.53
CA VAL D 290 -1.58 12.78 44.60
C VAL D 290 -2.18 13.42 45.86
N LEU D 291 -1.39 14.24 46.55
CA LEU D 291 -1.88 15.15 47.62
C LEU D 291 -1.71 16.59 47.12
N PHE D 292 -2.82 17.22 46.75
CA PHE D 292 -2.92 18.63 46.28
C PHE D 292 -3.73 19.43 47.30
N PHE D 293 -3.24 20.61 47.69
CA PHE D 293 -3.93 21.55 48.63
C PHE D 293 -4.45 22.75 47.84
N LYS D 294 -5.57 23.32 48.31
CA LYS D 294 -6.25 24.48 47.68
C LYS D 294 -5.51 25.75 48.07
N ASP D 295 -5.53 26.76 47.20
CA ASP D 295 -4.84 28.08 47.36
C ASP D 295 -5.85 29.08 47.94
N ARG D 296 -5.39 30.30 48.26
CA ARG D 296 -6.27 31.46 48.55
C ARG D 296 -7.26 31.62 47.38
N VAL D 297 -8.48 32.07 47.67
CA VAL D 297 -9.43 32.57 46.63
C VAL D 297 -9.13 34.06 46.41
N ILE D 298 -8.60 34.42 45.23
CA ILE D 298 -8.27 35.82 44.83
C ILE D 298 -9.31 36.29 43.82
N SER D 299 -10.26 37.13 44.26
CA SER D 299 -11.37 37.69 43.43
C SER D 299 -10.93 38.99 42.74
N ASP D 300 -9.71 39.46 43.02
CA ASP D 300 -9.10 40.66 42.39
C ASP D 300 -8.66 40.34 40.95
N ASP D 301 -7.97 39.21 40.78
CA ASP D 301 -7.19 38.84 39.56
C ASP D 301 -7.98 37.78 38.78
N LEU D 302 -8.78 38.22 37.80
CA LEU D 302 -9.74 37.36 37.04
C LEU D 302 -9.25 37.19 35.60
N PHE D 303 -9.57 36.04 35.00
CA PHE D 303 -9.29 35.72 33.57
C PHE D 303 -10.15 36.61 32.68
N GLU D 304 -9.59 37.05 31.54
CA GLU D 304 -10.34 37.69 30.43
C GLU D 304 -11.17 36.61 29.73
N SER D 305 -12.27 37.00 29.08
CA SER D 305 -13.15 36.09 28.31
C SER D 305 -12.36 35.38 27.21
N SER D 306 -11.40 36.08 26.58
CA SER D 306 -10.50 35.55 25.52
C SER D 306 -9.64 34.41 26.08
N GLU D 307 -9.15 34.57 27.31
CA GLU D 307 -8.29 33.59 28.02
C GLU D 307 -9.13 32.33 28.33
N LEU D 308 -10.33 32.50 28.88
CA LEU D 308 -11.24 31.39 29.25
C LEU D 308 -11.67 30.63 27.99
N LYS D 309 -11.91 31.33 26.88
CA LYS D 309 -12.30 30.71 25.58
C LYS D 309 -11.20 29.73 25.17
N ILE D 310 -9.94 30.13 25.28
CA ILE D 310 -8.74 29.31 24.91
C ILE D 310 -8.64 28.11 25.86
N LEU D 311 -8.86 28.31 27.17
CA LEU D 311 -8.81 27.23 28.18
C LEU D 311 -9.94 26.23 27.93
N ARG D 312 -11.14 26.71 27.57
CA ARG D 312 -12.33 25.87 27.28
C ARG D 312 -12.04 24.97 26.06
N GLU D 313 -11.39 25.52 25.02
CA GLU D 313 -11.02 24.79 23.78
C GLU D 313 -10.01 23.69 24.11
N ILE D 314 -9.02 24.01 24.95
CA ILE D 314 -7.94 23.08 25.38
C ILE D 314 -8.58 21.89 26.12
N VAL D 315 -9.46 22.17 27.06
CA VAL D 315 -10.13 21.14 27.93
C VAL D 315 -10.97 20.23 27.03
N TYR D 316 -11.80 20.81 26.15
CA TYR D 316 -12.68 20.05 25.22
C TYR D 316 -11.80 19.26 24.23
N GLY D 317 -10.75 19.89 23.71
CA GLY D 317 -9.80 19.27 22.77
C GLY D 317 -9.07 18.07 23.37
N CYS D 318 -8.86 18.08 24.70
CA CYS D 318 -8.02 17.09 25.41
C CYS D 318 -8.89 15.94 25.94
N ILE D 319 -10.01 16.23 26.59
CA ILE D 319 -10.85 15.22 27.31
C ILE D 319 -12.33 15.33 26.95
N GLY D 320 -12.68 16.10 25.91
CA GLY D 320 -14.06 16.24 25.40
C GLY D 320 -15.05 16.75 26.43
N LEU D 321 -14.57 17.57 27.39
CA LEU D 321 -15.40 18.16 28.48
C LEU D 321 -15.86 19.56 28.03
N ASP D 322 -17.17 19.80 28.03
CA ASP D 322 -17.80 21.09 27.63
C ASP D 322 -18.10 21.91 28.89
N LEU D 323 -17.52 23.11 29.01
CA LEU D 323 -17.60 24.00 30.20
C LEU D 323 -18.41 25.25 29.85
N GLU D 324 -19.48 25.11 29.06
CA GLU D 324 -20.25 26.24 28.48
C GLU D 324 -21.10 26.91 29.58
N ASP D 325 -21.86 26.12 30.35
CA ASP D 325 -22.75 26.61 31.44
C ASP D 325 -22.41 25.86 32.73
N GLU D 326 -22.62 26.53 33.87
CA GLU D 326 -22.31 26.04 35.25
C GLU D 326 -23.05 24.72 35.53
N SER D 327 -24.28 24.59 35.04
CA SER D 327 -25.19 23.44 35.33
C SER D 327 -24.56 22.12 34.90
N LYS D 328 -23.86 22.10 33.75
CA LYS D 328 -23.35 20.85 33.10
C LYS D 328 -21.92 20.53 33.56
N ILE D 329 -21.31 21.40 34.39
CA ILE D 329 -19.95 21.15 34.98
C ILE D 329 -20.11 20.07 36.06
N HIS D 330 -20.99 20.29 37.03
CA HIS D 330 -21.32 19.34 38.13
C HIS D 330 -21.68 17.97 37.56
N GLU D 331 -22.31 17.93 36.38
CA GLU D 331 -22.76 16.67 35.72
C GLU D 331 -21.55 15.85 35.22
N GLN D 332 -20.60 16.49 34.54
CA GLN D 332 -19.50 15.82 33.79
C GLN D 332 -18.29 15.51 34.69
N VAL D 333 -18.26 16.04 35.92
CA VAL D 333 -17.13 15.87 36.88
C VAL D 333 -17.66 15.17 38.14
N GLU D 334 -17.26 13.91 38.36
CA GLU D 334 -17.83 13.01 39.40
C GLU D 334 -17.40 13.47 40.80
N ASP D 335 -16.19 14.04 40.93
CA ASP D 335 -15.64 14.53 42.22
C ASP D 335 -16.04 15.99 42.44
N PRO D 336 -16.96 16.27 43.39
CA PRO D 336 -17.43 17.64 43.63
C PRO D 336 -16.31 18.62 44.02
N VAL D 337 -15.26 18.14 44.68
CA VAL D 337 -14.08 18.95 45.08
C VAL D 337 -13.41 19.49 43.81
N VAL D 338 -13.26 18.63 42.79
CA VAL D 338 -12.64 18.99 41.48
C VAL D 338 -13.62 19.85 40.69
N ALA D 339 -14.91 19.53 40.76
CA ALA D 339 -16.00 20.29 40.10
C ALA D 339 -15.99 21.74 40.60
N GLN D 340 -15.86 21.93 41.91
CA GLN D 340 -15.82 23.26 42.58
C GLN D 340 -14.65 24.07 42.00
N VAL D 341 -13.50 23.44 41.78
CA VAL D 341 -12.27 24.10 41.25
C VAL D 341 -12.54 24.55 39.81
N LEU D 342 -13.19 23.71 39.00
CA LEU D 342 -13.52 24.03 37.59
C LEU D 342 -14.61 25.11 37.54
N GLU D 343 -15.60 25.06 38.44
CA GLU D 343 -16.63 26.12 38.58
C GLU D 343 -15.92 27.45 38.86
N ASN D 344 -15.02 27.47 39.85
CA ASN D 344 -14.26 28.68 40.27
C ASN D 344 -13.49 29.26 39.08
N MET D 345 -12.95 28.40 38.21
CA MET D 345 -12.05 28.83 37.10
C MET D 345 -12.88 29.40 35.94
N PHE D 346 -13.93 28.69 35.51
CA PHE D 346 -14.63 28.92 34.23
C PHE D 346 -15.92 29.75 34.42
N ILE D 347 -16.46 29.84 35.64
CA ILE D 347 -17.65 30.66 35.97
C ILE D 347 -17.19 31.94 36.68
N LYS D 348 -16.49 31.81 37.81
CA LYS D 348 -16.05 32.92 38.68
C LYS D 348 -14.74 33.52 38.15
N LYS D 349 -14.08 32.84 37.19
CA LYS D 349 -12.95 33.37 36.39
C LYS D 349 -11.68 33.49 37.25
N TYR D 350 -11.58 32.74 38.36
CA TYR D 350 -10.43 32.74 39.29
C TYR D 350 -9.22 32.04 38.63
N LYS D 351 -8.00 32.46 38.99
CA LYS D 351 -6.73 32.02 38.35
C LYS D 351 -5.92 31.11 39.28
N HIS D 352 -6.18 31.15 40.59
CA HIS D 352 -5.36 30.48 41.65
C HIS D 352 -6.19 29.39 42.34
N HIS D 353 -5.79 28.12 42.20
CA HIS D 353 -6.58 26.93 42.63
C HIS D 353 -5.74 26.00 43.51
N LEU D 354 -4.47 25.76 43.16
CA LEU D 354 -3.58 24.81 43.89
C LEU D 354 -2.43 25.59 44.52
N GLU D 355 -2.04 25.22 45.75
CA GLU D 355 -0.80 25.70 46.42
C GLU D 355 0.20 24.54 46.46
N SER D 356 1.33 24.67 45.75
CA SER D 356 2.32 23.59 45.53
C SER D 356 3.42 23.63 46.61
N GLY D 357 3.15 24.26 47.75
CA GLY D 357 4.11 24.37 48.87
C GLY D 357 4.41 23.02 49.47
N LEU D 358 3.40 22.14 49.52
CA LEU D 358 3.53 20.72 49.90
C LEU D 358 2.73 19.90 48.89
N VAL D 359 3.40 18.98 48.20
CA VAL D 359 2.78 18.11 47.15
C VAL D 359 3.35 16.70 47.32
N ILE D 360 2.47 15.71 47.39
CA ILE D 360 2.84 14.27 47.25
C ILE D 360 2.32 13.80 45.89
N LEU D 361 3.18 13.11 45.12
CA LEU D 361 2.86 12.58 43.77
C LEU D 361 3.52 11.21 43.61
N HIS D 362 2.73 10.16 43.44
CA HIS D 362 3.17 8.77 43.19
C HIS D 362 3.52 8.61 41.70
N LYS D 363 4.81 8.65 41.37
CA LYS D 363 5.32 8.62 39.96
C LYS D 363 4.90 7.32 39.26
N GLY D 364 4.73 6.23 40.01
CA GLY D 364 4.21 4.96 39.50
C GLY D 364 2.87 5.12 38.81
N LYS D 365 2.03 6.05 39.30
CA LYS D 365 0.64 6.26 38.83
C LYS D 365 0.49 7.61 38.12
N HIS D 366 1.48 8.52 38.20
CA HIS D 366 1.30 9.94 37.81
C HIS D 366 2.48 10.52 37.02
N LEU D 367 3.44 9.71 36.56
CA LEU D 367 4.63 10.22 35.82
C LEU D 367 4.16 10.88 34.52
N PHE D 368 3.30 10.21 33.74
CA PHE D 368 2.82 10.68 32.41
C PHE D 368 2.06 12.00 32.58
N SER D 369 1.28 12.15 33.67
CA SER D 369 0.57 13.39 34.06
C SER D 369 1.58 14.51 34.35
N MET D 370 2.61 14.17 35.12
CA MET D 370 3.70 15.10 35.55
C MET D 370 4.41 15.65 34.31
N LEU D 371 4.70 14.79 33.33
CA LEU D 371 5.42 15.15 32.08
C LEU D 371 4.53 16.06 31.23
N THR D 372 3.20 15.90 31.32
CA THR D 372 2.20 16.81 30.70
C THR D 372 2.26 18.17 31.41
N SER D 373 2.32 18.18 32.74
CA SER D 373 2.45 19.40 33.57
C SER D 373 3.66 20.21 33.08
N ILE D 374 4.78 19.54 32.83
CA ILE D 374 6.05 20.16 32.36
C ILE D 374 5.82 20.77 30.96
N ALA D 375 5.18 20.03 30.07
CA ALA D 375 4.82 20.50 28.70
C ALA D 375 4.00 21.80 28.81
N LEU D 376 2.98 21.80 29.67
CA LEU D 376 2.07 22.95 29.91
C LEU D 376 2.84 24.12 30.54
N GLN D 377 3.77 23.83 31.45
CA GLN D 377 4.61 24.84 32.14
C GLN D 377 5.36 25.70 31.11
N PHE D 378 5.77 25.10 30.00
CA PHE D 378 6.53 25.76 28.90
C PHE D 378 5.68 25.78 27.63
N SER D 379 4.38 26.05 27.78
CA SER D 379 3.38 26.13 26.68
C SER D 379 2.93 27.58 26.52
N PRO D 380 2.14 27.89 25.46
CA PRO D 380 1.52 29.21 25.32
C PRO D 380 0.70 29.71 26.51
N ILE D 381 0.16 28.82 27.35
CA ILE D 381 -0.69 29.19 28.52
C ILE D 381 0.15 29.28 29.80
N ALA D 382 1.48 29.26 29.69
CA ALA D 382 2.43 29.45 30.82
C ALA D 382 2.15 30.80 31.51
N GLU D 383 1.88 31.83 30.72
CA GLU D 383 1.70 33.24 31.18
C GLU D 383 0.36 33.43 31.90
N TYR D 384 -0.58 32.48 31.76
CA TYR D 384 -1.95 32.57 32.34
C TYR D 384 -1.90 32.34 33.86
N PHE D 385 -0.93 31.54 34.32
CA PHE D 385 -0.83 31.08 35.74
C PHE D 385 0.51 31.52 36.33
N HIS D 386 0.55 31.69 37.66
CA HIS D 386 1.73 32.10 38.44
C HIS D 386 2.55 30.86 38.82
N GLY D 387 3.75 30.73 38.23
CA GLY D 387 4.71 29.65 38.49
C GLY D 387 4.14 28.28 38.13
N ASP D 388 4.44 27.28 38.96
CA ASP D 388 4.23 25.83 38.71
C ASP D 388 2.86 25.36 39.23
N LYS D 389 2.40 25.94 40.32
CA LYS D 389 1.38 25.35 41.23
C LYS D 389 0.19 24.79 40.45
N ASP D 390 -0.39 25.57 39.52
CA ASP D 390 -1.70 25.24 38.91
C ASP D 390 -1.53 24.24 37.76
N PHE D 391 -0.29 24.03 37.28
CA PHE D 391 0.01 23.06 36.18
C PHE D 391 0.05 21.63 36.74
N PHE D 392 0.11 21.48 38.07
CA PHE D 392 0.03 20.16 38.76
C PHE D 392 -1.30 19.49 38.42
N TRP D 393 -2.41 20.18 38.66
CA TRP D 393 -3.79 19.65 38.48
C TRP D 393 -4.24 19.74 37.01
N LEU D 394 -3.79 20.76 36.28
CA LEU D 394 -4.10 20.91 34.82
C LEU D 394 -3.48 19.73 34.05
N GLY D 395 -2.26 19.34 34.41
CA GLY D 395 -1.58 18.15 33.85
C GLY D 395 -2.41 16.89 34.07
N GLU D 396 -2.95 16.72 35.28
CA GLU D 396 -3.80 15.56 35.66
C GLU D 396 -5.09 15.61 34.83
N LEU D 397 -5.75 16.78 34.78
CA LEU D 397 -7.06 16.98 34.11
C LEU D 397 -6.93 16.67 32.61
N LEU D 398 -5.96 17.28 31.93
CA LEU D 398 -5.81 17.23 30.46
C LEU D 398 -5.24 15.87 30.02
N SER D 399 -4.51 15.16 30.90
CA SER D 399 -3.96 13.81 30.66
C SER D 399 -5.04 12.74 30.92
N ASN D 400 -6.16 13.15 31.51
CA ASN D 400 -7.32 12.27 31.84
C ASN D 400 -6.87 11.23 32.89
N ASN D 401 -6.06 11.64 33.86
CA ASN D 401 -5.61 10.80 35.00
C ASN D 401 -6.45 11.15 36.23
N ARG D 402 -6.78 10.16 37.06
CA ARG D 402 -7.57 10.36 38.31
C ARG D 402 -6.76 11.24 39.27
N PHE D 403 -7.37 12.29 39.80
CA PHE D 403 -6.78 13.18 40.84
C PHE D 403 -7.90 13.81 41.67
N THR D 404 -7.55 14.41 42.81
CA THR D 404 -8.46 15.24 43.64
C THR D 404 -7.63 16.24 44.45
N PHE D 405 -8.30 17.11 45.20
CA PHE D 405 -7.69 18.04 46.18
C PHE D 405 -8.09 17.62 47.58
N HIS D 406 -7.27 17.98 48.57
CA HIS D 406 -7.70 18.02 49.99
C HIS D 406 -8.81 19.07 50.08
N PRO D 407 -10.03 18.70 50.54
CA PRO D 407 -11.20 19.56 50.39
C PRO D 407 -11.23 20.81 51.29
N VAL D 408 -10.34 20.91 52.29
CA VAL D 408 -10.32 22.04 53.27
C VAL D 408 -9.71 23.27 52.60
N ASP D 409 -10.43 24.40 52.68
CA ASP D 409 -10.00 25.72 52.13
C ASP D 409 -8.74 26.18 52.86
N ALA D 410 -7.84 26.86 52.14
CA ALA D 410 -6.64 27.52 52.68
C ALA D 410 -7.06 28.52 53.75
N SER D 411 -6.19 28.79 54.72
CA SER D 411 -6.48 29.60 55.92
C SER D 411 -5.33 30.56 56.21
N ASN D 412 -5.61 31.62 56.97
CA ASN D 412 -4.63 32.61 57.46
C ASN D 412 -4.26 32.24 58.91
N ILE D 413 -3.02 32.52 59.32
CA ILE D 413 -2.49 32.12 60.66
C ILE D 413 -1.63 33.26 61.22
N GLY D 414 -1.85 33.61 62.49
CA GLY D 414 -1.09 34.65 63.21
C GLY D 414 -1.80 35.10 64.48
N GLN D 415 -1.78 36.40 64.77
CA GLN D 415 -2.40 37.00 65.98
C GLN D 415 -3.85 37.35 65.66
N LEU D 416 -4.76 37.03 66.59
CA LEU D 416 -6.22 37.28 66.46
C LEU D 416 -6.50 38.69 66.98
N GLY D 417 -6.24 39.71 66.16
CA GLY D 417 -6.53 41.12 66.46
C GLY D 417 -8.03 41.34 66.61
N ASN D 418 -8.46 42.04 67.68
CA ASN D 418 -9.88 42.30 67.99
C ASN D 418 -10.35 43.43 67.08
N VAL D 419 -11.48 43.25 66.39
CA VAL D 419 -12.09 44.32 65.54
C VAL D 419 -13.27 44.91 66.33
N VAL D 420 -13.33 46.23 66.45
CA VAL D 420 -14.41 47.00 67.15
C VAL D 420 -15.71 46.89 66.32
N SER D 421 -16.78 46.38 66.96
CA SER D 421 -18.02 45.90 66.30
C SER D 421 -19.22 46.64 66.92
N LYS D 422 -19.94 47.40 66.10
CA LYS D 422 -21.18 48.14 66.51
C LYS D 422 -22.24 47.14 66.98
N GLU D 423 -22.29 45.94 66.36
CA GLU D 423 -23.13 44.79 66.79
C GLU D 423 -22.54 44.20 68.08
N SER D 424 -23.23 44.38 69.21
CA SER D 424 -22.87 43.87 70.55
C SER D 424 -22.99 42.34 70.56
N THR D 425 -22.31 41.67 71.51
CA THR D 425 -22.32 40.20 71.72
C THR D 425 -21.88 39.49 70.42
N GLY D 426 -21.02 40.13 69.63
CA GLY D 426 -20.34 39.51 68.47
C GLY D 426 -18.85 39.40 68.72
N GLU D 427 -18.24 38.25 68.44
CA GLU D 427 -16.77 38.01 68.57
C GLU D 427 -16.12 38.16 67.20
N PHE D 428 -15.38 39.25 66.98
CA PHE D 428 -14.90 39.72 65.65
C PHE D 428 -13.36 39.73 65.69
N TYR D 429 -12.72 38.86 64.91
CA TYR D 429 -11.24 38.74 64.83
C TYR D 429 -10.75 39.00 63.41
N GLN D 430 -9.48 39.39 63.29
CA GLN D 430 -8.77 39.64 62.01
C GLN D 430 -7.33 39.13 62.12
N ILE D 431 -6.85 38.40 61.11
CA ILE D 431 -5.42 38.03 60.93
C ILE D 431 -4.95 38.65 59.63
N CYS D 432 -3.82 39.38 59.66
CA CYS D 432 -3.13 39.93 58.48
C CYS D 432 -1.71 39.35 58.43
N SER D 433 -1.42 38.49 57.45
CA SER D 433 -0.11 37.81 57.33
C SER D 433 0.20 37.46 55.86
N VAL D 434 1.47 37.08 55.62
CA VAL D 434 1.98 36.50 54.35
C VAL D 434 1.85 34.97 54.44
N GLN D 435 1.63 34.43 55.65
CA GLN D 435 1.55 32.97 55.89
C GLN D 435 0.21 32.44 55.37
N LEU D 436 0.26 31.34 54.62
CA LEU D 436 -0.93 30.60 54.12
C LEU D 436 -0.92 29.21 54.77
N SER D 437 -1.86 28.96 55.68
CA SER D 437 -1.95 27.71 56.49
C SER D 437 -2.90 26.72 55.83
N HIS D 438 -2.76 25.43 56.15
CA HIS D 438 -3.61 24.31 55.68
C HIS D 438 -3.94 23.41 56.88
N THR D 439 -5.24 23.27 57.19
CA THR D 439 -5.76 22.48 58.33
C THR D 439 -6.39 21.20 57.81
N ASP D 440 -6.49 20.17 58.67
CA ASP D 440 -7.24 18.92 58.44
C ASP D 440 -8.72 19.21 58.74
N ARG D 441 -9.60 18.24 58.47
CA ARG D 441 -11.06 18.36 58.71
C ARG D 441 -11.33 18.62 60.20
N ASP D 442 -10.58 17.96 61.09
CA ASP D 442 -10.71 18.07 62.56
C ASP D 442 -10.27 19.47 63.04
N GLY D 443 -9.42 20.15 62.26
CA GLY D 443 -9.00 21.55 62.51
C GLY D 443 -7.56 21.65 62.98
N SER D 444 -6.80 20.55 62.96
CA SER D 444 -5.35 20.52 63.26
C SER D 444 -4.56 21.20 62.14
N LEU D 445 -3.52 21.96 62.49
CA LEU D 445 -2.59 22.61 61.53
C LEU D 445 -1.67 21.54 60.94
N LEU D 446 -1.68 21.38 59.61
CA LEU D 446 -0.83 20.42 58.88
C LEU D 446 0.48 21.10 58.47
N TRP D 447 0.39 22.25 57.80
CA TRP D 447 1.57 22.99 57.26
C TRP D 447 1.16 24.41 56.83
N LEU D 448 2.16 25.27 56.58
CA LEU D 448 1.99 26.60 55.94
C LEU D 448 3.14 26.89 54.98
N ASN D 449 2.93 27.81 54.04
CA ASN D 449 4.00 28.41 53.19
C ASN D 449 4.14 29.88 53.61
N GLY D 450 5.33 30.45 53.43
CA GLY D 450 5.63 31.87 53.67
C GLY D 450 6.63 32.07 54.79
N GLY D 451 7.23 30.99 55.31
CA GLY D 451 8.16 31.02 56.45
C GLY D 451 7.46 31.44 57.72
N LEU D 452 8.23 31.82 58.74
CA LEU D 452 7.71 32.20 60.09
C LEU D 452 8.25 33.57 60.51
N ASN D 453 8.67 34.39 59.54
CA ASN D 453 8.97 35.84 59.73
C ASN D 453 7.82 36.65 59.12
N ILE D 454 7.72 37.93 59.50
CA ILE D 454 6.58 38.84 59.14
C ILE D 454 6.50 38.96 57.62
N CYS D 455 7.63 39.16 56.93
CA CYS D 455 7.69 39.47 55.47
C CYS D 455 9.05 39.05 54.90
N LYS D 456 9.05 38.16 53.89
CA LYS D 456 10.30 37.64 53.26
C LYS D 456 10.75 38.56 52.13
N LYS D 457 9.86 39.45 51.65
CA LYS D 457 10.13 40.37 50.50
C LYS D 457 10.98 41.56 50.97
N THR D 458 11.87 42.04 50.08
CA THR D 458 12.79 43.17 50.32
C THR D 458 12.12 44.48 49.85
N SER D 459 11.01 44.86 50.51
CA SER D 459 10.07 45.93 50.06
C SER D 459 9.92 47.02 51.13
N TRP D 460 10.76 47.03 52.17
CA TRP D 460 10.63 47.94 53.34
C TRP D 460 10.77 49.41 52.90
N GLU D 461 11.57 49.67 51.85
CA GLU D 461 11.80 51.03 51.31
C GLU D 461 10.48 51.58 50.75
N TYR D 462 9.83 50.83 49.86
CA TYR D 462 8.52 51.20 49.23
C TYR D 462 7.43 51.22 50.30
N ASP D 463 7.34 50.14 51.09
CA ASP D 463 6.22 49.89 52.04
C ASP D 463 6.19 51.00 53.10
N TYR D 464 7.35 51.44 53.59
CA TYR D 464 7.47 52.49 54.63
C TYR D 464 6.90 53.82 54.12
N GLU D 465 7.16 54.14 52.84
CA GLU D 465 6.78 55.44 52.21
C GLU D 465 5.29 55.44 51.88
N HIS D 466 4.70 54.28 51.56
CA HIS D 466 3.39 54.14 50.90
C HIS D 466 2.30 53.56 51.83
N ARG D 467 2.69 52.92 52.95
CA ARG D 467 1.73 52.33 53.93
C ARG D 467 1.70 53.16 55.22
N GLN D 468 0.53 53.71 55.57
CA GLN D 468 0.34 54.58 56.77
C GLN D 468 0.78 53.82 58.03
N ARG D 469 0.17 52.66 58.30
CA ARG D 469 0.41 51.86 59.53
C ARG D 469 1.92 51.74 59.77
N LEU D 470 2.68 51.38 58.74
CA LEU D 470 4.14 51.16 58.82
C LEU D 470 4.86 52.50 58.94
N ASN D 471 4.42 53.50 58.18
CA ASN D 471 5.01 54.87 58.15
C ASN D 471 4.93 55.51 59.54
N ASP D 472 3.77 55.42 60.20
CA ASP D 472 3.52 55.97 61.55
C ASP D 472 4.30 55.15 62.59
N MET D 473 4.15 53.83 62.53
CA MET D 473 4.66 52.85 63.54
C MET D 473 6.19 52.93 63.66
N PHE D 474 6.91 53.21 62.57
CA PHE D 474 8.41 53.22 62.52
C PHE D 474 8.93 54.61 62.12
N GLN D 475 10.23 54.83 62.38
CA GLN D 475 10.91 56.14 62.19
C GLN D 475 11.68 56.17 60.88
N ASN D 476 12.28 55.04 60.47
CA ASN D 476 12.94 54.87 59.13
C ASN D 476 12.40 53.60 58.48
N ALA D 477 12.76 53.39 57.21
CA ALA D 477 12.52 52.15 56.44
C ALA D 477 13.36 51.00 57.03
N ASP D 478 14.49 51.33 57.67
CA ASP D 478 15.41 50.33 58.26
C ASP D 478 14.74 49.65 59.47
N GLU D 479 13.96 50.40 60.25
CA GLU D 479 13.17 49.85 61.39
C GLU D 479 12.12 48.87 60.85
N LEU D 480 11.49 49.19 59.71
CA LEU D 480 10.49 48.31 59.05
C LEU D 480 11.18 47.03 58.55
N ARG D 481 12.40 47.14 58.04
CA ARG D 481 13.23 45.97 57.58
C ARG D 481 13.37 44.98 58.75
N GLU D 482 13.66 45.48 59.95
CA GLU D 482 13.86 44.66 61.18
C GLU D 482 12.53 44.02 61.60
N TYR D 483 11.41 44.75 61.49
CA TYR D 483 10.04 44.25 61.79
C TYR D 483 9.71 43.10 60.83
N TYR D 484 10.01 43.29 59.55
CA TYR D 484 9.78 42.29 58.46
C TYR D 484 10.59 41.01 58.75
N ALA D 485 11.81 41.15 59.29
CA ALA D 485 12.71 40.01 59.63
C ALA D 485 12.32 39.37 60.97
N SER D 486 11.54 40.07 61.81
CA SER D 486 11.15 39.61 63.18
C SER D 486 10.25 38.39 63.08
N PRO D 487 10.24 37.50 64.09
CA PRO D 487 9.38 36.32 64.10
C PRO D 487 7.88 36.63 64.19
N VAL D 488 7.07 35.77 63.57
CA VAL D 488 5.57 35.81 63.62
C VAL D 488 5.13 35.11 64.92
N LYS D 489 3.89 35.35 65.36
CA LYS D 489 3.29 34.75 66.58
C LYS D 489 1.99 34.01 66.22
N LEU D 490 2.02 32.68 66.25
CA LEU D 490 0.90 31.78 65.83
C LEU D 490 -0.04 31.55 67.01
N GLU D 491 -1.15 32.30 67.06
CA GLU D 491 -2.13 32.30 68.19
C GLU D 491 -3.47 31.71 67.73
N GLY D 492 -3.80 31.80 66.44
CA GLY D 492 -5.07 31.27 65.89
C GLY D 492 -5.05 31.14 64.37
N ILE D 493 -6.10 30.53 63.82
CA ILE D 493 -6.31 30.32 62.36
C ILE D 493 -7.72 30.80 62.00
N ILE D 494 -7.86 31.53 60.89
CA ILE D 494 -9.19 31.90 60.31
C ILE D 494 -9.29 31.26 58.93
N ILE D 495 -10.35 30.48 58.69
CA ILE D 495 -10.74 29.96 57.35
C ILE D 495 -11.81 30.89 56.81
N PRO D 496 -11.46 31.88 55.97
CA PRO D 496 -12.42 32.89 55.55
C PRO D 496 -13.56 32.27 54.73
N ASP D 497 -14.77 32.86 54.82
CA ASP D 497 -15.92 32.57 53.94
C ASP D 497 -15.85 33.56 52.77
N THR D 498 -15.35 33.10 51.62
CA THR D 498 -14.98 33.93 50.45
C THR D 498 -16.23 34.55 49.81
N SER D 499 -17.39 33.95 50.03
CA SER D 499 -18.72 34.43 49.52
C SER D 499 -19.16 35.70 50.26
N ILE D 500 -18.70 35.91 51.50
CA ILE D 500 -19.12 37.05 52.38
C ILE D 500 -17.93 37.98 52.62
N SER D 501 -16.90 37.51 53.34
CA SER D 501 -15.64 38.25 53.62
C SER D 501 -14.44 37.32 53.34
N GLY D 502 -13.82 37.49 52.17
CA GLY D 502 -12.71 36.63 51.68
C GLY D 502 -11.36 37.20 52.02
N TRP D 503 -10.36 36.93 51.17
CA TRP D 503 -8.97 37.41 51.31
C TRP D 503 -8.90 38.85 50.81
N ILE D 504 -8.43 39.78 51.65
CA ILE D 504 -8.30 41.23 51.34
C ILE D 504 -6.82 41.61 51.48
N ASN D 505 -6.23 42.12 50.41
CA ASN D 505 -4.83 42.57 50.38
C ASN D 505 -4.66 43.78 51.30
N SER D 506 -3.77 43.71 52.29
CA SER D 506 -3.44 44.82 53.21
C SER D 506 -2.52 45.83 52.52
N GLY D 507 -1.80 45.40 51.48
CA GLY D 507 -0.79 46.21 50.78
C GLY D 507 0.59 46.07 51.39
N GLU D 508 0.68 45.47 52.58
CA GLU D 508 1.94 45.28 53.34
C GLU D 508 2.71 44.11 52.71
N CYS D 509 4.03 44.08 52.90
CA CYS D 509 4.95 43.09 52.29
C CYS D 509 4.76 43.09 50.76
N PHE D 510 4.68 44.28 50.16
CA PHE D 510 4.64 44.50 48.68
C PHE D 510 3.40 43.82 48.11
N LEU D 511 2.26 43.98 48.79
CA LEU D 511 0.93 43.44 48.39
C LEU D 511 0.92 41.90 48.47
N PHE D 512 1.70 41.31 49.40
CA PHE D 512 1.75 39.85 49.66
C PHE D 512 1.10 39.54 51.02
N ASN D 513 0.87 40.56 51.85
CA ASN D 513 0.13 40.45 53.14
C ASN D 513 -1.38 40.50 52.83
N TYR D 514 -2.12 39.53 53.38
CA TYR D 514 -3.59 39.37 53.20
C TYR D 514 -4.26 39.36 54.57
N CYS D 515 -5.44 39.97 54.68
CA CYS D 515 -6.27 40.03 55.91
C CYS D 515 -7.51 39.14 55.73
N THR D 516 -7.80 38.31 56.74
CA THR D 516 -9.00 37.43 56.83
C THR D 516 -9.80 37.80 58.07
N LEU D 517 -11.12 37.96 57.92
CA LEU D 517 -12.05 38.37 59.01
C LEU D 517 -12.93 37.19 59.42
N PHE D 518 -13.15 37.03 60.72
CA PHE D 518 -14.10 36.07 61.34
C PHE D 518 -15.04 36.81 62.28
N LYS D 519 -16.34 36.61 62.11
CA LYS D 519 -17.41 37.15 63.00
C LYS D 519 -18.35 36.00 63.38
N GLU D 520 -18.58 35.81 64.69
CA GLU D 520 -19.35 34.68 65.27
C GLU D 520 -20.76 34.66 64.67
N GLY D 521 -21.16 33.52 64.10
CA GLY D 521 -22.50 33.27 63.55
C GLY D 521 -22.80 34.06 62.30
N GLU D 522 -21.83 34.79 61.76
CA GLU D 522 -21.99 35.68 60.57
C GLU D 522 -21.22 35.09 59.39
N PHE D 523 -19.89 34.96 59.50
CA PHE D 523 -19.01 34.45 58.41
C PHE D 523 -17.68 33.93 58.98
N GLY D 524 -17.18 32.84 58.36
CA GLY D 524 -15.83 32.29 58.60
C GLY D 524 -15.82 31.23 59.69
N LYS D 525 -14.70 30.52 59.84
CA LYS D 525 -14.45 29.55 60.94
C LYS D 525 -13.17 29.96 61.67
N LEU D 526 -13.23 30.00 63.01
CA LEU D 526 -12.07 30.32 63.89
C LEU D 526 -11.50 29.02 64.46
N ILE D 527 -10.18 28.99 64.68
CA ILE D 527 -9.46 27.90 65.38
C ILE D 527 -8.44 28.56 66.32
N LYS D 528 -8.77 28.68 67.60
CA LYS D 528 -7.90 29.24 68.67
C LYS D 528 -7.04 28.10 69.22
N PHE D 529 -5.71 28.25 69.17
CA PHE D 529 -4.74 27.24 69.68
C PHE D 529 -4.82 27.23 71.21
N LYS D 530 -4.76 26.03 71.82
CA LYS D 530 -4.67 25.84 73.29
C LYS D 530 -3.23 26.15 73.72
N GLU D 531 -3.02 26.41 75.02
CA GLU D 531 -1.71 26.85 75.58
C GLU D 531 -0.64 25.79 75.28
N ASP D 532 -1.01 24.51 75.27
CA ASP D 532 -0.11 23.37 74.92
C ASP D 532 0.36 23.51 73.47
N GLU D 533 -0.59 23.77 72.56
CA GLU D 533 -0.33 23.93 71.10
C GLU D 533 0.48 25.22 70.86
N LYS D 534 0.02 26.35 71.38
CA LYS D 534 0.68 27.69 71.31
C LYS D 534 2.15 27.54 71.70
N LEU D 535 2.45 26.74 72.72
CA LEU D 535 3.81 26.49 73.26
C LEU D 535 4.63 25.71 72.21
N ARG D 536 4.08 24.63 71.65
CA ARG D 536 4.76 23.81 70.60
C ARG D 536 5.06 24.70 69.39
N LEU D 537 4.06 25.44 68.91
CA LEU D 537 4.18 26.35 67.73
C LEU D 537 5.24 27.42 68.02
N SER D 538 5.18 28.06 69.19
CA SER D 538 6.14 29.11 69.64
C SER D 538 7.56 28.53 69.64
N GLN D 539 7.73 27.25 69.97
CA GLN D 539 9.03 26.54 69.97
C GLN D 539 9.50 26.36 68.52
N ILE D 540 8.58 26.06 67.61
CA ILE D 540 8.85 25.83 66.15
C ILE D 540 9.25 27.16 65.49
N VAL D 541 8.53 28.25 65.77
CA VAL D 541 8.85 29.61 65.24
C VAL D 541 10.22 30.04 65.77
N ASP D 542 10.52 29.70 67.03
CA ASP D 542 11.80 30.06 67.72
C ASP D 542 12.97 29.38 66.99
N ILE D 543 12.88 28.06 66.76
CA ILE D 543 13.96 27.24 66.11
C ILE D 543 14.10 27.65 64.63
N TRP D 544 13.00 28.05 63.99
CA TRP D 544 12.98 28.51 62.57
C TRP D 544 13.72 29.84 62.45
N ASN D 545 13.49 30.78 63.37
CA ASN D 545 13.96 32.20 63.29
C ASN D 545 15.36 32.36 63.91
N LYS D 546 16.01 31.27 64.33
CA LYS D 546 17.37 31.28 64.94
C LYS D 546 18.38 31.73 63.88
N ASP D 547 19.33 32.59 64.26
CA ASP D 547 20.33 33.21 63.35
C ASP D 547 21.06 32.11 62.58
N ILE D 548 21.23 32.30 61.26
CA ILE D 548 21.86 31.33 60.30
C ILE D 548 21.36 29.92 60.60
#